data_1M7L
#
_entry.id   1M7L
#
_entity_poly.entity_id   1
_entity_poly.type   'polypeptide(L)'
_entity_poly.pdbx_seq_one_letter_code
;GLPDVASLRQQVEALQGQVQHLQAAFSQYKKVELFPNGGI
;
_entity_poly.pdbx_strand_id   A,B,C
#
# COMPACT_ATOMS: atom_id res chain seq x y z
N GLY A 1 -24.48 -13.86 -3.13
CA GLY A 1 -25.20 -14.52 -2.01
C GLY A 1 -24.59 -14.16 -0.67
N LEU A 2 -25.16 -14.72 0.40
CA LEU A 2 -24.67 -14.48 1.76
C LEU A 2 -23.19 -14.88 1.89
N PRO A 3 -22.83 -16.16 1.62
CA PRO A 3 -21.46 -16.64 1.73
C PRO A 3 -20.45 -15.67 1.12
N ASP A 4 -20.76 -15.21 -0.09
CA ASP A 4 -19.90 -14.27 -0.83
C ASP A 4 -19.73 -12.96 -0.09
N VAL A 5 -20.77 -12.56 0.65
CA VAL A 5 -20.71 -11.34 1.44
C VAL A 5 -19.54 -11.46 2.42
N ALA A 6 -19.55 -12.51 3.22
CA ALA A 6 -18.48 -12.77 4.18
C ALA A 6 -17.17 -13.12 3.46
N SER A 7 -17.27 -13.61 2.23
CA SER A 7 -16.09 -13.95 1.44
C SER A 7 -15.38 -12.69 0.98
N LEU A 8 -16.09 -11.59 0.94
CA LEU A 8 -15.49 -10.33 0.56
C LEU A 8 -14.68 -9.81 1.74
N ARG A 9 -14.98 -10.35 2.92
CA ARG A 9 -14.29 -9.98 4.14
C ARG A 9 -12.90 -10.60 4.14
N GLN A 10 -12.80 -11.85 3.67
CA GLN A 10 -11.51 -12.51 3.59
C GLN A 10 -10.69 -11.89 2.46
N GLN A 11 -11.39 -11.41 1.44
CA GLN A 11 -10.73 -10.75 0.31
C GLN A 11 -10.18 -9.41 0.80
N VAL A 12 -10.85 -8.87 1.80
CA VAL A 12 -10.48 -7.62 2.43
C VAL A 12 -9.25 -7.84 3.31
N GLU A 13 -9.16 -9.04 3.89
CA GLU A 13 -8.01 -9.42 4.71
C GLU A 13 -6.82 -9.63 3.79
N ALA A 14 -7.12 -9.97 2.55
CA ALA A 14 -6.12 -10.17 1.52
C ALA A 14 -5.52 -8.82 1.14
N LEU A 15 -6.40 -7.84 1.05
CA LEU A 15 -6.01 -6.48 0.70
C LEU A 15 -5.09 -5.91 1.78
N GLN A 16 -5.38 -6.23 3.03
CA GLN A 16 -4.54 -5.74 4.12
C GLN A 16 -3.25 -6.56 4.19
N GLY A 17 -3.30 -7.76 3.62
CA GLY A 17 -2.12 -8.59 3.57
C GLY A 17 -1.11 -8.03 2.59
N GLN A 18 -1.64 -7.41 1.53
CA GLN A 18 -0.81 -6.79 0.51
C GLN A 18 -0.15 -5.53 1.06
N VAL A 19 -0.92 -4.72 1.76
CA VAL A 19 -0.38 -3.49 2.29
C VAL A 19 0.61 -3.75 3.43
N GLN A 20 0.39 -4.82 4.19
CA GLN A 20 1.28 -5.13 5.29
C GLN A 20 2.64 -5.63 4.79
N HIS A 21 2.64 -6.45 3.72
CA HIS A 21 3.91 -6.94 3.22
C HIS A 21 4.57 -5.89 2.35
N LEU A 22 3.80 -4.91 1.92
CA LEU A 22 4.35 -3.84 1.14
C LEU A 22 5.04 -2.86 2.07
N GLN A 23 4.53 -2.79 3.30
CA GLN A 23 5.13 -1.94 4.31
C GLN A 23 6.37 -2.69 4.81
N ALA A 24 6.28 -4.01 4.72
CA ALA A 24 7.37 -4.91 5.09
C ALA A 24 8.59 -4.61 4.25
N ALA A 25 8.41 -4.77 2.94
CA ALA A 25 9.47 -4.51 1.99
C ALA A 25 9.88 -3.06 2.08
N PHE A 26 8.88 -2.20 2.22
CA PHE A 26 9.08 -0.76 2.32
C PHE A 26 10.01 -0.39 3.46
N SER A 27 10.06 -1.22 4.51
CA SER A 27 10.93 -0.92 5.65
C SER A 27 12.40 -0.85 5.22
N GLN A 28 12.74 -1.62 4.21
CA GLN A 28 14.09 -1.63 3.67
C GLN A 28 14.29 -0.39 2.80
N TYR A 29 13.34 -0.17 1.91
CA TYR A 29 13.36 0.97 0.99
C TYR A 29 13.13 2.29 1.72
N LYS A 30 12.63 2.17 2.94
CA LYS A 30 12.33 3.31 3.81
C LYS A 30 13.61 4.02 4.20
N LYS A 31 14.65 3.25 4.48
CA LYS A 31 15.94 3.80 4.84
C LYS A 31 16.86 3.84 3.62
N VAL A 32 16.25 4.03 2.46
CA VAL A 32 16.98 4.10 1.21
C VAL A 32 17.27 5.56 0.85
N GLU A 33 16.33 6.46 1.15
CA GLU A 33 16.57 7.87 0.88
C GLU A 33 16.95 8.59 2.14
N LEU A 34 18.22 8.85 2.22
CA LEU A 34 18.86 9.52 3.32
C LEU A 34 20.32 9.79 2.96
N PHE A 35 20.85 8.95 2.08
CA PHE A 35 22.21 9.09 1.57
C PHE A 35 22.26 8.93 0.04
N PRO A 36 21.31 9.56 -0.73
CA PRO A 36 21.28 9.44 -2.20
C PRO A 36 22.48 10.09 -2.88
N ASN A 37 22.48 10.02 -4.20
CA ASN A 37 23.56 10.60 -4.99
C ASN A 37 23.34 12.09 -5.19
N GLY A 38 24.39 12.79 -5.56
CA GLY A 38 24.29 14.21 -5.78
C GLY A 38 25.60 14.81 -6.22
N GLY A 39 25.54 16.03 -6.74
CA GLY A 39 26.74 16.70 -7.20
C GLY A 39 27.01 16.42 -8.66
N ILE A 40 28.26 16.56 -9.07
CA ILE A 40 28.67 16.31 -10.44
C ILE A 40 29.93 15.47 -10.49
N GLY B 1 -27.75 4.52 2.94
CA GLY B 1 -28.81 3.66 2.34
C GLY B 1 -28.22 2.42 1.70
N LEU B 2 -29.08 1.58 1.10
CA LEU B 2 -28.64 0.35 0.45
C LEU B 2 -27.60 0.64 -0.64
N PRO B 3 -27.93 1.47 -1.67
CA PRO B 3 -27.00 1.78 -2.76
C PRO B 3 -25.60 2.12 -2.26
N ASP B 4 -25.53 2.95 -1.22
CA ASP B 4 -24.26 3.37 -0.63
C ASP B 4 -23.51 2.20 -0.03
N VAL B 5 -24.24 1.20 0.44
CA VAL B 5 -23.64 0.00 0.99
C VAL B 5 -22.77 -0.63 -0.10
N ALA B 6 -23.40 -0.92 -1.24
CA ALA B 6 -22.68 -1.49 -2.37
C ALA B 6 -21.68 -0.49 -2.96
N SER B 7 -21.92 0.80 -2.75
CA SER B 7 -21.02 1.83 -3.25
C SER B 7 -19.72 1.84 -2.45
N LEU B 8 -19.77 1.30 -1.24
CA LEU B 8 -18.57 1.22 -0.43
C LEU B 8 -17.71 0.08 -0.94
N ARG B 9 -18.34 -0.79 -1.71
CA ARG B 9 -17.67 -1.93 -2.31
C ARG B 9 -16.79 -1.45 -3.47
N GLN B 10 -17.30 -0.49 -4.24
CA GLN B 10 -16.54 0.07 -5.34
C GLN B 10 -15.43 0.95 -4.78
N GLN B 11 -15.69 1.56 -3.61
CA GLN B 11 -14.70 2.40 -2.95
C GLN B 11 -13.59 1.49 -2.43
N VAL B 12 -13.97 0.26 -2.15
CA VAL B 12 -13.06 -0.75 -1.66
C VAL B 12 -12.20 -1.25 -2.82
N GLU B 13 -12.78 -1.27 -4.03
CA GLU B 13 -12.04 -1.66 -5.22
C GLU B 13 -11.05 -0.56 -5.56
N ALA B 14 -11.39 0.65 -5.13
CA ALA B 14 -10.56 1.82 -5.31
C ALA B 14 -9.33 1.70 -4.43
N LEU B 15 -9.57 1.24 -3.21
CA LEU B 15 -8.52 1.06 -2.22
C LEU B 15 -7.52 0.03 -2.71
N GLN B 16 -8.03 -1.03 -3.35
CA GLN B 16 -7.15 -2.06 -3.88
C GLN B 16 -6.47 -1.58 -5.15
N GLY B 17 -7.06 -0.58 -5.79
CA GLY B 17 -6.47 -0.01 -6.98
C GLY B 17 -5.25 0.80 -6.61
N GLN B 18 -5.31 1.42 -5.43
CA GLN B 18 -4.20 2.21 -4.93
C GLN B 18 -3.04 1.31 -4.54
N VAL B 19 -3.33 0.23 -3.86
CA VAL B 19 -2.28 -0.68 -3.44
C VAL B 19 -1.66 -1.42 -4.61
N GLN B 20 -2.45 -1.71 -5.63
CA GLN B 20 -1.93 -2.42 -6.79
C GLN B 20 -1.00 -1.54 -7.62
N HIS B 21 -1.33 -0.25 -7.78
CA HIS B 21 -0.46 0.62 -8.55
C HIS B 21 0.71 1.07 -7.71
N LEU B 22 0.60 0.93 -6.40
CA LEU B 22 1.70 1.28 -5.54
C LEU B 22 2.70 0.16 -5.54
N GLN B 23 2.19 -1.06 -5.76
CA GLN B 23 3.06 -2.22 -5.87
C GLN B 23 3.70 -2.15 -7.25
N ALA B 24 2.95 -1.53 -8.17
CA ALA B 24 3.40 -1.32 -9.54
C ALA B 24 4.65 -0.48 -9.54
N ALA B 25 4.52 0.74 -9.02
CA ALA B 25 5.63 1.65 -8.92
C ALA B 25 6.73 1.03 -8.06
N PHE B 26 6.31 0.38 -6.98
CA PHE B 26 7.20 -0.27 -6.04
C PHE B 26 8.11 -1.30 -6.72
N SER B 27 7.65 -1.91 -7.82
CA SER B 27 8.45 -2.89 -8.53
C SER B 27 9.78 -2.29 -8.98
N GLN B 28 9.75 -1.01 -9.33
CA GLN B 28 10.95 -0.31 -9.74
C GLN B 28 11.82 0.01 -8.52
N TYR B 29 11.18 0.55 -7.50
CA TYR B 29 11.85 0.92 -6.25
C TYR B 29 12.28 -0.32 -5.46
N LYS B 30 11.69 -1.44 -5.83
CA LYS B 30 11.96 -2.74 -5.20
C LYS B 30 13.39 -3.18 -5.47
N LYS B 31 13.86 -2.94 -6.69
CA LYS B 31 15.21 -3.29 -7.05
C LYS B 31 16.11 -2.07 -6.95
N VAL B 32 15.77 -1.20 -6.01
CA VAL B 32 16.54 0.02 -5.77
C VAL B 32 17.56 -0.21 -4.66
N GLU B 33 17.19 -1.00 -3.65
CA GLU B 33 18.14 -1.29 -2.59
C GLU B 33 18.74 -2.66 -2.75
N LEU B 34 19.94 -2.62 -3.24
CA LEU B 34 20.76 -3.79 -3.50
C LEU B 34 22.17 -3.34 -3.86
N PHE B 35 22.25 -2.12 -4.40
CA PHE B 35 23.53 -1.50 -4.74
C PHE B 35 23.62 -0.05 -4.20
N PRO B 36 23.19 0.22 -2.94
CA PRO B 36 23.22 1.58 -2.37
C PRO B 36 24.63 2.12 -2.18
N ASN B 37 24.70 3.34 -1.65
CA ASN B 37 25.98 3.99 -1.41
C ASN B 37 26.56 3.52 -0.09
N GLY B 38 27.85 3.74 0.08
CA GLY B 38 28.50 3.32 1.31
C GLY B 38 29.96 3.70 1.32
N GLY B 39 30.58 3.63 2.49
CA GLY B 39 31.99 3.98 2.60
C GLY B 39 32.19 5.44 2.90
N ILE B 40 33.36 5.96 2.56
CA ILE B 40 33.69 7.36 2.78
C ILE B 40 34.35 7.97 1.54
N GLY C 1 -21.70 -9.15 15.69
CA GLY C 1 -22.99 -8.43 15.83
C GLY C 1 -23.06 -7.25 14.88
N LEU C 2 -24.16 -6.49 14.96
CA LEU C 2 -24.36 -5.31 14.12
C LEU C 2 -23.25 -4.28 14.30
N PRO C 3 -23.00 -3.78 15.55
CA PRO C 3 -21.96 -2.81 15.81
C PRO C 3 -20.63 -3.15 15.15
N ASP C 4 -20.25 -4.42 15.27
CA ASP C 4 -19.00 -4.93 14.69
C ASP C 4 -19.00 -4.80 13.17
N VAL C 5 -20.17 -4.96 12.58
CA VAL C 5 -20.30 -4.83 11.13
C VAL C 5 -19.80 -3.45 10.72
N ALA C 6 -20.38 -2.41 11.32
CA ALA C 6 -19.97 -1.03 11.04
C ALA C 6 -18.56 -0.76 11.56
N SER C 7 -18.13 -1.53 12.55
CA SER C 7 -16.79 -1.37 13.11
C SER C 7 -15.74 -1.88 12.12
N LEU C 8 -16.16 -2.74 11.21
CA LEU C 8 -15.26 -3.24 10.20
C LEU C 8 -15.04 -2.16 9.16
N ARG C 9 -15.94 -1.20 9.13
CA ARG C 9 -15.87 -0.07 8.21
C ARG C 9 -14.82 0.91 8.69
N GLN C 10 -14.71 1.09 10.00
CA GLN C 10 -13.70 1.98 10.54
C GLN C 10 -12.35 1.29 10.40
N GLN C 11 -12.37 -0.03 10.45
CA GLN C 11 -11.16 -0.82 10.27
C GLN C 11 -10.72 -0.70 8.81
N VAL C 12 -11.69 -0.53 7.89
CA VAL C 12 -11.34 -0.38 6.49
C VAL C 12 -10.79 1.02 6.25
N GLU C 13 -11.22 1.98 7.06
CA GLU C 13 -10.72 3.34 6.98
C GLU C 13 -9.28 3.35 7.47
N ALA C 14 -9.00 2.40 8.36
CA ALA C 14 -7.66 2.22 8.90
C ALA C 14 -6.75 1.69 7.83
N LEU C 15 -7.29 0.75 7.05
CA LEU C 15 -6.56 0.12 5.97
C LEU C 15 -6.20 1.15 4.90
N GLN C 16 -7.11 2.09 4.66
CA GLN C 16 -6.85 3.13 3.68
C GLN C 16 -5.92 4.18 4.28
N GLY C 17 -5.88 4.24 5.60
CA GLY C 17 -4.98 5.15 6.27
C GLY C 17 -3.55 4.68 6.11
N GLN C 18 -3.38 3.37 6.09
CA GLN C 18 -2.07 2.77 5.91
C GLN C 18 -1.57 3.00 4.50
N VAL C 19 -2.43 2.80 3.52
CA VAL C 19 -2.04 2.97 2.14
C VAL C 19 -1.79 4.44 1.79
N GLN C 20 -2.52 5.34 2.43
CA GLN C 20 -2.35 6.76 2.15
C GLN C 20 -1.04 7.27 2.73
N HIS C 21 -0.66 6.82 3.92
CA HIS C 21 0.60 7.28 4.49
C HIS C 21 1.76 6.53 3.87
N LEU C 22 1.47 5.41 3.24
CA LEU C 22 2.51 4.65 2.57
C LEU C 22 2.81 5.30 1.24
N GLN C 23 1.78 5.93 0.67
CA GLN C 23 1.94 6.67 -0.57
C GLN C 23 2.64 7.98 -0.21
N ALA C 24 2.38 8.42 1.03
CA ALA C 24 2.99 9.63 1.57
C ALA C 24 4.50 9.48 1.58
N ALA C 25 4.95 8.49 2.33
CA ALA C 25 6.37 8.20 2.42
C ALA C 25 6.92 7.88 1.04
N PHE C 26 6.15 7.13 0.28
CA PHE C 26 6.50 6.73 -1.08
C PHE C 26 6.83 7.92 -1.95
N SER C 27 6.18 9.06 -1.71
CA SER C 27 6.42 10.25 -2.51
C SER C 27 7.90 10.62 -2.51
N GLN C 28 8.56 10.37 -1.39
CA GLN C 28 9.99 10.64 -1.27
C GLN C 28 10.78 9.57 -2.01
N TYR C 29 10.44 8.32 -1.74
CA TYR C 29 11.10 7.16 -2.36
C TYR C 29 10.77 7.04 -3.84
N LYS C 30 9.72 7.73 -4.23
CA LYS C 30 9.22 7.74 -5.60
C LYS C 30 10.20 8.46 -6.53
N LYS C 31 10.86 9.49 -6.00
CA LYS C 31 11.85 10.21 -6.79
C LYS C 31 13.25 9.77 -6.37
N VAL C 32 13.34 8.51 -5.95
CA VAL C 32 14.60 7.91 -5.54
C VAL C 32 15.27 7.20 -6.72
N GLU C 33 14.47 6.55 -7.57
CA GLU C 33 15.04 5.88 -8.72
C GLU C 33 14.86 6.71 -9.96
N LEU C 34 15.95 7.32 -10.31
CA LEU C 34 16.07 8.20 -11.46
C LEU C 34 17.54 8.55 -11.67
N PHE C 35 18.28 8.54 -10.57
CA PHE C 35 19.73 8.79 -10.60
C PHE C 35 20.49 7.71 -9.79
N PRO C 36 20.16 6.40 -9.94
CA PRO C 36 20.82 5.33 -9.19
C PRO C 36 22.29 5.15 -9.56
N ASN C 37 22.93 4.20 -8.90
CA ASN C 37 24.33 3.91 -9.15
C ASN C 37 24.48 3.05 -10.39
N GLY C 38 25.70 2.99 -10.92
CA GLY C 38 25.94 2.19 -12.11
C GLY C 38 27.38 2.27 -12.54
N GLY C 39 27.79 1.36 -13.41
CA GLY C 39 29.16 1.35 -13.89
C GLY C 39 30.06 0.51 -13.00
N ILE C 40 31.36 0.75 -13.11
CA ILE C 40 32.33 0.02 -12.32
C ILE C 40 33.30 0.99 -11.65
N GLY A 1 -27.17 -10.51 3.08
CA GLY A 1 -27.31 -10.87 4.51
C GLY A 1 -25.98 -10.93 5.21
N LEU A 2 -25.90 -11.66 6.31
CA LEU A 2 -24.66 -11.80 7.08
C LEU A 2 -23.55 -12.40 6.21
N PRO A 3 -23.77 -13.61 5.62
CA PRO A 3 -22.78 -14.28 4.78
C PRO A 3 -22.05 -13.33 3.83
N ASP A 4 -22.83 -12.51 3.12
CA ASP A 4 -22.30 -11.54 2.15
C ASP A 4 -21.32 -10.58 2.83
N VAL A 5 -21.71 -10.10 4.00
CA VAL A 5 -20.89 -9.18 4.77
C VAL A 5 -19.56 -9.83 5.16
N ALA A 6 -19.63 -11.03 5.73
CA ALA A 6 -18.43 -11.76 6.14
C ALA A 6 -17.60 -12.16 4.93
N SER A 7 -18.25 -12.35 3.79
CA SER A 7 -17.54 -12.71 2.57
C SER A 7 -16.66 -11.56 2.11
N LEU A 8 -17.06 -10.34 2.44
CA LEU A 8 -16.27 -9.19 2.08
C LEU A 8 -15.04 -9.07 2.97
N ARG A 9 -15.09 -9.68 4.14
CA ARG A 9 -13.96 -9.67 5.06
C ARG A 9 -12.80 -10.43 4.45
N GLN A 10 -13.10 -11.29 3.49
CA GLN A 10 -12.07 -12.07 2.83
C GLN A 10 -11.28 -11.17 1.90
N GLN A 11 -12.00 -10.32 1.18
CA GLN A 11 -11.38 -9.38 0.26
C GLN A 11 -10.64 -8.28 1.03
N VAL A 12 -11.11 -7.96 2.23
CA VAL A 12 -10.48 -6.91 3.02
C VAL A 12 -9.17 -7.40 3.66
N GLU A 13 -9.17 -8.64 4.17
CA GLU A 13 -7.97 -9.20 4.77
C GLU A 13 -6.97 -9.51 3.66
N ALA A 14 -7.51 -9.72 2.46
CA ALA A 14 -6.72 -9.98 1.28
C ALA A 14 -5.91 -8.74 0.92
N LEU A 15 -6.65 -7.64 0.76
CA LEU A 15 -6.08 -6.34 0.43
C LEU A 15 -5.07 -5.92 1.49
N GLN A 16 -5.36 -6.29 2.73
CA GLN A 16 -4.49 -5.98 3.85
C GLN A 16 -3.18 -6.74 3.73
N GLY A 17 -3.26 -7.98 3.27
CA GLY A 17 -2.06 -8.78 3.11
C GLY A 17 -1.10 -8.16 2.11
N GLN A 18 -1.65 -7.46 1.14
CA GLN A 18 -0.86 -6.81 0.12
C GLN A 18 -0.16 -5.58 0.68
N VAL A 19 -0.91 -4.72 1.34
CA VAL A 19 -0.33 -3.51 1.90
C VAL A 19 0.66 -3.80 3.02
N GLN A 20 0.43 -4.86 3.78
CA GLN A 20 1.34 -5.22 4.86
C GLN A 20 2.67 -5.71 4.33
N HIS A 21 2.65 -6.55 3.28
CA HIS A 21 3.91 -7.03 2.73
C HIS A 21 4.58 -5.94 1.90
N LEU A 22 3.79 -4.91 1.52
CA LEU A 22 4.35 -3.79 0.79
C LEU A 22 5.16 -2.95 1.76
N GLN A 23 4.65 -2.86 2.98
CA GLN A 23 5.34 -2.14 4.03
C GLN A 23 6.57 -2.94 4.43
N ALA A 24 6.46 -4.26 4.27
CA ALA A 24 7.54 -5.18 4.57
C ALA A 24 8.78 -4.83 3.75
N ALA A 25 8.61 -4.92 2.43
CA ALA A 25 9.68 -4.60 1.50
C ALA A 25 10.11 -3.15 1.68
N PHE A 26 9.12 -2.29 1.86
CA PHE A 26 9.32 -0.85 2.05
C PHE A 26 10.25 -0.55 3.22
N SER A 27 10.29 -1.42 4.22
CA SER A 27 11.15 -1.21 5.39
C SER A 27 12.62 -1.18 4.97
N GLN A 28 12.94 -1.93 3.94
CA GLN A 28 14.30 -1.98 3.40
C GLN A 28 14.58 -0.69 2.63
N TYR A 29 13.68 -0.38 1.72
CA TYR A 29 13.78 0.82 0.88
C TYR A 29 13.66 2.09 1.72
N LYS A 30 13.16 1.91 2.93
CA LYS A 30 12.98 3.01 3.88
C LYS A 30 14.31 3.66 4.23
N LYS A 31 15.33 2.82 4.42
CA LYS A 31 16.66 3.34 4.76
C LYS A 31 17.54 3.47 3.51
N VAL A 32 16.89 3.70 2.39
CA VAL A 32 17.56 3.87 1.11
C VAL A 32 17.79 5.35 0.82
N GLU A 33 16.79 6.18 1.11
CA GLU A 33 16.94 7.60 0.88
C GLU A 33 17.20 8.29 2.21
N LEU A 34 18.42 8.67 2.38
CA LEU A 34 18.88 9.34 3.58
C LEU A 34 20.35 9.76 3.44
N PHE A 35 21.09 8.96 2.68
CA PHE A 35 22.51 9.25 2.43
C PHE A 35 22.87 9.41 0.93
N PRO A 36 21.91 9.67 -0.02
CA PRO A 36 22.28 9.82 -1.43
C PRO A 36 22.67 11.26 -1.77
N ASN A 37 22.58 11.60 -3.05
CA ASN A 37 22.92 12.95 -3.50
C ASN A 37 21.68 13.63 -4.07
N GLY A 38 21.88 14.56 -4.98
CA GLY A 38 20.77 15.27 -5.58
C GLY A 38 21.12 16.71 -5.86
N GLY A 39 20.42 17.62 -5.21
CA GLY A 39 20.70 19.03 -5.40
C GLY A 39 21.84 19.49 -4.51
N ILE A 40 22.31 18.59 -3.68
CA ILE A 40 23.40 18.87 -2.76
C ILE A 40 24.53 17.86 -2.98
N GLY B 1 -28.89 -2.91 4.09
CA GLY B 1 -29.29 -4.08 3.25
C GLY B 1 -28.22 -4.45 2.25
N LEU B 2 -28.64 -5.11 1.17
CA LEU B 2 -27.69 -5.51 0.11
C LEU B 2 -27.00 -4.29 -0.50
N PRO B 3 -27.75 -3.30 -1.05
CA PRO B 3 -27.18 -2.10 -1.66
C PRO B 3 -25.98 -1.54 -0.89
N ASP B 4 -26.17 -1.38 0.42
CA ASP B 4 -25.15 -0.83 1.32
C ASP B 4 -23.87 -1.66 1.25
N VAL B 5 -24.04 -2.97 1.30
CA VAL B 5 -22.93 -3.90 1.26
C VAL B 5 -22.16 -3.76 -0.06
N ALA B 6 -22.90 -3.79 -1.18
CA ALA B 6 -22.27 -3.65 -2.48
C ALA B 6 -21.66 -2.27 -2.68
N SER B 7 -22.22 -1.28 -2.00
CA SER B 7 -21.71 0.08 -2.10
C SER B 7 -20.34 0.16 -1.45
N LEU B 8 -20.08 -0.71 -0.49
CA LEU B 8 -18.79 -0.74 0.17
C LEU B 8 -17.74 -1.38 -0.74
N ARG B 9 -18.20 -2.17 -1.70
CA ARG B 9 -17.29 -2.82 -2.65
C ARG B 9 -16.62 -1.76 -3.51
N GLN B 10 -17.25 -0.60 -3.60
CA GLN B 10 -16.72 0.49 -4.39
C GLN B 10 -15.50 1.08 -3.70
N GLN B 11 -15.63 1.25 -2.39
CA GLN B 11 -14.55 1.78 -1.58
C GLN B 11 -13.42 0.76 -1.45
N VAL B 12 -13.76 -0.54 -1.52
CA VAL B 12 -12.73 -1.56 -1.39
C VAL B 12 -11.93 -1.70 -2.67
N GLU B 13 -12.60 -1.69 -3.82
CA GLU B 13 -11.89 -1.78 -5.09
C GLU B 13 -11.11 -0.48 -5.32
N ALA B 14 -11.58 0.59 -4.69
CA ALA B 14 -10.95 1.88 -4.75
C ALA B 14 -9.60 1.82 -4.05
N LEU B 15 -9.65 1.38 -2.80
CA LEU B 15 -8.47 1.24 -1.96
C LEU B 15 -7.49 0.28 -2.61
N GLN B 16 -8.03 -0.72 -3.29
CA GLN B 16 -7.21 -1.70 -3.99
C GLN B 16 -6.46 -1.07 -5.14
N GLY B 17 -7.12 -0.15 -5.85
CA GLY B 17 -6.48 0.53 -6.95
C GLY B 17 -5.26 1.32 -6.50
N GLN B 18 -5.32 1.81 -5.29
CA GLN B 18 -4.22 2.57 -4.74
C GLN B 18 -3.03 1.67 -4.40
N VAL B 19 -3.30 0.60 -3.69
CA VAL B 19 -2.24 -0.31 -3.30
C VAL B 19 -1.62 -1.03 -4.50
N GLN B 20 -2.42 -1.30 -5.53
CA GLN B 20 -1.91 -1.96 -6.72
C GLN B 20 -0.98 -1.05 -7.50
N HIS B 21 -1.34 0.23 -7.66
CA HIS B 21 -0.47 1.13 -8.40
C HIS B 21 0.72 1.51 -7.52
N LEU B 22 0.60 1.30 -6.21
CA LEU B 22 1.71 1.57 -5.31
C LEU B 22 2.76 0.49 -5.52
N GLN B 23 2.28 -0.72 -5.74
CA GLN B 23 3.14 -1.86 -6.00
C GLN B 23 3.76 -1.66 -7.38
N ALA B 24 3.01 -0.99 -8.25
CA ALA B 24 3.45 -0.68 -9.60
C ALA B 24 4.74 0.11 -9.56
N ALA B 25 4.66 1.31 -8.99
CA ALA B 25 5.83 2.17 -8.85
C ALA B 25 6.91 1.48 -8.06
N PHE B 26 6.49 0.79 -7.01
CA PHE B 26 7.38 0.06 -6.10
C PHE B 26 8.24 -0.96 -6.84
N SER B 27 7.74 -1.49 -7.96
CA SER B 27 8.49 -2.48 -8.74
C SER B 27 9.79 -1.88 -9.26
N GLN B 28 9.77 -0.57 -9.51
CA GLN B 28 10.94 0.15 -9.98
C GLN B 28 11.91 0.35 -8.83
N TYR B 29 11.37 0.87 -7.75
CA TYR B 29 12.14 1.14 -6.52
C TYR B 29 12.62 -0.16 -5.88
N LYS B 30 12.01 -1.26 -6.29
CA LYS B 30 12.33 -2.59 -5.81
C LYS B 30 13.78 -2.96 -6.13
N LYS B 31 14.22 -2.62 -7.33
CA LYS B 31 15.59 -2.91 -7.76
C LYS B 31 16.51 -1.70 -7.53
N VAL B 32 16.17 -0.90 -6.54
CA VAL B 32 16.95 0.27 -6.19
C VAL B 32 17.92 -0.04 -5.06
N GLU B 33 17.47 -0.83 -4.08
CA GLU B 33 18.34 -1.22 -2.99
C GLU B 33 18.79 -2.65 -3.18
N LEU B 34 20.02 -2.75 -3.57
CA LEU B 34 20.66 -4.02 -3.84
C LEU B 34 22.14 -3.80 -4.18
N PHE B 35 22.43 -2.66 -4.80
CA PHE B 35 23.80 -2.32 -5.16
C PHE B 35 24.31 -1.00 -4.55
N PRO B 36 23.71 -0.41 -3.48
CA PRO B 36 24.21 0.84 -2.91
C PRO B 36 25.29 0.60 -1.86
N ASN B 37 25.50 1.59 -1.00
CA ASN B 37 26.49 1.48 0.05
C ASN B 37 25.81 1.48 1.42
N GLY B 38 26.52 1.96 2.43
CA GLY B 38 25.98 2.01 3.77
C GLY B 38 27.03 1.73 4.80
N GLY B 39 26.89 0.63 5.52
CA GLY B 39 27.88 0.27 6.51
C GLY B 39 29.02 -0.51 5.89
N ILE B 40 28.88 -0.81 4.60
CA ILE B 40 29.89 -1.55 3.87
C ILE B 40 30.32 -0.75 2.63
N GLY C 1 -26.51 -7.25 10.19
CA GLY C 1 -27.37 -6.07 9.90
C GLY C 1 -26.57 -4.85 9.57
N LEU C 2 -27.18 -3.67 9.68
CA LEU C 2 -26.52 -2.40 9.39
C LEU C 2 -25.25 -2.25 10.23
N PRO C 3 -25.34 -2.30 11.59
CA PRO C 3 -24.20 -2.15 12.48
C PRO C 3 -22.95 -2.88 12.00
N ASP C 4 -23.14 -4.15 11.64
CA ASP C 4 -22.04 -5.00 11.15
C ASP C 4 -21.38 -4.39 9.93
N VAL C 5 -22.19 -3.92 9.01
CA VAL C 5 -21.72 -3.30 7.79
C VAL C 5 -20.88 -2.05 8.10
N ALA C 6 -21.43 -1.15 8.90
CA ALA C 6 -20.72 0.06 9.27
C ALA C 6 -19.49 -0.25 10.11
N SER C 7 -19.50 -1.36 10.83
CA SER C 7 -18.37 -1.76 11.63
C SER C 7 -17.20 -2.13 10.73
N LEU C 8 -17.49 -2.60 9.54
CA LEU C 8 -16.45 -2.96 8.61
C LEU C 8 -15.82 -1.71 8.01
N ARG C 9 -16.55 -0.60 8.05
CA ARG C 9 -16.05 0.67 7.54
C ARG C 9 -14.85 1.11 8.36
N GLN C 10 -14.78 0.61 9.59
CA GLN C 10 -13.70 0.95 10.49
C GLN C 10 -12.40 0.28 10.04
N GLN C 11 -12.50 -1.00 9.69
CA GLN C 11 -11.35 -1.77 9.22
C GLN C 11 -10.90 -1.29 7.85
N VAL C 12 -11.85 -0.76 7.12
CA VAL C 12 -11.65 -0.26 5.78
C VAL C 12 -10.92 1.09 5.78
N GLU C 13 -11.36 2.01 6.65
CA GLU C 13 -10.69 3.31 6.75
C GLU C 13 -9.34 3.10 7.43
N ALA C 14 -9.24 2.01 8.16
CA ALA C 14 -8.02 1.62 8.84
C ALA C 14 -6.95 1.26 7.82
N LEU C 15 -7.32 0.32 6.96
CA LEU C 15 -6.45 -0.14 5.88
C LEU C 15 -6.03 1.03 5.01
N GLN C 16 -6.95 1.94 4.80
CA GLN C 16 -6.71 3.12 4.00
C GLN C 16 -5.66 4.02 4.64
N GLY C 17 -5.71 4.14 5.95
CA GLY C 17 -4.73 4.95 6.65
C GLY C 17 -3.33 4.42 6.46
N GLN C 18 -3.21 3.11 6.31
CA GLN C 18 -1.92 2.48 6.10
C GLN C 18 -1.39 2.75 4.70
N VAL C 19 -2.21 2.51 3.71
CA VAL C 19 -1.81 2.71 2.33
C VAL C 19 -1.55 4.19 2.01
N GLN C 20 -2.29 5.08 2.64
CA GLN C 20 -2.11 6.52 2.42
C GLN C 20 -0.78 6.99 2.99
N HIS C 21 -0.42 6.55 4.21
CA HIS C 21 0.84 6.98 4.79
C HIS C 21 2.00 6.24 4.12
N LEU C 22 1.70 5.14 3.43
CA LEU C 22 2.72 4.40 2.70
C LEU C 22 3.07 5.20 1.46
N GLN C 23 2.05 5.83 0.88
CA GLN C 23 2.24 6.67 -0.29
C GLN C 23 2.96 7.93 0.15
N ALA C 24 2.73 8.30 1.42
CA ALA C 24 3.36 9.46 2.02
C ALA C 24 4.87 9.32 1.96
N ALA C 25 5.37 8.30 2.65
CA ALA C 25 6.78 8.00 2.68
C ALA C 25 7.30 7.75 1.27
N PHE C 26 6.51 7.01 0.50
CA PHE C 26 6.83 6.66 -0.88
C PHE C 26 7.11 7.89 -1.75
N SER C 27 6.50 9.03 -1.41
CA SER C 27 6.69 10.25 -2.19
C SER C 27 8.15 10.69 -2.14
N GLN C 28 8.82 10.38 -1.03
CA GLN C 28 10.23 10.70 -0.87
C GLN C 28 11.07 9.74 -1.69
N TYR C 29 10.79 8.46 -1.49
CA TYR C 29 11.49 7.39 -2.20
C TYR C 29 11.20 7.42 -3.70
N LYS C 30 10.14 8.13 -4.03
CA LYS C 30 9.69 8.29 -5.41
C LYS C 30 10.76 8.97 -6.26
N LYS C 31 11.43 9.95 -5.67
CA LYS C 31 12.47 10.67 -6.38
C LYS C 31 13.87 10.15 -6.06
N VAL C 32 13.99 8.88 -5.68
CA VAL C 32 15.32 8.34 -5.42
C VAL C 32 15.84 7.55 -6.60
N GLU C 33 14.92 6.93 -7.36
CA GLU C 33 15.33 6.22 -8.56
C GLU C 33 14.98 7.04 -9.77
N LEU C 34 16.02 7.63 -10.29
CA LEU C 34 15.94 8.50 -11.45
C LEU C 34 17.33 8.95 -11.88
N PHE C 35 18.21 9.10 -10.89
CA PHE C 35 19.58 9.51 -11.14
C PHE C 35 20.66 8.52 -10.66
N PRO C 36 20.35 7.21 -10.39
CA PRO C 36 21.38 6.26 -9.94
C PRO C 36 22.11 5.60 -11.10
N ASN C 37 22.73 4.46 -10.85
CA ASN C 37 23.45 3.73 -11.88
C ASN C 37 22.75 2.40 -12.15
N GLY C 38 23.53 1.40 -12.54
CA GLY C 38 22.97 0.09 -12.83
C GLY C 38 23.66 -0.55 -14.00
N GLY C 39 22.92 -0.78 -15.08
CA GLY C 39 23.51 -1.36 -16.28
C GLY C 39 24.14 -0.30 -17.16
N ILE C 40 23.95 0.96 -16.78
CA ILE C 40 24.49 2.07 -17.53
C ILE C 40 25.41 2.91 -16.62
N GLY A 1 -26.15 -9.68 -0.37
CA GLY A 1 -26.58 -10.22 0.93
C GLY A 1 -25.41 -10.60 1.81
N LEU A 2 -25.66 -11.46 2.81
CA LEU A 2 -24.61 -11.91 3.72
C LEU A 2 -23.45 -12.56 2.96
N PRO A 3 -23.70 -13.62 2.15
CA PRO A 3 -22.66 -14.33 1.40
C PRO A 3 -21.64 -13.39 0.75
N ASP A 4 -22.14 -12.37 0.07
CA ASP A 4 -21.28 -11.39 -0.62
C ASP A 4 -20.42 -10.63 0.38
N VAL A 5 -21.05 -10.17 1.47
CA VAL A 5 -20.34 -9.43 2.51
C VAL A 5 -19.27 -10.33 3.14
N ALA A 6 -19.55 -11.61 3.29
CA ALA A 6 -18.58 -12.53 3.85
C ALA A 6 -17.45 -12.76 2.85
N SER A 7 -17.80 -12.74 1.57
CA SER A 7 -16.82 -12.87 0.50
C SER A 7 -15.96 -11.61 0.47
N LEU A 8 -16.52 -10.56 1.06
CA LEU A 8 -15.85 -9.29 1.14
C LEU A 8 -14.77 -9.33 2.21
N ARG A 9 -14.98 -10.15 3.23
CA ARG A 9 -14.02 -10.30 4.33
C ARG A 9 -12.74 -10.94 3.82
N GLN A 10 -12.89 -11.91 2.94
CA GLN A 10 -11.75 -12.61 2.37
C GLN A 10 -10.98 -11.67 1.43
N GLN A 11 -11.74 -10.91 0.63
CA GLN A 11 -11.13 -9.97 -0.32
C GLN A 11 -10.42 -8.83 0.42
N VAL A 12 -10.97 -8.43 1.54
CA VAL A 12 -10.42 -7.34 2.33
C VAL A 12 -9.19 -7.81 3.12
N GLU A 13 -9.20 -9.09 3.49
CA GLU A 13 -8.07 -9.69 4.20
C GLU A 13 -6.91 -9.79 3.22
N ALA A 14 -7.27 -9.98 1.95
CA ALA A 14 -6.31 -10.07 0.86
C ALA A 14 -5.56 -8.76 0.68
N LEU A 15 -6.33 -7.70 0.48
CA LEU A 15 -5.80 -6.36 0.28
C LEU A 15 -4.96 -5.96 1.49
N GLN A 16 -5.39 -6.41 2.66
CA GLN A 16 -4.69 -6.11 3.90
C GLN A 16 -3.32 -6.77 3.92
N GLY A 17 -3.26 -8.03 3.48
CA GLY A 17 -1.99 -8.73 3.43
C GLY A 17 -1.01 -8.05 2.50
N GLN A 18 -1.54 -7.41 1.46
CA GLN A 18 -0.70 -6.70 0.50
C GLN A 18 -0.14 -5.44 1.12
N VAL A 19 -0.96 -4.71 1.83
CA VAL A 19 -0.52 -3.47 2.45
C VAL A 19 0.50 -3.74 3.57
N GLN A 20 0.24 -4.76 4.37
CA GLN A 20 1.13 -5.10 5.48
C GLN A 20 2.52 -5.47 4.97
N HIS A 21 2.60 -6.24 3.88
CA HIS A 21 3.90 -6.62 3.35
C HIS A 21 4.51 -5.49 2.54
N LEU A 22 3.70 -4.51 2.11
CA LEU A 22 4.22 -3.37 1.38
C LEU A 22 5.00 -2.50 2.34
N GLN A 23 4.45 -2.34 3.53
CA GLN A 23 5.10 -1.57 4.57
C GLN A 23 6.32 -2.36 5.05
N ALA A 24 6.19 -3.69 5.01
CA ALA A 24 7.26 -4.61 5.40
C ALA A 24 8.49 -4.33 4.56
N ALA A 25 8.31 -4.39 3.25
CA ALA A 25 9.39 -4.13 2.32
C ALA A 25 9.89 -2.70 2.49
N PHE A 26 8.94 -1.79 2.70
CA PHE A 26 9.24 -0.38 2.90
C PHE A 26 10.23 -0.18 4.04
N SER A 27 10.21 -1.08 5.02
CA SER A 27 11.11 -0.98 6.17
C SER A 27 12.56 -0.78 5.72
N GLN A 28 12.87 -1.25 4.52
CA GLN A 28 14.21 -1.10 3.97
C GLN A 28 14.28 0.11 3.03
N TYR A 29 13.25 0.27 2.21
CA TYR A 29 13.19 1.35 1.23
C TYR A 29 12.91 2.71 1.85
N LYS A 30 12.36 2.72 3.05
CA LYS A 30 12.04 3.98 3.73
C LYS A 30 13.32 4.69 4.16
N LYS A 31 14.37 3.91 4.39
CA LYS A 31 15.65 4.47 4.78
C LYS A 31 16.62 4.38 3.61
N VAL A 32 16.06 4.48 2.41
CA VAL A 32 16.82 4.43 1.19
C VAL A 32 17.21 5.82 0.71
N GLU A 33 16.29 6.78 0.79
CA GLU A 33 16.62 8.13 0.38
C GLU A 33 16.99 8.98 1.56
N LEU A 34 18.26 9.11 1.71
CA LEU A 34 18.89 9.88 2.77
C LEU A 34 20.39 9.99 2.52
N PHE A 35 20.94 8.97 1.85
CA PHE A 35 22.36 8.96 1.50
C PHE A 35 22.68 10.12 0.55
N PRO A 36 21.98 10.21 -0.61
CA PRO A 36 22.20 11.29 -1.56
C PRO A 36 21.41 12.56 -1.19
N ASN A 37 21.64 13.64 -1.90
CA ASN A 37 20.93 14.88 -1.64
C ASN A 37 20.54 15.54 -2.96
N GLY A 38 19.54 14.97 -3.61
CA GLY A 38 19.07 15.51 -4.88
C GLY A 38 19.91 15.05 -6.06
N GLY A 39 20.88 14.18 -5.81
CA GLY A 39 21.74 13.69 -6.87
C GLY A 39 22.97 14.56 -7.02
N ILE A 40 22.90 15.51 -7.95
CA ILE A 40 23.99 16.46 -8.20
C ILE A 40 25.28 15.72 -8.58
N GLY B 1 -27.27 0.05 5.71
CA GLY B 1 -28.05 -0.94 4.93
C GLY B 1 -27.30 -1.40 3.69
N LEU B 2 -28.03 -1.96 2.74
CA LEU B 2 -27.44 -2.43 1.48
C LEU B 2 -26.72 -1.30 0.75
N PRO B 3 -27.41 -0.17 0.42
CA PRO B 3 -26.81 0.96 -0.30
C PRO B 3 -25.41 1.32 0.19
N ASP B 4 -25.27 1.45 1.51
CA ASP B 4 -23.99 1.79 2.14
C ASP B 4 -22.94 0.72 1.86
N VAL B 5 -23.34 -0.54 2.03
CA VAL B 5 -22.43 -1.67 1.77
C VAL B 5 -22.01 -1.71 0.30
N ALA B 6 -22.93 -1.35 -0.59
CA ALA B 6 -22.61 -1.31 -2.02
C ALA B 6 -21.67 -0.14 -2.30
N SER B 7 -21.87 0.94 -1.55
CA SER B 7 -21.01 2.11 -1.65
C SER B 7 -19.63 1.76 -1.10
N LEU B 8 -19.61 0.72 -0.30
CA LEU B 8 -18.40 0.23 0.29
C LEU B 8 -17.58 -0.53 -0.74
N ARG B 9 -18.26 -1.15 -1.69
CA ARG B 9 -17.61 -1.92 -2.76
C ARG B 9 -16.80 -0.99 -3.65
N GLN B 10 -17.35 0.19 -3.92
CA GLN B 10 -16.68 1.16 -4.76
C GLN B 10 -15.47 1.73 -4.02
N GLN B 11 -15.66 2.04 -2.74
CA GLN B 11 -14.59 2.58 -1.91
C GLN B 11 -13.46 1.58 -1.72
N VAL B 12 -13.82 0.31 -1.63
CA VAL B 12 -12.86 -0.75 -1.43
C VAL B 12 -12.11 -1.07 -2.71
N GLU B 13 -12.79 -0.86 -3.85
CA GLU B 13 -12.18 -1.07 -5.16
C GLU B 13 -11.17 0.05 -5.38
N ALA B 14 -11.47 1.19 -4.79
CA ALA B 14 -10.61 2.37 -4.86
C ALA B 14 -9.29 2.11 -4.15
N LEU B 15 -9.40 1.73 -2.88
CA LEU B 15 -8.24 1.44 -2.05
C LEU B 15 -7.41 0.33 -2.68
N GLN B 16 -8.10 -0.60 -3.33
CA GLN B 16 -7.45 -1.72 -4.00
C GLN B 16 -6.60 -1.22 -5.16
N GLY B 17 -7.17 -0.32 -5.95
CA GLY B 17 -6.44 0.23 -7.08
C GLY B 17 -5.17 0.94 -6.64
N GLN B 18 -5.22 1.52 -5.45
CA GLN B 18 -4.06 2.22 -4.91
C GLN B 18 -2.98 1.23 -4.51
N VAL B 19 -3.37 0.16 -3.86
CA VAL B 19 -2.41 -0.83 -3.42
C VAL B 19 -1.77 -1.56 -4.60
N GLN B 20 -2.56 -1.88 -5.61
CA GLN B 20 -2.06 -2.59 -6.78
C GLN B 20 -1.02 -1.76 -7.53
N HIS B 21 -1.26 -0.45 -7.68
CA HIS B 21 -0.30 0.38 -8.37
C HIS B 21 0.88 0.74 -7.46
N LEU B 22 0.70 0.59 -6.14
CA LEU B 22 1.79 0.86 -5.22
C LEU B 22 2.83 -0.24 -5.36
N GLN B 23 2.34 -1.47 -5.50
CA GLN B 23 3.22 -2.61 -5.69
C GLN B 23 3.82 -2.52 -7.09
N ALA B 24 3.03 -1.96 -8.01
CA ALA B 24 3.45 -1.75 -9.39
C ALA B 24 4.71 -0.90 -9.42
N ALA B 25 4.63 0.27 -8.81
CA ALA B 25 5.75 1.18 -8.72
C ALA B 25 6.88 0.53 -7.95
N PHE B 26 6.52 -0.18 -6.89
CA PHE B 26 7.49 -0.89 -6.06
C PHE B 26 8.34 -1.83 -6.89
N SER B 27 7.80 -2.35 -7.98
CA SER B 27 8.53 -3.28 -8.84
C SER B 27 9.92 -2.73 -9.19
N GLN B 28 10.03 -1.40 -9.21
CA GLN B 28 11.29 -0.75 -9.51
C GLN B 28 12.04 -0.40 -8.24
N TYR B 29 11.30 0.10 -7.24
CA TYR B 29 11.89 0.52 -5.98
C TYR B 29 12.29 -0.64 -5.07
N LYS B 30 11.74 -1.82 -5.32
CA LYS B 30 12.07 -3.00 -4.51
C LYS B 30 13.48 -3.46 -4.80
N LYS B 31 13.97 -3.18 -6.00
CA LYS B 31 15.31 -3.54 -6.38
C LYS B 31 16.18 -2.30 -6.41
N VAL B 32 15.85 -1.36 -5.54
CA VAL B 32 16.58 -0.11 -5.41
C VAL B 32 17.66 -0.20 -4.34
N GLU B 33 17.35 -0.82 -3.21
CA GLU B 33 18.36 -0.96 -2.16
C GLU B 33 19.01 -2.31 -2.23
N LEU B 34 20.16 -2.28 -2.81
CA LEU B 34 21.01 -3.44 -3.01
C LEU B 34 22.37 -3.01 -3.55
N PHE B 35 22.37 -1.92 -4.31
CA PHE B 35 23.60 -1.35 -4.86
C PHE B 35 24.55 -0.92 -3.72
N PRO B 36 24.09 -0.04 -2.80
CA PRO B 36 24.90 0.41 -1.68
C PRO B 36 24.82 -0.56 -0.51
N ASN B 37 25.67 -0.36 0.49
CA ASN B 37 25.68 -1.22 1.66
C ASN B 37 25.78 -0.38 2.93
N GLY B 38 24.68 0.27 3.29
CA GLY B 38 24.65 1.12 4.48
C GLY B 38 25.23 2.49 4.23
N GLY B 39 25.57 2.80 2.98
CA GLY B 39 26.13 4.10 2.67
C GLY B 39 27.64 4.08 2.79
N ILE B 40 28.14 4.51 3.95
CA ILE B 40 29.58 4.53 4.23
C ILE B 40 30.33 5.39 3.19
N GLY C 1 -23.75 -9.69 10.92
CA GLY C 1 -24.85 -8.70 10.86
C GLY C 1 -24.34 -7.28 10.73
N LEU C 2 -25.20 -6.31 11.05
CA LEU C 2 -24.83 -4.88 10.97
C LEU C 2 -23.58 -4.57 11.80
N PRO C 3 -23.58 -4.88 13.12
CA PRO C 3 -22.44 -4.60 14.01
C PRO C 3 -21.09 -4.96 13.38
N ASP C 4 -21.01 -6.15 12.79
CA ASP C 4 -19.78 -6.64 12.16
C ASP C 4 -19.41 -5.78 10.96
N VAL C 5 -20.39 -5.46 10.13
CA VAL C 5 -20.18 -4.64 8.95
C VAL C 5 -19.71 -3.24 9.37
N ALA C 6 -20.25 -2.73 10.47
CA ALA C 6 -19.86 -1.42 10.97
C ALA C 6 -18.44 -1.49 11.53
N SER C 7 -18.11 -2.63 12.12
CA SER C 7 -16.78 -2.87 12.64
C SER C 7 -15.82 -3.00 11.47
N LEU C 8 -16.40 -3.31 10.32
CA LEU C 8 -15.66 -3.44 9.10
C LEU C 8 -15.26 -2.07 8.59
N ARG C 9 -16.10 -1.06 8.85
CA ARG C 9 -15.83 0.32 8.41
C ARG C 9 -14.59 0.86 9.11
N GLN C 10 -14.46 0.54 10.39
CA GLN C 10 -13.31 1.00 11.15
C GLN C 10 -12.05 0.31 10.65
N GLN C 11 -12.18 -0.99 10.38
CA GLN C 11 -11.05 -1.77 9.87
C GLN C 11 -10.63 -1.28 8.47
N VAL C 12 -11.59 -0.88 7.62
CA VAL C 12 -11.25 -0.38 6.29
C VAL C 12 -10.59 0.96 6.38
N GLU C 13 -11.07 1.80 7.29
CA GLU C 13 -10.54 3.12 7.48
C GLU C 13 -9.08 3.00 7.93
N ALA C 14 -8.81 1.92 8.65
CA ALA C 14 -7.47 1.61 9.13
C ALA C 14 -6.54 1.31 7.97
N LEU C 15 -6.91 0.30 7.18
CA LEU C 15 -6.14 -0.13 6.03
C LEU C 15 -5.94 1.03 5.07
N GLN C 16 -6.96 1.88 4.98
CA GLN C 16 -6.91 3.05 4.11
C GLN C 16 -5.86 4.03 4.59
N GLY C 17 -5.82 4.26 5.89
CA GLY C 17 -4.83 5.17 6.46
C GLY C 17 -3.42 4.68 6.18
N GLN C 18 -3.25 3.38 6.11
CA GLN C 18 -1.95 2.79 5.83
C GLN C 18 -1.56 3.02 4.37
N VAL C 19 -2.49 2.82 3.48
CA VAL C 19 -2.21 3.00 2.07
C VAL C 19 -1.95 4.47 1.71
N GLN C 20 -2.72 5.37 2.31
CA GLN C 20 -2.56 6.80 2.05
C GLN C 20 -1.19 7.29 2.49
N HIS C 21 -0.72 6.84 3.65
CA HIS C 21 0.59 7.28 4.12
C HIS C 21 1.70 6.49 3.42
N LEU C 22 1.37 5.35 2.81
CA LEU C 22 2.37 4.58 2.07
C LEU C 22 2.72 5.34 0.80
N GLN C 23 1.68 5.90 0.18
CA GLN C 23 1.86 6.68 -1.03
C GLN C 23 2.53 8.00 -0.65
N ALA C 24 2.22 8.46 0.57
CA ALA C 24 2.80 9.68 1.12
C ALA C 24 4.31 9.58 1.15
N ALA C 25 4.78 8.51 1.80
CA ALA C 25 6.20 8.25 1.90
C ALA C 25 6.78 8.03 0.50
N PHE C 26 6.02 7.32 -0.33
CA PHE C 26 6.44 7.05 -1.71
C PHE C 26 6.75 8.34 -2.44
N SER C 27 6.10 9.43 -2.08
CA SER C 27 6.32 10.71 -2.75
C SER C 27 7.82 11.04 -2.86
N GLN C 28 8.59 10.50 -1.92
CA GLN C 28 10.03 10.71 -1.91
C GLN C 28 10.75 9.53 -2.58
N TYR C 29 10.31 8.33 -2.26
CA TYR C 29 10.92 7.09 -2.79
C TYR C 29 10.60 6.84 -4.26
N LYS C 30 9.53 7.46 -4.74
CA LYS C 30 9.13 7.29 -6.14
C LYS C 30 10.11 7.98 -7.07
N LYS C 31 10.79 8.99 -6.56
CA LYS C 31 11.79 9.70 -7.35
C LYS C 31 13.18 9.37 -6.83
N VAL C 32 13.31 8.14 -6.35
CA VAL C 32 14.56 7.64 -5.83
C VAL C 32 15.35 6.90 -6.90
N GLU C 33 14.69 6.08 -7.70
CA GLU C 33 15.40 5.37 -8.77
C GLU C 33 15.27 6.08 -10.07
N LEU C 34 16.31 6.80 -10.36
CA LEU C 34 16.46 7.61 -11.56
C LEU C 34 17.89 8.10 -11.66
N PHE C 35 18.50 8.36 -10.50
CA PHE C 35 19.88 8.82 -10.44
C PHE C 35 20.81 7.78 -11.09
N PRO C 36 20.81 6.52 -10.58
CA PRO C 36 21.65 5.47 -11.15
C PRO C 36 20.99 4.80 -12.35
N ASN C 37 21.74 3.95 -13.05
CA ASN C 37 21.22 3.25 -14.22
C ASN C 37 21.65 1.79 -14.18
N GLY C 38 21.03 1.01 -13.30
CA GLY C 38 21.35 -0.40 -13.17
C GLY C 38 22.57 -0.65 -12.31
N GLY C 39 23.10 0.40 -11.70
CA GLY C 39 24.27 0.26 -10.85
C GLY C 39 25.55 0.41 -11.64
N ILE C 40 26.11 -0.72 -12.09
CA ILE C 40 27.33 -0.75 -12.89
C ILE C 40 28.48 -0.04 -12.16
N GLY A 1 -25.47 -8.72 -2.73
CA GLY A 1 -26.23 -8.76 -1.45
C GLY A 1 -25.38 -9.23 -0.29
N LEU A 2 -26.02 -9.92 0.66
CA LEU A 2 -25.36 -10.45 1.85
C LEU A 2 -24.12 -11.29 1.53
N PRO A 3 -24.28 -12.35 0.71
CA PRO A 3 -23.18 -13.25 0.35
C PRO A 3 -21.97 -12.49 -0.20
N ASP A 4 -22.24 -11.43 -0.95
CA ASP A 4 -21.20 -10.60 -1.54
C ASP A 4 -20.53 -9.71 -0.50
N VAL A 5 -21.06 -9.72 0.70
CA VAL A 5 -20.50 -8.95 1.80
C VAL A 5 -19.41 -9.77 2.48
N ALA A 6 -19.69 -11.06 2.68
CA ALA A 6 -18.71 -11.95 3.30
C ALA A 6 -17.57 -12.26 2.34
N SER A 7 -17.86 -12.21 1.04
CA SER A 7 -16.83 -12.41 0.03
C SER A 7 -15.92 -11.19 0.00
N LEU A 8 -16.45 -10.11 0.53
CA LEU A 8 -15.71 -8.87 0.62
C LEU A 8 -14.75 -8.93 1.79
N ARG A 9 -15.07 -9.78 2.77
CA ARG A 9 -14.22 -9.95 3.94
C ARG A 9 -12.90 -10.57 3.50
N GLN A 10 -13.01 -11.63 2.71
CA GLN A 10 -11.84 -12.33 2.19
C GLN A 10 -11.03 -11.44 1.26
N GLN A 11 -11.73 -10.70 0.39
CA GLN A 11 -11.06 -9.79 -0.55
C GLN A 11 -10.29 -8.72 0.22
N VAL A 12 -10.85 -8.32 1.35
CA VAL A 12 -10.25 -7.30 2.19
C VAL A 12 -9.08 -7.87 3.00
N GLU A 13 -9.14 -9.16 3.36
CA GLU A 13 -8.05 -9.79 4.09
C GLU A 13 -6.83 -9.86 3.18
N ALA A 14 -7.13 -9.97 1.89
CA ALA A 14 -6.12 -10.02 0.83
C ALA A 14 -5.43 -8.68 0.72
N LEU A 15 -6.24 -7.64 0.55
CA LEU A 15 -5.75 -6.28 0.44
C LEU A 15 -4.95 -5.90 1.67
N GLN A 16 -5.37 -6.43 2.80
CA GLN A 16 -4.70 -6.19 4.08
C GLN A 16 -3.31 -6.80 4.08
N GLY A 17 -3.23 -8.05 3.64
CA GLY A 17 -1.95 -8.73 3.57
C GLY A 17 -0.98 -8.00 2.67
N GLN A 18 -1.51 -7.36 1.65
CA GLN A 18 -0.70 -6.61 0.71
C GLN A 18 -0.17 -5.34 1.35
N VAL A 19 -1.03 -4.62 2.02
CA VAL A 19 -0.63 -3.38 2.67
C VAL A 19 0.39 -3.62 3.79
N GLN A 20 0.16 -4.66 4.59
CA GLN A 20 1.05 -4.98 5.70
C GLN A 20 2.46 -5.32 5.21
N HIS A 21 2.55 -6.11 4.14
CA HIS A 21 3.86 -6.47 3.63
C HIS A 21 4.47 -5.32 2.82
N LEU A 22 3.65 -4.35 2.42
CA LEU A 22 4.17 -3.20 1.69
C LEU A 22 4.94 -2.32 2.67
N GLN A 23 4.37 -2.17 3.87
CA GLN A 23 5.02 -1.41 4.93
C GLN A 23 6.28 -2.15 5.37
N ALA A 24 6.16 -3.48 5.35
CA ALA A 24 7.27 -4.36 5.70
C ALA A 24 8.47 -4.06 4.82
N ALA A 25 8.23 -4.12 3.51
CA ALA A 25 9.26 -3.84 2.53
C ALA A 25 9.79 -2.42 2.69
N PHE A 26 8.86 -1.48 2.93
CA PHE A 26 9.22 -0.08 3.12
C PHE A 26 10.27 0.09 4.20
N SER A 27 10.27 -0.78 5.22
CA SER A 27 11.25 -0.68 6.31
C SER A 27 12.67 -0.56 5.76
N GLN A 28 12.92 -1.15 4.60
CA GLN A 28 14.23 -1.10 3.96
C GLN A 28 14.34 0.08 2.99
N TYR A 29 13.29 0.31 2.22
CA TYR A 29 13.29 1.41 1.24
C TYR A 29 13.15 2.76 1.93
N LYS A 30 12.65 2.74 3.15
CA LYS A 30 12.46 3.94 3.95
C LYS A 30 13.83 4.58 4.24
N LYS A 31 14.85 3.75 4.36
CA LYS A 31 16.21 4.23 4.59
C LYS A 31 17.03 4.14 3.30
N VAL A 32 16.33 4.14 2.19
CA VAL A 32 16.95 4.05 0.87
C VAL A 32 17.18 5.44 0.29
N GLU A 33 16.40 6.41 0.76
CA GLU A 33 16.55 7.80 0.32
C GLU A 33 17.70 8.42 1.09
N LEU A 34 17.45 9.57 1.75
CA LEU A 34 18.45 10.25 2.59
C LEU A 34 19.67 10.72 1.83
N PHE A 35 20.53 9.76 1.52
CA PHE A 35 21.78 10.00 0.82
C PHE A 35 21.59 10.78 -0.49
N PRO A 36 20.79 10.26 -1.46
CA PRO A 36 20.57 10.95 -2.72
C PRO A 36 19.57 12.09 -2.62
N ASN A 37 19.37 12.81 -3.71
CA ASN A 37 18.43 13.93 -3.72
C ASN A 37 17.14 13.53 -4.42
N GLY A 38 17.09 13.72 -5.74
CA GLY A 38 15.89 13.36 -6.49
C GLY A 38 15.05 14.56 -6.87
N GLY A 39 15.65 15.73 -6.81
CA GLY A 39 14.94 16.95 -7.15
C GLY A 39 15.37 17.51 -8.50
N ILE A 40 16.67 17.73 -8.64
CA ILE A 40 17.23 18.25 -9.87
C ILE A 40 18.60 17.63 -10.14
N GLY B 1 -26.06 1.87 7.14
CA GLY B 1 -26.81 0.60 6.92
C GLY B 1 -26.41 -0.09 5.63
N LEU B 2 -27.38 -0.77 5.01
CA LEU B 2 -27.18 -1.51 3.76
C LEU B 2 -26.54 -0.67 2.66
N PRO B 3 -27.15 0.48 2.29
CA PRO B 3 -26.64 1.36 1.24
C PRO B 3 -25.17 1.73 1.45
N ASP B 4 -24.80 1.92 2.71
CA ASP B 4 -23.45 2.27 3.09
C ASP B 4 -22.50 1.09 2.96
N VAL B 5 -23.06 -0.08 2.71
CA VAL B 5 -22.26 -1.28 2.54
C VAL B 5 -21.81 -1.38 1.09
N ALA B 6 -22.71 -1.07 0.17
CA ALA B 6 -22.38 -1.10 -1.25
C ALA B 6 -21.49 0.06 -1.62
N SER B 7 -21.58 1.15 -0.88
CA SER B 7 -20.74 2.31 -1.11
C SER B 7 -19.35 1.99 -0.61
N LEU B 8 -19.28 0.98 0.24
CA LEU B 8 -18.03 0.52 0.76
C LEU B 8 -17.33 -0.34 -0.27
N ARG B 9 -18.11 -0.91 -1.19
CA ARG B 9 -17.56 -1.75 -2.25
C ARG B 9 -16.73 -0.88 -3.18
N GLN B 10 -17.30 0.25 -3.57
CA GLN B 10 -16.62 1.20 -4.45
C GLN B 10 -15.39 1.79 -3.77
N GLN B 11 -15.54 2.15 -2.49
CA GLN B 11 -14.45 2.72 -1.70
C GLN B 11 -13.29 1.72 -1.61
N VAL B 12 -13.65 0.44 -1.55
CA VAL B 12 -12.69 -0.63 -1.44
C VAL B 12 -12.04 -0.93 -2.78
N GLU B 13 -12.76 -0.72 -3.88
CA GLU B 13 -12.21 -0.93 -5.21
C GLU B 13 -11.14 0.13 -5.46
N ALA B 14 -11.35 1.27 -4.82
CA ALA B 14 -10.43 2.40 -4.90
C ALA B 14 -9.14 2.07 -4.18
N LEU B 15 -9.29 1.65 -2.92
CA LEU B 15 -8.16 1.26 -2.09
C LEU B 15 -7.38 0.14 -2.75
N GLN B 16 -8.10 -0.73 -3.44
CA GLN B 16 -7.51 -1.86 -4.14
C GLN B 16 -6.64 -1.38 -5.29
N GLY B 17 -7.18 -0.46 -6.08
CA GLY B 17 -6.42 0.09 -7.20
C GLY B 17 -5.14 0.76 -6.73
N GLN B 18 -5.20 1.34 -5.54
CA GLN B 18 -4.05 1.99 -4.96
C GLN B 18 -2.99 0.98 -4.56
N VAL B 19 -3.41 -0.06 -3.86
CA VAL B 19 -2.47 -1.09 -3.41
C VAL B 19 -1.82 -1.82 -4.59
N GLN B 20 -2.60 -2.15 -5.60
CA GLN B 20 -2.09 -2.86 -6.76
C GLN B 20 -1.02 -2.05 -7.49
N HIS B 21 -1.27 -0.74 -7.67
CA HIS B 21 -0.28 0.08 -8.37
C HIS B 21 0.90 0.42 -7.44
N LEU B 22 0.71 0.25 -6.14
CA LEU B 22 1.81 0.50 -5.21
C LEU B 22 2.83 -0.61 -5.36
N GLN B 23 2.33 -1.84 -5.48
CA GLN B 23 3.18 -3.00 -5.69
C GLN B 23 3.85 -2.87 -7.05
N ALA B 24 3.09 -2.33 -8.00
CA ALA B 24 3.56 -2.10 -9.36
C ALA B 24 4.80 -1.23 -9.32
N ALA B 25 4.66 -0.08 -8.69
CA ALA B 25 5.77 0.86 -8.53
C ALA B 25 6.93 0.21 -7.80
N PHE B 26 6.60 -0.55 -6.75
CA PHE B 26 7.62 -1.24 -5.95
C PHE B 26 8.52 -2.09 -6.81
N SER B 27 8.00 -2.65 -7.90
CA SER B 27 8.80 -3.50 -8.79
C SER B 27 10.13 -2.82 -9.14
N GLN B 28 10.12 -1.50 -9.23
CA GLN B 28 11.32 -0.74 -9.54
C GLN B 28 12.08 -0.35 -8.27
N TYR B 29 11.37 0.06 -7.24
CA TYR B 29 12.00 0.47 -5.99
C TYR B 29 12.53 -0.72 -5.21
N LYS B 30 11.98 -1.88 -5.51
CA LYS B 30 12.38 -3.13 -4.87
C LYS B 30 13.85 -3.41 -5.18
N LYS B 31 14.29 -3.01 -6.37
CA LYS B 31 15.68 -3.18 -6.77
C LYS B 31 16.43 -1.86 -6.69
N VAL B 32 15.91 -0.97 -5.86
CA VAL B 32 16.49 0.35 -5.66
C VAL B 32 17.46 0.33 -4.46
N GLU B 33 17.25 -0.63 -3.56
CA GLU B 33 18.12 -0.79 -2.40
C GLU B 33 19.38 -1.55 -2.84
N LEU B 34 19.69 -2.65 -2.13
CA LEU B 34 20.82 -3.52 -2.46
C LEU B 34 22.17 -2.83 -2.40
N PHE B 35 22.43 -2.00 -3.40
CA PHE B 35 23.69 -1.27 -3.52
C PHE B 35 24.03 -0.46 -2.26
N PRO B 36 23.15 0.48 -1.84
CA PRO B 36 23.41 1.31 -0.65
C PRO B 36 23.12 0.57 0.65
N ASN B 37 23.42 1.22 1.77
CA ASN B 37 23.18 0.61 3.07
C ASN B 37 21.93 1.19 3.72
N GLY B 38 22.08 2.27 4.47
CA GLY B 38 20.93 2.88 5.12
C GLY B 38 20.85 2.58 6.60
N GLY B 39 21.97 2.16 7.17
CA GLY B 39 22.01 1.86 8.59
C GLY B 39 22.76 2.92 9.36
N ILE B 40 24.00 3.15 8.96
CA ILE B 40 24.86 4.14 9.62
C ILE B 40 25.74 4.84 8.58
N GLY C 1 -21.85 -11.42 11.05
CA GLY C 1 -23.13 -10.83 10.59
C GLY C 1 -23.07 -9.33 10.43
N LEU C 2 -24.21 -8.67 10.66
CA LEU C 2 -24.33 -7.21 10.55
C LEU C 2 -23.26 -6.47 11.35
N PRO C 3 -23.17 -6.71 12.67
CA PRO C 3 -22.19 -6.05 13.54
C PRO C 3 -20.77 -6.13 13.00
N ASP C 4 -20.45 -7.29 12.43
CA ASP C 4 -19.13 -7.55 11.86
C ASP C 4 -18.93 -6.78 10.57
N VAL C 5 -19.99 -6.20 10.05
CA VAL C 5 -19.92 -5.41 8.84
C VAL C 5 -19.45 -4.00 9.18
N ALA C 6 -19.99 -3.45 10.25
CA ALA C 6 -19.61 -2.11 10.68
C ALA C 6 -18.21 -2.11 11.30
N SER C 7 -17.81 -3.24 11.86
CA SER C 7 -16.48 -3.38 12.41
C SER C 7 -15.48 -3.45 11.27
N LEU C 8 -16.01 -3.78 10.10
CA LEU C 8 -15.21 -3.86 8.90
C LEU C 8 -14.98 -2.45 8.36
N ARG C 9 -15.87 -1.52 8.72
CA ARG C 9 -15.75 -0.14 8.28
C ARG C 9 -14.52 0.48 8.92
N GLN C 10 -14.40 0.27 10.23
CA GLN C 10 -13.26 0.77 10.99
C GLN C 10 -11.96 0.11 10.54
N GLN C 11 -12.01 -1.20 10.33
CA GLN C 11 -10.84 -1.96 9.89
C GLN C 11 -10.36 -1.45 8.52
N VAL C 12 -11.33 -1.04 7.70
CA VAL C 12 -11.06 -0.54 6.37
C VAL C 12 -10.55 0.90 6.42
N GLU C 13 -10.98 1.67 7.41
CA GLU C 13 -10.51 3.05 7.56
C GLU C 13 -9.04 3.00 7.95
N ALA C 14 -8.69 1.93 8.65
CA ALA C 14 -7.32 1.68 9.09
C ALA C 14 -6.44 1.39 7.89
N LEU C 15 -6.88 0.43 7.09
CA LEU C 15 -6.18 0.02 5.88
C LEU C 15 -6.03 1.19 4.94
N GLN C 16 -7.03 2.05 4.94
CA GLN C 16 -7.05 3.24 4.10
C GLN C 16 -5.97 4.22 4.53
N GLY C 17 -5.89 4.46 5.83
CA GLY C 17 -4.89 5.36 6.37
C GLY C 17 -3.49 4.88 6.04
N GLN C 18 -3.33 3.56 5.99
CA GLN C 18 -2.05 2.96 5.65
C GLN C 18 -1.70 3.20 4.19
N VAL C 19 -2.64 2.94 3.32
CA VAL C 19 -2.41 3.11 1.90
C VAL C 19 -2.14 4.57 1.53
N GLN C 20 -2.89 5.49 2.12
CA GLN C 20 -2.73 6.90 1.83
C GLN C 20 -1.35 7.41 2.24
N HIS C 21 -0.87 6.98 3.41
CA HIS C 21 0.44 7.44 3.85
C HIS C 21 1.54 6.66 3.14
N LEU C 22 1.21 5.52 2.53
CA LEU C 22 2.21 4.77 1.78
C LEU C 22 2.53 5.53 0.51
N GLN C 23 1.49 6.07 -0.12
CA GLN C 23 1.65 6.87 -1.32
C GLN C 23 2.40 8.15 -0.95
N ALA C 24 2.08 8.66 0.24
CA ALA C 24 2.69 9.86 0.79
C ALA C 24 4.20 9.68 0.83
N ALA C 25 4.63 8.59 1.47
CA ALA C 25 6.04 8.26 1.57
C ALA C 25 6.64 8.06 0.20
N PHE C 26 5.89 7.37 -0.68
CA PHE C 26 6.35 7.11 -2.05
C PHE C 26 6.75 8.39 -2.75
N SER C 27 6.10 9.51 -2.44
CA SER C 27 6.41 10.78 -3.09
C SER C 27 7.92 11.05 -3.08
N GLN C 28 8.60 10.58 -2.03
CA GLN C 28 10.04 10.76 -1.91
C GLN C 28 10.80 9.60 -2.56
N TYR C 29 10.34 8.38 -2.32
CA TYR C 29 10.99 7.18 -2.88
C TYR C 29 10.76 7.06 -4.37
N LYS C 30 9.72 7.72 -4.85
CA LYS C 30 9.36 7.71 -6.26
C LYS C 30 10.50 8.34 -7.05
N LYS C 31 11.22 9.26 -6.41
CA LYS C 31 12.33 9.91 -7.05
C LYS C 31 13.68 9.41 -6.50
N VAL C 32 13.69 8.22 -5.87
CA VAL C 32 14.96 7.69 -5.38
C VAL C 32 15.60 6.79 -6.42
N GLU C 33 14.79 6.33 -7.37
CA GLU C 33 15.28 5.49 -8.44
C GLU C 33 16.01 6.38 -9.44
N LEU C 34 15.61 6.34 -10.72
CA LEU C 34 16.20 7.19 -11.75
C LEU C 34 17.70 6.95 -11.92
N PHE C 35 18.44 7.64 -11.07
CA PHE C 35 19.91 7.62 -11.05
C PHE C 35 20.50 6.19 -11.13
N PRO C 36 20.22 5.29 -10.18
CA PRO C 36 20.75 3.93 -10.19
C PRO C 36 20.04 3.01 -11.18
N ASN C 37 20.52 1.80 -11.32
CA ASN C 37 19.93 0.83 -12.24
C ASN C 37 19.10 -0.18 -11.46
N GLY C 38 19.73 -1.27 -11.04
CA GLY C 38 19.01 -2.29 -10.28
C GLY C 38 18.68 -3.51 -11.12
N GLY C 39 19.38 -3.66 -12.24
CA GLY C 39 19.15 -4.79 -13.12
C GLY C 39 20.26 -5.80 -13.03
N ILE C 40 21.48 -5.35 -13.29
CA ILE C 40 22.65 -6.19 -13.24
C ILE C 40 23.84 -5.40 -12.69
N GLY A 1 -25.83 -9.50 -2.29
CA GLY A 1 -26.58 -9.62 -1.01
C GLY A 1 -25.66 -9.89 0.16
N LEU A 2 -26.18 -10.54 1.19
CA LEU A 2 -25.38 -10.87 2.39
C LEU A 2 -24.13 -11.67 2.03
N PRO A 3 -24.26 -12.83 1.32
CA PRO A 3 -23.12 -13.67 0.95
C PRO A 3 -21.94 -12.85 0.39
N ASP A 4 -22.28 -11.89 -0.47
CA ASP A 4 -21.29 -11.02 -1.10
C ASP A 4 -20.54 -10.18 -0.05
N VAL A 5 -21.29 -9.72 0.94
CA VAL A 5 -20.75 -8.90 2.01
C VAL A 5 -19.66 -9.65 2.77
N ALA A 6 -19.94 -10.92 3.11
CA ALA A 6 -18.95 -11.72 3.83
C ALA A 6 -17.80 -12.10 2.91
N SER A 7 -18.07 -12.17 1.62
CA SER A 7 -17.03 -12.48 0.65
C SER A 7 -16.08 -11.28 0.55
N LEU A 8 -16.56 -10.14 0.99
CA LEU A 8 -15.77 -8.93 0.98
C LEU A 8 -14.76 -8.94 2.11
N ARG A 9 -15.02 -9.70 3.17
CA ARG A 9 -14.07 -9.79 4.28
C ARG A 9 -12.81 -10.50 3.79
N GLN A 10 -13.01 -11.44 2.87
CA GLN A 10 -11.91 -12.21 2.30
C GLN A 10 -11.07 -11.30 1.40
N GLN A 11 -11.76 -10.58 0.53
CA GLN A 11 -11.10 -9.67 -0.40
C GLN A 11 -10.36 -8.55 0.35
N VAL A 12 -10.92 -8.16 1.50
CA VAL A 12 -10.34 -7.10 2.30
C VAL A 12 -9.13 -7.60 3.08
N GLU A 13 -9.14 -8.87 3.48
CA GLU A 13 -8.01 -9.44 4.19
C GLU A 13 -6.86 -9.59 3.21
N ALA A 14 -7.23 -9.74 1.95
CA ALA A 14 -6.29 -9.86 0.86
C ALA A 14 -5.59 -8.54 0.66
N LEU A 15 -6.40 -7.49 0.49
CA LEU A 15 -5.93 -6.14 0.31
C LEU A 15 -5.06 -5.72 1.49
N GLN A 16 -5.40 -6.24 2.65
CA GLN A 16 -4.66 -5.95 3.88
C GLN A 16 -3.30 -6.61 3.85
N GLY A 17 -3.26 -7.86 3.43
CA GLY A 17 -2.00 -8.57 3.34
C GLY A 17 -1.04 -7.89 2.39
N GLN A 18 -1.58 -7.26 1.37
CA GLN A 18 -0.78 -6.56 0.38
C GLN A 18 -0.22 -5.26 0.95
N VAL A 19 -1.06 -4.47 1.60
CA VAL A 19 -0.61 -3.20 2.15
C VAL A 19 0.32 -3.41 3.34
N GLN A 20 0.13 -4.48 4.09
CA GLN A 20 0.97 -4.75 5.23
C GLN A 20 2.37 -5.17 4.80
N HIS A 21 2.48 -5.99 3.75
CA HIS A 21 3.79 -6.43 3.30
C HIS A 21 4.47 -5.35 2.46
N LEU A 22 3.68 -4.40 1.95
CA LEU A 22 4.26 -3.28 1.19
C LEU A 22 4.95 -2.37 2.18
N GLN A 23 4.28 -2.20 3.33
CA GLN A 23 4.80 -1.38 4.41
C GLN A 23 6.05 -2.06 4.96
N ALA A 24 5.96 -3.38 5.07
CA ALA A 24 7.05 -4.22 5.54
C ALA A 24 8.29 -3.98 4.70
N ALA A 25 8.09 -3.97 3.39
CA ALA A 25 9.17 -3.74 2.46
C ALA A 25 9.74 -2.35 2.64
N PHE A 26 8.88 -1.37 2.92
CA PHE A 26 9.32 0.01 3.12
C PHE A 26 10.31 0.12 4.26
N SER A 27 10.31 -0.85 5.15
CA SER A 27 11.23 -0.83 6.29
C SER A 27 12.67 -0.68 5.81
N GLN A 28 12.92 -1.09 4.57
CA GLN A 28 14.23 -0.99 3.98
C GLN A 28 14.31 0.11 2.92
N TYR A 29 13.18 0.50 2.37
CA TYR A 29 13.17 1.54 1.33
C TYR A 29 12.89 2.91 1.90
N LYS A 30 12.37 2.96 3.11
CA LYS A 30 12.06 4.23 3.75
C LYS A 30 13.34 4.98 4.10
N LYS A 31 14.40 4.23 4.35
CA LYS A 31 15.69 4.83 4.65
C LYS A 31 16.60 4.75 3.45
N VAL A 32 15.99 4.71 2.27
CA VAL A 32 16.74 4.64 1.02
C VAL A 32 17.11 6.04 0.52
N GLU A 33 16.18 6.99 0.58
CA GLU A 33 16.49 8.33 0.12
C GLU A 33 16.82 9.24 1.27
N LEU A 34 18.09 9.50 1.37
CA LEU A 34 18.67 10.33 2.41
C LEU A 34 20.18 10.47 2.20
N PHE A 35 20.83 9.39 1.74
CA PHE A 35 22.28 9.40 1.50
C PHE A 35 22.73 9.06 0.04
N PRO A 36 21.83 8.76 -0.95
CA PRO A 36 22.28 8.40 -2.31
C PRO A 36 22.97 9.53 -3.05
N ASN A 37 23.24 9.27 -4.32
CA ASN A 37 23.90 10.23 -5.18
C ASN A 37 22.90 10.96 -6.07
N GLY A 38 23.39 11.57 -7.15
CA GLY A 38 22.51 12.29 -8.05
C GLY A 38 23.17 13.52 -8.61
N GLY A 39 22.37 14.48 -9.05
CA GLY A 39 22.92 15.70 -9.61
C GLY A 39 22.67 16.89 -8.69
N ILE A 40 23.30 16.88 -7.52
CA ILE A 40 23.13 17.96 -6.56
C ILE A 40 24.46 18.29 -5.88
N GLY B 1 -26.78 1.60 6.64
CA GLY B 1 -27.60 0.40 6.30
C GLY B 1 -27.04 -0.35 5.11
N LEU B 2 -27.90 -1.08 4.41
CA LEU B 2 -27.48 -1.85 3.22
C LEU B 2 -26.79 -0.97 2.18
N PRO B 3 -27.44 0.12 1.70
CA PRO B 3 -26.86 1.01 0.69
C PRO B 3 -25.39 1.34 0.97
N ASP B 4 -25.11 1.65 2.23
CA ASP B 4 -23.76 1.99 2.68
C ASP B 4 -22.80 0.83 2.47
N VAL B 5 -23.28 -0.37 2.74
CA VAL B 5 -22.48 -1.58 2.58
C VAL B 5 -21.99 -1.75 1.15
N ALA B 6 -22.89 -1.55 0.19
CA ALA B 6 -22.53 -1.67 -1.22
C ALA B 6 -21.66 -0.49 -1.65
N SER B 7 -21.81 0.64 -0.97
CA SER B 7 -21.01 1.80 -1.26
C SER B 7 -19.58 1.56 -0.79
N LEU B 8 -19.43 0.58 0.08
CA LEU B 8 -18.14 0.20 0.61
C LEU B 8 -17.36 -0.62 -0.41
N ARG B 9 -18.07 -1.27 -1.33
CA ARG B 9 -17.39 -2.06 -2.37
C ARG B 9 -16.65 -1.10 -3.28
N GLN B 10 -17.22 0.08 -3.47
CA GLN B 10 -16.61 1.10 -4.31
C GLN B 10 -15.36 1.65 -3.65
N GLN B 11 -15.51 2.02 -2.37
CA GLN B 11 -14.39 2.56 -1.60
C GLN B 11 -13.27 1.54 -1.46
N VAL B 12 -13.65 0.26 -1.43
CA VAL B 12 -12.68 -0.81 -1.29
C VAL B 12 -11.96 -1.10 -2.60
N GLU B 13 -12.64 -0.90 -3.72
CA GLU B 13 -12.02 -1.10 -5.03
C GLU B 13 -11.03 0.04 -5.25
N ALA B 14 -11.33 1.16 -4.61
CA ALA B 14 -10.50 2.34 -4.66
C ALA B 14 -9.20 2.07 -3.92
N LEU B 15 -9.36 1.63 -2.68
CA LEU B 15 -8.24 1.30 -1.81
C LEU B 15 -7.38 0.22 -2.46
N GLN B 16 -8.03 -0.66 -3.21
CA GLN B 16 -7.36 -1.74 -3.90
C GLN B 16 -6.52 -1.20 -5.05
N GLY B 17 -7.09 -0.30 -5.82
CA GLY B 17 -6.36 0.29 -6.93
C GLY B 17 -5.12 1.02 -6.46
N GLN B 18 -5.19 1.57 -5.25
CA GLN B 18 -4.06 2.28 -4.68
C GLN B 18 -2.96 1.32 -4.24
N VAL B 19 -3.32 0.26 -3.54
CA VAL B 19 -2.34 -0.69 -3.06
C VAL B 19 -1.74 -1.50 -4.21
N GLN B 20 -2.51 -1.74 -5.24
CA GLN B 20 -2.03 -2.51 -6.38
C GLN B 20 -1.02 -1.70 -7.18
N HIS B 21 -1.26 -0.40 -7.38
CA HIS B 21 -0.33 0.41 -8.14
C HIS B 21 0.88 0.80 -7.29
N LEU B 22 0.73 0.72 -5.96
CA LEU B 22 1.86 1.02 -5.07
C LEU B 22 2.84 -0.15 -5.17
N GLN B 23 2.26 -1.34 -5.22
CA GLN B 23 3.04 -2.56 -5.35
C GLN B 23 3.70 -2.54 -6.72
N ALA B 24 2.93 -2.10 -7.71
CA ALA B 24 3.41 -1.97 -9.09
C ALA B 24 4.66 -1.11 -9.13
N ALA B 25 4.60 0.01 -8.43
CA ALA B 25 5.71 0.93 -8.37
C ALA B 25 6.91 0.28 -7.70
N PHE B 26 6.65 -0.53 -6.66
CA PHE B 26 7.71 -1.22 -5.95
C PHE B 26 8.53 -2.11 -6.88
N SER B 27 7.96 -2.49 -8.01
CA SER B 27 8.66 -3.34 -8.96
C SER B 27 10.01 -2.73 -9.32
N GLN B 28 10.11 -1.43 -9.20
CA GLN B 28 11.35 -0.72 -9.49
C GLN B 28 12.05 -0.24 -8.21
N TYR B 29 11.32 -0.12 -7.12
CA TYR B 29 11.92 0.36 -5.88
C TYR B 29 12.34 -0.78 -4.97
N LYS B 30 11.82 -1.96 -5.22
CA LYS B 30 12.16 -3.13 -4.41
C LYS B 30 13.61 -3.53 -4.64
N LYS B 31 14.12 -3.27 -5.84
CA LYS B 31 15.50 -3.57 -6.16
C LYS B 31 16.34 -2.31 -6.11
N VAL B 32 15.90 -1.36 -5.32
CA VAL B 32 16.61 -0.10 -5.17
C VAL B 32 17.68 -0.17 -4.08
N GLU B 33 17.37 -0.80 -2.94
CA GLU B 33 18.37 -0.89 -1.89
C GLU B 33 19.02 -2.25 -1.88
N LEU B 34 20.21 -2.24 -2.39
CA LEU B 34 21.06 -3.41 -2.51
C LEU B 34 22.44 -3.04 -3.07
N PHE B 35 22.47 -2.04 -3.95
CA PHE B 35 23.73 -1.58 -4.55
C PHE B 35 24.06 -0.07 -4.37
N PRO B 36 23.22 0.79 -3.69
CA PRO B 36 23.53 2.22 -3.57
C PRO B 36 24.75 2.53 -2.75
N ASN B 37 24.93 3.81 -2.50
CA ASN B 37 26.05 4.26 -1.73
C ASN B 37 25.64 4.55 -0.29
N GLY B 38 26.47 5.32 0.42
CA GLY B 38 26.18 5.65 1.80
C GLY B 38 27.43 5.72 2.65
N GLY B 39 27.27 5.61 3.96
CA GLY B 39 28.41 5.66 4.84
C GLY B 39 28.71 4.31 5.46
N ILE B 40 29.17 3.38 4.64
CA ILE B 40 29.50 2.04 5.11
C ILE B 40 30.77 1.52 4.43
N GLY C 1 -22.60 -10.98 11.41
CA GLY C 1 -23.89 -10.33 11.07
C GLY C 1 -23.72 -8.85 10.75
N LEU C 2 -24.78 -8.06 10.94
CA LEU C 2 -24.73 -6.62 10.67
C LEU C 2 -23.60 -5.93 11.46
N PRO C 3 -23.55 -6.08 12.81
CA PRO C 3 -22.53 -5.46 13.65
C PRO C 3 -21.12 -5.60 13.06
N ASP C 4 -20.83 -6.81 12.56
CA ASP C 4 -19.54 -7.14 11.96
C ASP C 4 -19.30 -6.31 10.70
N VAL C 5 -20.35 -6.14 9.92
CA VAL C 5 -20.27 -5.36 8.68
C VAL C 5 -19.81 -3.93 8.96
N ALA C 6 -20.41 -3.30 9.97
CA ALA C 6 -20.04 -1.93 10.32
C ALA C 6 -18.67 -1.90 10.97
N SER C 7 -18.28 -2.99 11.58
CA SER C 7 -16.97 -3.06 12.21
C SER C 7 -15.90 -3.15 11.11
N LEU C 8 -16.36 -3.52 9.92
CA LEU C 8 -15.48 -3.62 8.77
C LEU C 8 -15.16 -2.23 8.22
N ARG C 9 -16.03 -1.25 8.48
CA ARG C 9 -15.76 0.10 8.01
C ARG C 9 -14.55 0.66 8.77
N GLN C 10 -14.42 0.23 10.01
CA GLN C 10 -13.32 0.66 10.86
C GLN C 10 -12.02 0.03 10.38
N GLN C 11 -12.06 -1.27 10.15
CA GLN C 11 -10.89 -2.01 9.68
C GLN C 11 -10.46 -1.52 8.30
N VAL C 12 -11.43 -1.08 7.50
CA VAL C 12 -11.17 -0.61 6.16
C VAL C 12 -10.59 0.81 6.18
N GLU C 13 -11.00 1.63 7.15
CA GLU C 13 -10.45 2.99 7.27
C GLU C 13 -9.01 2.88 7.74
N ALA C 14 -8.74 1.78 8.43
CA ALA C 14 -7.41 1.48 8.95
C ALA C 14 -6.50 1.15 7.78
N LEU C 15 -6.96 0.19 6.98
CA LEU C 15 -6.24 -0.25 5.80
C LEU C 15 -6.01 0.91 4.85
N GLN C 16 -6.95 1.83 4.85
CA GLN C 16 -6.87 3.01 4.01
C GLN C 16 -5.79 3.95 4.50
N GLY C 17 -5.74 4.16 5.81
CA GLY C 17 -4.72 5.02 6.39
C GLY C 17 -3.33 4.51 6.11
N GLN C 18 -3.20 3.20 6.01
CA GLN C 18 -1.92 2.58 5.74
C GLN C 18 -1.51 2.76 4.29
N VAL C 19 -2.43 2.53 3.38
CA VAL C 19 -2.12 2.65 1.95
C VAL C 19 -1.93 4.11 1.56
N GLN C 20 -2.62 5.03 2.23
CA GLN C 20 -2.49 6.44 1.91
C GLN C 20 -1.15 6.98 2.37
N HIS C 21 -0.68 6.59 3.57
CA HIS C 21 0.61 7.09 4.04
C HIS C 21 1.75 6.37 3.36
N LEU C 22 1.46 5.21 2.81
CA LEU C 22 2.47 4.46 2.09
C LEU C 22 2.72 5.15 0.76
N GLN C 23 1.64 5.63 0.17
CA GLN C 23 1.70 6.38 -1.07
C GLN C 23 2.41 7.70 -0.79
N ALA C 24 2.06 8.27 0.36
CA ALA C 24 2.64 9.52 0.84
C ALA C 24 4.15 9.41 0.88
N ALA C 25 4.62 8.31 1.45
CA ALA C 25 6.04 8.05 1.56
C ALA C 25 6.67 7.92 0.18
N PHE C 26 5.95 7.29 -0.75
CA PHE C 26 6.45 7.11 -2.11
C PHE C 26 6.75 8.44 -2.77
N SER C 27 6.17 9.52 -2.27
CA SER C 27 6.41 10.84 -2.86
C SER C 27 7.91 11.13 -2.91
N GLN C 28 8.65 10.50 -2.01
CA GLN C 28 10.10 10.66 -1.97
C GLN C 28 10.84 9.45 -2.53
N TYR C 29 10.20 8.29 -2.53
CA TYR C 29 10.85 7.08 -3.02
C TYR C 29 10.56 6.82 -4.49
N LYS C 30 9.51 7.46 -5.01
CA LYS C 30 9.15 7.27 -6.41
C LYS C 30 10.21 7.89 -7.32
N LYS C 31 10.88 8.91 -6.83
CA LYS C 31 11.94 9.55 -7.60
C LYS C 31 13.31 9.13 -7.08
N VAL C 32 13.34 7.95 -6.49
CA VAL C 32 14.58 7.42 -5.95
C VAL C 32 15.36 6.66 -7.01
N GLU C 33 14.69 5.85 -7.82
CA GLU C 33 15.40 5.11 -8.85
C GLU C 33 15.26 5.77 -10.20
N LEU C 34 16.34 6.40 -10.57
CA LEU C 34 16.47 7.14 -11.82
C LEU C 34 17.88 7.70 -11.98
N PHE C 35 18.49 8.09 -10.86
CA PHE C 35 19.84 8.65 -10.87
C PHE C 35 20.87 7.93 -9.96
N PRO C 36 20.55 6.82 -9.21
CA PRO C 36 21.54 6.17 -8.33
C PRO C 36 22.70 5.53 -9.06
N ASN C 37 23.44 4.75 -8.31
CA ASN C 37 24.58 4.06 -8.86
C ASN C 37 24.27 2.58 -9.07
N GLY C 38 25.32 1.77 -9.21
CA GLY C 38 25.14 0.35 -9.41
C GLY C 38 26.20 -0.24 -10.32
N GLY C 39 25.87 -1.35 -10.95
CA GLY C 39 26.81 -1.98 -11.84
C GLY C 39 26.33 -1.93 -13.28
N ILE C 40 26.29 -0.73 -13.84
CA ILE C 40 25.84 -0.55 -15.21
C ILE C 40 26.73 0.48 -15.92
N GLY A 1 -26.45 -8.92 -1.35
CA GLY A 1 -26.99 -9.04 0.03
C GLY A 1 -25.92 -9.36 1.05
N LEU A 2 -26.26 -10.17 2.04
CA LEU A 2 -25.34 -10.58 3.10
C LEU A 2 -24.18 -11.41 2.51
N PRO A 3 -24.46 -12.49 1.74
CA PRO A 3 -23.42 -13.33 1.15
C PRO A 3 -22.26 -12.52 0.54
N ASP A 4 -22.63 -11.48 -0.21
CA ASP A 4 -21.65 -10.61 -0.88
C ASP A 4 -20.78 -9.89 0.13
N VAL A 5 -21.35 -9.59 1.29
CA VAL A 5 -20.63 -8.90 2.35
C VAL A 5 -19.47 -9.77 2.84
N ALA A 6 -19.74 -11.07 3.02
CA ALA A 6 -18.71 -12.00 3.47
C ALA A 6 -17.64 -12.16 2.40
N SER A 7 -18.08 -12.17 1.14
CA SER A 7 -17.15 -12.27 0.01
C SER A 7 -16.24 -11.06 -0.01
N LEU A 8 -16.74 -9.97 0.55
CA LEU A 8 -15.97 -8.75 0.63
C LEU A 8 -14.91 -8.88 1.70
N ARG A 9 -15.22 -9.51 2.84
CA ARG A 9 -14.25 -9.68 3.92
C ARG A 9 -13.01 -10.39 3.40
N GLN A 10 -13.23 -11.45 2.62
CA GLN A 10 -12.11 -12.20 2.05
C GLN A 10 -11.29 -11.34 1.10
N GLN A 11 -11.97 -10.54 0.28
CA GLN A 11 -11.29 -9.64 -0.66
C GLN A 11 -10.47 -8.60 0.10
N VAL A 12 -10.97 -8.17 1.24
CA VAL A 12 -10.29 -7.17 2.07
C VAL A 12 -9.04 -7.77 2.69
N GLU A 13 -9.14 -9.00 3.13
CA GLU A 13 -8.00 -9.68 3.75
C GLU A 13 -6.90 -9.82 2.70
N ALA A 14 -7.33 -9.97 1.46
CA ALA A 14 -6.43 -10.09 0.33
C ALA A 14 -5.64 -8.81 0.15
N LEU A 15 -6.38 -7.74 -0.11
CA LEU A 15 -5.81 -6.41 -0.32
C LEU A 15 -5.01 -5.92 0.87
N GLN A 16 -5.41 -6.31 2.07
CA GLN A 16 -4.72 -5.90 3.28
C GLN A 16 -3.41 -6.64 3.41
N GLY A 17 -3.34 -7.85 2.85
CA GLY A 17 -2.10 -8.60 2.90
C GLY A 17 -1.04 -7.92 2.06
N GLN A 18 -1.48 -7.31 0.97
CA GLN A 18 -0.59 -6.60 0.08
C GLN A 18 -0.06 -5.32 0.73
N VAL A 19 -0.95 -4.51 1.26
CA VAL A 19 -0.52 -3.26 1.87
C VAL A 19 0.30 -3.49 3.14
N GLN A 20 0.00 -4.55 3.89
CA GLN A 20 0.73 -4.84 5.10
C GLN A 20 2.17 -5.22 4.79
N HIS A 21 2.39 -6.04 3.76
CA HIS A 21 3.75 -6.43 3.42
C HIS A 21 4.45 -5.29 2.67
N LEU A 22 3.66 -4.38 2.11
CA LEU A 22 4.21 -3.22 1.41
C LEU A 22 4.82 -2.27 2.41
N GLN A 23 4.13 -2.06 3.52
CA GLN A 23 4.63 -1.18 4.57
C GLN A 23 5.82 -1.86 5.24
N ALA A 24 5.75 -3.19 5.31
CA ALA A 24 6.80 -4.00 5.88
C ALA A 24 8.12 -3.75 5.17
N ALA A 25 8.14 -4.06 3.88
CA ALA A 25 9.33 -3.85 3.06
C ALA A 25 9.71 -2.38 3.02
N PHE A 26 8.70 -1.52 2.88
CA PHE A 26 8.89 -0.07 2.81
C PHE A 26 9.61 0.46 4.04
N SER A 27 9.51 -0.25 5.17
CA SER A 27 10.16 0.18 6.40
C SER A 27 11.65 0.41 6.15
N GLN A 28 12.20 -0.32 5.18
CA GLN A 28 13.59 -0.20 4.81
C GLN A 28 13.78 0.84 3.72
N TYR A 29 12.99 0.69 2.66
CA TYR A 29 13.07 1.58 1.50
C TYR A 29 12.66 3.02 1.80
N LYS A 30 11.97 3.23 2.92
CA LYS A 30 11.53 4.57 3.28
C LYS A 30 12.71 5.44 3.71
N LYS A 31 13.81 4.79 4.11
CA LYS A 31 14.99 5.53 4.50
C LYS A 31 16.06 5.40 3.42
N VAL A 32 15.59 5.36 2.19
CA VAL A 32 16.45 5.25 1.03
C VAL A 32 16.70 6.61 0.40
N GLU A 33 15.70 7.49 0.41
CA GLU A 33 15.88 8.82 -0.17
C GLU A 33 16.41 9.78 0.86
N LEU A 34 17.70 9.79 0.89
CA LEU A 34 18.51 10.62 1.78
C LEU A 34 19.96 10.58 1.31
N PHE A 35 20.37 9.41 0.83
CA PHE A 35 21.72 9.23 0.30
C PHE A 35 22.00 10.22 -0.82
N PRO A 36 21.16 10.27 -1.88
CA PRO A 36 21.34 11.21 -2.99
C PRO A 36 20.74 12.57 -2.64
N ASN A 37 20.87 13.52 -3.56
CA ASN A 37 20.34 14.86 -3.35
C ASN A 37 18.89 14.97 -3.81
N GLY A 38 18.67 14.65 -5.08
CA GLY A 38 17.32 14.74 -5.62
C GLY A 38 17.01 16.15 -6.09
N GLY A 39 16.14 16.83 -5.35
CA GLY A 39 15.77 18.19 -5.72
C GLY A 39 14.70 18.25 -6.78
N ILE A 40 15.02 17.76 -7.96
CA ILE A 40 14.07 17.74 -9.08
C ILE A 40 13.51 16.34 -9.30
N GLY B 1 -27.07 0.56 6.81
CA GLY B 1 -27.71 -0.70 6.40
C GLY B 1 -27.04 -1.31 5.18
N LEU B 2 -27.85 -1.92 4.31
CA LEU B 2 -27.35 -2.54 3.08
C LEU B 2 -26.73 -1.49 2.15
N PRO B 3 -27.47 -0.40 1.81
CA PRO B 3 -26.96 0.64 0.92
C PRO B 3 -25.51 1.06 1.23
N ASP B 4 -25.23 1.24 2.51
CA ASP B 4 -23.90 1.64 2.98
C ASP B 4 -22.86 0.58 2.66
N VAL B 5 -23.29 -0.67 2.65
CA VAL B 5 -22.41 -1.79 2.34
C VAL B 5 -21.91 -1.68 0.91
N ALA B 6 -22.81 -1.36 -0.02
CA ALA B 6 -22.44 -1.20 -1.42
C ALA B 6 -21.51 0.00 -1.60
N SER B 7 -21.80 1.07 -0.85
CA SER B 7 -20.97 2.27 -0.89
C SER B 7 -19.57 1.94 -0.38
N LEU B 8 -19.49 0.89 0.41
CA LEU B 8 -18.22 0.46 0.93
C LEU B 8 -17.44 -0.28 -0.15
N ARG B 9 -18.13 -1.10 -0.97
CA ARG B 9 -17.46 -1.84 -2.05
C ARG B 9 -16.72 -0.87 -2.96
N GLN B 10 -17.38 0.24 -3.31
CA GLN B 10 -16.76 1.25 -4.18
C GLN B 10 -15.54 1.87 -3.49
N GLN B 11 -15.68 2.17 -2.20
CA GLN B 11 -14.56 2.76 -1.44
C GLN B 11 -13.37 1.79 -1.38
N VAL B 12 -13.67 0.50 -1.33
CA VAL B 12 -12.65 -0.55 -1.28
C VAL B 12 -11.94 -0.65 -2.61
N GLU B 13 -12.70 -0.54 -3.70
CA GLU B 13 -12.11 -0.63 -5.03
C GLU B 13 -11.15 0.53 -5.22
N ALA B 14 -11.49 1.64 -4.58
CA ALA B 14 -10.69 2.85 -4.62
C ALA B 14 -9.34 2.62 -3.95
N LEU B 15 -9.41 2.27 -2.67
CA LEU B 15 -8.23 2.02 -1.86
C LEU B 15 -7.39 0.87 -2.40
N GLN B 16 -8.04 -0.10 -3.02
CA GLN B 16 -7.34 -1.25 -3.58
C GLN B 16 -6.59 -0.84 -4.84
N GLY B 17 -7.11 0.17 -5.55
CA GLY B 17 -6.43 0.64 -6.74
C GLY B 17 -5.11 1.30 -6.37
N GLN B 18 -5.09 1.93 -5.22
CA GLN B 18 -3.89 2.59 -4.73
C GLN B 18 -2.84 1.58 -4.31
N VAL B 19 -3.22 0.61 -3.50
CA VAL B 19 -2.27 -0.39 -3.04
C VAL B 19 -1.78 -1.29 -4.17
N GLN B 20 -2.65 -1.57 -5.13
CA GLN B 20 -2.26 -2.42 -6.26
C GLN B 20 -1.18 -1.75 -7.10
N HIS B 21 -1.35 -0.45 -7.40
CA HIS B 21 -0.35 0.25 -8.19
C HIS B 21 0.88 0.56 -7.36
N LEU B 22 0.72 0.55 -6.03
CA LEU B 22 1.83 0.80 -5.12
C LEU B 22 2.77 -0.38 -5.14
N GLN B 23 2.20 -1.58 -5.13
CA GLN B 23 2.98 -2.80 -5.17
C GLN B 23 3.61 -2.92 -6.56
N ALA B 24 2.86 -2.46 -7.57
CA ALA B 24 3.32 -2.46 -8.95
C ALA B 24 4.63 -1.71 -9.08
N ALA B 25 4.59 -0.43 -8.75
CA ALA B 25 5.76 0.42 -8.82
C ALA B 25 6.84 -0.10 -7.87
N PHE B 26 6.43 -0.49 -6.68
CA PHE B 26 7.33 -0.99 -5.65
C PHE B 26 8.14 -2.19 -6.14
N SER B 27 7.61 -2.94 -7.11
CA SER B 27 8.29 -4.11 -7.64
C SER B 27 9.70 -3.73 -8.10
N GLN B 28 9.87 -2.47 -8.49
CA GLN B 28 11.16 -1.96 -8.92
C GLN B 28 11.93 -1.38 -7.74
N TYR B 29 11.26 -0.51 -7.01
CA TYR B 29 11.86 0.18 -5.87
C TYR B 29 12.23 -0.76 -4.72
N LYS B 30 11.66 -1.95 -4.70
CA LYS B 30 11.94 -2.91 -3.65
C LYS B 30 13.36 -3.46 -3.76
N LYS B 31 13.94 -3.36 -4.96
CA LYS B 31 15.30 -3.83 -5.17
C LYS B 31 16.22 -2.63 -5.31
N VAL B 32 15.90 -1.59 -4.56
CA VAL B 32 16.67 -0.36 -4.56
C VAL B 32 17.63 -0.32 -3.37
N GLU B 33 17.21 -0.86 -2.23
CA GLU B 33 18.10 -0.86 -1.06
C GLU B 33 18.96 -2.10 -1.04
N LEU B 34 20.07 -1.91 -1.69
CA LEU B 34 21.11 -2.92 -1.86
C LEU B 34 22.37 -2.25 -2.39
N PHE B 35 22.16 -1.26 -3.26
CA PHE B 35 23.27 -0.49 -3.84
C PHE B 35 24.12 0.14 -2.74
N PRO B 36 23.51 0.94 -1.83
CA PRO B 36 24.23 1.56 -0.72
C PRO B 36 24.41 0.59 0.44
N ASN B 37 25.01 1.06 1.52
CA ASN B 37 25.22 0.21 2.68
C ASN B 37 24.09 0.35 3.68
N GLY B 38 23.83 1.57 4.12
CA GLY B 38 22.78 1.81 5.09
C GLY B 38 23.27 1.59 6.50
N GLY B 39 22.82 0.50 7.11
CA GLY B 39 23.24 0.18 8.47
C GLY B 39 22.42 0.91 9.52
N ILE B 40 22.54 2.24 9.52
CA ILE B 40 21.81 3.06 10.48
C ILE B 40 20.61 3.73 9.83
N GLY C 1 -23.53 -10.78 10.75
CA GLY C 1 -24.67 -9.98 10.25
C GLY C 1 -24.29 -8.52 10.02
N LEU C 2 -25.20 -7.60 10.31
CA LEU C 2 -24.91 -6.19 10.13
C LEU C 2 -23.76 -5.71 11.03
N PRO C 3 -23.83 -5.96 12.36
CA PRO C 3 -22.80 -5.50 13.29
C PRO C 3 -21.38 -5.71 12.76
N ASP C 4 -21.16 -6.90 12.18
CA ASP C 4 -19.86 -7.27 11.62
C ASP C 4 -19.48 -6.36 10.46
N VAL C 5 -20.50 -5.91 9.73
CA VAL C 5 -20.29 -5.02 8.59
C VAL C 5 -19.69 -3.70 9.06
N ALA C 6 -20.21 -3.16 10.15
CA ALA C 6 -19.70 -1.91 10.70
C ALA C 6 -18.29 -2.11 11.23
N SER C 7 -18.05 -3.26 11.85
CA SER C 7 -16.74 -3.60 12.37
C SER C 7 -15.74 -3.67 11.21
N LEU C 8 -16.28 -3.96 10.03
CA LEU C 8 -15.45 -4.04 8.85
C LEU C 8 -15.04 -2.65 8.42
N ARG C 9 -15.97 -1.67 8.46
CA ARG C 9 -15.67 -0.29 8.07
C ARG C 9 -14.49 0.25 8.86
N GLN C 10 -14.49 0.00 10.16
CA GLN C 10 -13.39 0.47 11.00
C GLN C 10 -12.08 -0.20 10.57
N GLN C 11 -12.16 -1.50 10.28
CA GLN C 11 -10.98 -2.23 9.85
C GLN C 11 -10.46 -1.69 8.51
N VAL C 12 -11.36 -1.28 7.61
CA VAL C 12 -10.93 -0.76 6.33
C VAL C 12 -10.37 0.63 6.45
N GLU C 13 -10.86 1.40 7.40
CA GLU C 13 -10.33 2.75 7.64
C GLU C 13 -8.89 2.63 8.13
N ALA C 14 -8.65 1.55 8.86
CA ALA C 14 -7.33 1.24 9.40
C ALA C 14 -6.35 0.94 8.27
N LEU C 15 -6.70 -0.06 7.48
CA LEU C 15 -5.88 -0.50 6.35
C LEU C 15 -5.71 0.60 5.32
N GLN C 16 -6.70 1.47 5.19
CA GLN C 16 -6.63 2.54 4.22
C GLN C 16 -5.69 3.62 4.72
N GLY C 17 -5.56 3.75 6.04
CA GLY C 17 -4.64 4.72 6.60
C GLY C 17 -3.20 4.35 6.27
N GLN C 18 -2.96 3.04 6.24
CA GLN C 18 -1.63 2.53 5.93
C GLN C 18 -1.29 2.75 4.46
N VAL C 19 -2.19 2.39 3.57
CA VAL C 19 -1.92 2.54 2.15
C VAL C 19 -1.87 4.01 1.73
N GLN C 20 -2.65 4.86 2.37
CA GLN C 20 -2.67 6.27 2.03
C GLN C 20 -1.34 6.92 2.39
N HIS C 21 -0.79 6.61 3.57
CA HIS C 21 0.48 7.19 3.96
C HIS C 21 1.63 6.50 3.21
N LEU C 22 1.36 5.29 2.70
CA LEU C 22 2.36 4.56 1.93
C LEU C 22 2.56 5.22 0.59
N GLN C 23 1.46 5.63 -0.02
CA GLN C 23 1.52 6.31 -1.31
C GLN C 23 2.10 7.69 -1.09
N ALA C 24 1.78 8.26 0.07
CA ALA C 24 2.28 9.57 0.46
C ALA C 24 3.79 9.59 0.44
N ALA C 25 4.40 8.76 1.28
CA ALA C 25 5.84 8.67 1.37
C ALA C 25 6.44 8.24 0.03
N PHE C 26 5.78 7.27 -0.61
CA PHE C 26 6.22 6.73 -1.89
C PHE C 26 6.35 7.81 -2.94
N SER C 27 5.56 8.88 -2.82
CA SER C 27 5.60 9.98 -3.78
C SER C 27 7.04 10.46 -3.99
N GLN C 28 7.86 10.31 -2.94
CA GLN C 28 9.26 10.69 -3.00
C GLN C 28 10.12 9.52 -3.46
N TYR C 29 9.94 8.38 -2.81
CA TYR C 29 10.73 7.18 -3.09
C TYR C 29 10.46 6.60 -4.48
N LYS C 30 9.36 7.00 -5.08
CA LYS C 30 8.98 6.50 -6.38
C LYS C 30 9.90 7.08 -7.48
N LYS C 31 10.58 8.18 -7.16
CA LYS C 31 11.53 8.76 -8.10
C LYS C 31 12.94 8.55 -7.60
N VAL C 32 13.14 7.39 -6.99
CA VAL C 32 14.43 7.01 -6.46
C VAL C 32 15.18 6.09 -7.44
N GLU C 33 14.45 5.21 -8.12
CA GLU C 33 15.11 4.33 -9.08
C GLU C 33 15.22 4.99 -10.44
N LEU C 34 16.31 5.66 -10.55
CA LEU C 34 16.71 6.40 -11.74
C LEU C 34 18.17 6.79 -11.63
N PHE C 35 18.57 7.14 -10.40
CA PHE C 35 19.97 7.50 -10.11
C PHE C 35 20.91 6.37 -10.54
N PRO C 36 20.72 5.13 -10.03
CA PRO C 36 21.55 4.00 -10.41
C PRO C 36 21.11 3.40 -11.73
N ASN C 37 21.80 2.35 -12.17
CA ASN C 37 21.45 1.71 -13.42
C ASN C 37 20.46 0.58 -13.21
N GLY C 38 20.83 -0.37 -12.34
CA GLY C 38 19.97 -1.51 -12.08
C GLY C 38 20.16 -2.60 -13.10
N GLY C 39 19.18 -2.77 -13.99
CA GLY C 39 19.26 -3.78 -15.02
C GLY C 39 18.87 -5.16 -14.51
N ILE C 40 19.65 -5.70 -13.58
CA ILE C 40 19.38 -7.01 -13.01
C ILE C 40 18.77 -6.90 -11.62
N GLY A 1 -26.01 -8.48 -0.85
CA GLY A 1 -26.67 -8.72 0.46
C GLY A 1 -25.70 -9.23 1.50
N LEU A 2 -26.21 -10.02 2.44
CA LEU A 2 -25.38 -10.59 3.52
C LEU A 2 -24.19 -11.38 2.98
N PRO A 3 -24.44 -12.38 2.12
CA PRO A 3 -23.38 -13.24 1.55
C PRO A 3 -22.24 -12.42 0.95
N ASP A 4 -22.58 -11.34 0.25
CA ASP A 4 -21.60 -10.47 -0.38
C ASP A 4 -20.71 -9.82 0.67
N VAL A 5 -21.29 -9.53 1.82
CA VAL A 5 -20.58 -8.92 2.94
C VAL A 5 -19.44 -9.81 3.41
N ALA A 6 -19.77 -11.05 3.76
CA ALA A 6 -18.78 -12.01 4.24
C ALA A 6 -17.75 -12.32 3.16
N SER A 7 -18.19 -12.32 1.91
CA SER A 7 -17.30 -12.57 0.80
C SER A 7 -16.30 -11.42 0.66
N LEU A 8 -16.73 -10.25 1.08
CA LEU A 8 -15.88 -9.08 1.02
C LEU A 8 -14.78 -9.14 2.08
N ARG A 9 -15.01 -9.91 3.13
CA ARG A 9 -14.02 -10.06 4.19
C ARG A 9 -12.81 -10.83 3.66
N GLN A 10 -13.04 -11.61 2.61
CA GLN A 10 -11.97 -12.40 2.01
C GLN A 10 -11.09 -11.47 1.20
N GLN A 11 -11.76 -10.55 0.52
CA GLN A 11 -11.07 -9.57 -0.30
C GLN A 11 -10.36 -8.53 0.57
N VAL A 12 -10.89 -8.27 1.77
CA VAL A 12 -10.26 -7.29 2.66
C VAL A 12 -9.01 -7.86 3.31
N GLU A 13 -9.04 -9.12 3.70
CA GLU A 13 -7.87 -9.75 4.30
C GLU A 13 -6.81 -9.92 3.22
N ALA A 14 -7.29 -10.07 2.00
CA ALA A 14 -6.44 -10.20 0.82
C ALA A 14 -5.65 -8.93 0.63
N LEU A 15 -6.39 -7.84 0.42
CA LEU A 15 -5.81 -6.51 0.21
C LEU A 15 -4.93 -6.08 1.36
N GLN A 16 -5.35 -6.39 2.59
CA GLN A 16 -4.57 -5.99 3.76
C GLN A 16 -3.25 -6.75 3.81
N GLY A 17 -3.23 -7.96 3.23
CA GLY A 17 -1.99 -8.73 3.19
C GLY A 17 -0.97 -8.05 2.31
N GLN A 18 -1.45 -7.40 1.27
CA GLN A 18 -0.59 -6.68 0.35
C GLN A 18 -0.05 -5.43 1.00
N VAL A 19 -0.88 -4.71 1.75
CA VAL A 19 -0.42 -3.50 2.42
C VAL A 19 0.59 -3.82 3.50
N GLN A 20 0.35 -4.89 4.23
CA GLN A 20 1.23 -5.28 5.33
C GLN A 20 2.63 -5.59 4.80
N HIS A 21 2.73 -6.30 3.67
CA HIS A 21 4.05 -6.62 3.15
C HIS A 21 4.64 -5.45 2.36
N LEU A 22 3.80 -4.48 1.96
CA LEU A 22 4.31 -3.30 1.24
C LEU A 22 5.03 -2.41 2.23
N GLN A 23 4.41 -2.23 3.39
CA GLN A 23 4.99 -1.43 4.46
C GLN A 23 6.21 -2.16 4.99
N ALA A 24 6.10 -3.49 5.02
CA ALA A 24 7.19 -4.36 5.44
C ALA A 24 8.41 -4.07 4.59
N ALA A 25 8.20 -4.09 3.28
CA ALA A 25 9.25 -3.81 2.32
C ALA A 25 9.82 -2.41 2.54
N PHE A 26 8.93 -1.43 2.75
CA PHE A 26 9.31 -0.04 2.98
C PHE A 26 10.33 0.08 4.10
N SER A 27 10.29 -0.83 5.07
CA SER A 27 11.22 -0.79 6.20
C SER A 27 12.67 -0.69 5.70
N GLN A 28 12.95 -1.27 4.54
CA GLN A 28 14.27 -1.22 3.94
C GLN A 28 14.43 0.01 3.05
N TYR A 29 13.44 0.29 2.21
CA TYR A 29 13.52 1.45 1.33
C TYR A 29 13.54 2.75 2.13
N LYS A 30 13.08 2.67 3.36
CA LYS A 30 13.03 3.83 4.26
C LYS A 30 14.41 4.45 4.44
N LYS A 31 15.45 3.65 4.27
CA LYS A 31 16.80 4.16 4.38
C LYS A 31 17.41 4.26 3.00
N VAL A 32 16.55 4.54 2.04
CA VAL A 32 16.92 4.67 0.65
C VAL A 32 16.41 5.99 0.06
N GLU A 33 15.35 6.53 0.67
CA GLU A 33 14.74 7.80 0.23
C GLU A 33 15.69 8.99 0.41
N LEU A 34 16.00 9.24 1.66
CA LEU A 34 16.84 10.33 2.13
C LEU A 34 18.15 10.52 1.37
N PHE A 35 18.89 9.44 1.16
CA PHE A 35 20.20 9.50 0.48
C PHE A 35 20.19 10.32 -0.82
N PRO A 36 19.51 9.86 -1.89
CA PRO A 36 19.49 10.56 -3.17
C PRO A 36 18.82 11.94 -3.12
N ASN A 37 18.85 12.62 -4.26
CA ASN A 37 18.26 13.95 -4.37
C ASN A 37 18.11 14.33 -5.85
N GLY A 38 17.16 15.20 -6.16
CA GLY A 38 16.95 15.62 -7.53
C GLY A 38 18.12 16.42 -8.07
N GLY A 39 18.56 16.07 -9.27
CA GLY A 39 19.68 16.77 -9.88
C GLY A 39 19.88 16.38 -11.33
N ILE A 40 20.96 15.67 -11.61
CA ILE A 40 21.26 15.25 -12.97
C ILE A 40 21.87 13.83 -12.96
N GLY B 1 -26.52 -0.06 6.77
CA GLY B 1 -27.35 -1.21 6.30
C GLY B 1 -26.84 -1.77 4.98
N LEU B 2 -27.75 -2.38 4.22
CA LEU B 2 -27.40 -2.96 2.92
C LEU B 2 -26.75 -1.95 1.97
N PRO B 3 -27.41 -0.79 1.72
CA PRO B 3 -26.90 0.24 0.81
C PRO B 3 -25.46 0.64 1.13
N ASP B 4 -25.15 0.74 2.41
CA ASP B 4 -23.80 1.10 2.86
C ASP B 4 -22.80 0.06 2.44
N VAL B 5 -23.24 -1.21 2.48
CA VAL B 5 -22.40 -2.33 2.09
C VAL B 5 -21.92 -2.20 0.65
N ALA B 6 -22.87 -2.04 -0.28
CA ALA B 6 -22.55 -1.91 -1.69
C ALA B 6 -21.74 -0.64 -1.96
N SER B 7 -22.03 0.40 -1.20
CA SER B 7 -21.30 1.66 -1.34
C SER B 7 -19.85 1.46 -0.90
N LEU B 8 -19.65 0.52 0.00
CA LEU B 8 -18.32 0.22 0.49
C LEU B 8 -17.50 -0.51 -0.56
N ARG B 9 -18.16 -1.17 -1.50
CA ARG B 9 -17.46 -1.88 -2.56
C ARG B 9 -16.79 -0.88 -3.49
N GLN B 10 -17.31 0.34 -3.51
CA GLN B 10 -16.75 1.38 -4.35
C GLN B 10 -15.46 1.86 -3.73
N GLN B 11 -15.49 1.99 -2.41
CA GLN B 11 -14.33 2.41 -1.65
C GLN B 11 -13.27 1.32 -1.60
N VAL B 12 -13.68 0.05 -1.68
CA VAL B 12 -12.72 -1.04 -1.63
C VAL B 12 -12.00 -1.19 -2.97
N GLU B 13 -12.71 -1.01 -4.07
CA GLU B 13 -12.08 -1.09 -5.38
C GLU B 13 -11.18 0.12 -5.56
N ALA B 14 -11.56 1.20 -4.88
CA ALA B 14 -10.80 2.43 -4.88
C ALA B 14 -9.45 2.22 -4.22
N LEU B 15 -9.52 1.83 -2.96
CA LEU B 15 -8.34 1.57 -2.14
C LEU B 15 -7.45 0.50 -2.76
N GLN B 16 -8.05 -0.54 -3.32
CA GLN B 16 -7.27 -1.63 -3.93
C GLN B 16 -6.54 -1.12 -5.15
N GLY B 17 -7.09 -0.11 -5.82
CA GLY B 17 -6.43 0.45 -6.98
C GLY B 17 -5.14 1.13 -6.59
N GLN B 18 -5.14 1.71 -5.40
CA GLN B 18 -3.97 2.37 -4.89
C GLN B 18 -2.91 1.35 -4.50
N VAL B 19 -3.32 0.25 -3.91
CA VAL B 19 -2.36 -0.78 -3.51
C VAL B 19 -1.75 -1.45 -4.71
N GLN B 20 -2.56 -1.70 -5.73
CA GLN B 20 -2.09 -2.36 -6.93
C GLN B 20 -1.00 -1.54 -7.61
N HIS B 21 -1.18 -0.23 -7.69
CA HIS B 21 -0.18 0.60 -8.34
C HIS B 21 0.98 0.92 -7.40
N LEU B 22 0.78 0.74 -6.09
CA LEU B 22 1.87 0.99 -5.14
C LEU B 22 2.87 -0.15 -5.26
N GLN B 23 2.34 -1.37 -5.34
CA GLN B 23 3.16 -2.55 -5.49
C GLN B 23 3.80 -2.52 -6.88
N ALA B 24 3.03 -2.01 -7.83
CA ALA B 24 3.48 -1.86 -9.20
C ALA B 24 4.74 -1.02 -9.22
N ALA B 25 4.67 0.14 -8.56
CA ALA B 25 5.79 1.05 -8.45
C ALA B 25 6.97 0.36 -7.77
N PHE B 26 6.67 -0.37 -6.69
CA PHE B 26 7.69 -1.10 -5.92
C PHE B 26 8.55 -1.99 -6.82
N SER B 27 7.97 -2.48 -7.91
CA SER B 27 8.70 -3.34 -8.85
C SER B 27 10.05 -2.71 -9.24
N GLN B 28 10.08 -1.38 -9.31
CA GLN B 28 11.30 -0.66 -9.65
C GLN B 28 12.11 -0.33 -8.40
N TYR B 29 11.46 0.12 -7.34
CA TYR B 29 12.18 0.46 -6.11
C TYR B 29 12.80 -0.80 -5.49
N LYS B 30 12.27 -1.95 -5.86
CA LYS B 30 12.76 -3.24 -5.36
C LYS B 30 14.24 -3.43 -5.66
N LYS B 31 14.74 -2.78 -6.71
CA LYS B 31 16.14 -2.88 -7.04
C LYS B 31 16.83 -1.57 -6.66
N VAL B 32 16.30 -0.98 -5.61
CA VAL B 32 16.80 0.29 -5.09
C VAL B 32 17.09 0.16 -3.58
N GLU B 33 16.40 -0.78 -2.92
CA GLU B 33 16.58 -1.03 -1.48
C GLU B 33 17.99 -1.51 -1.14
N LEU B 34 18.28 -2.69 -1.64
CA LEU B 34 19.53 -3.42 -1.44
C LEU B 34 20.81 -2.58 -1.59
N PHE B 35 20.91 -1.85 -2.68
CA PHE B 35 22.11 -1.05 -2.98
C PHE B 35 22.63 -0.22 -1.79
N PRO B 36 21.89 0.83 -1.34
CA PRO B 36 22.33 1.69 -0.24
C PRO B 36 22.46 0.97 1.10
N ASN B 37 22.90 1.70 2.11
CA ASN B 37 23.08 1.15 3.46
C ASN B 37 23.29 2.28 4.46
N GLY B 38 22.91 2.04 5.71
CA GLY B 38 23.08 3.05 6.74
C GLY B 38 24.53 3.39 7.02
N GLY B 39 24.84 4.68 7.09
CA GLY B 39 26.20 5.10 7.35
C GLY B 39 26.28 6.59 7.60
N ILE B 40 26.87 7.32 6.67
CA ILE B 40 27.01 8.75 6.80
C ILE B 40 26.82 9.43 5.44
N GLY C 1 -23.32 -10.37 9.97
CA GLY C 1 -24.56 -9.60 9.70
C GLY C 1 -24.30 -8.11 9.61
N LEU C 2 -25.31 -7.32 9.95
CA LEU C 2 -25.21 -5.85 9.91
C LEU C 2 -24.06 -5.33 10.77
N PRO C 3 -24.01 -5.66 12.07
CA PRO C 3 -22.97 -5.21 12.99
C PRO C 3 -21.57 -5.42 12.45
N ASP C 4 -21.35 -6.58 11.81
CA ASP C 4 -20.07 -6.93 11.23
C ASP C 4 -19.70 -5.94 10.12
N VAL C 5 -20.72 -5.49 9.40
CA VAL C 5 -20.56 -4.54 8.30
C VAL C 5 -19.97 -3.23 8.80
N ALA C 6 -20.62 -2.63 9.80
CA ALA C 6 -20.15 -1.36 10.35
C ALA C 6 -18.79 -1.53 11.03
N SER C 7 -18.57 -2.69 11.62
CA SER C 7 -17.30 -2.98 12.26
C SER C 7 -16.19 -3.05 11.21
N LEU C 8 -16.57 -3.44 10.00
CA LEU C 8 -15.62 -3.54 8.91
C LEU C 8 -15.21 -2.15 8.43
N ARG C 9 -16.06 -1.15 8.68
CA ARG C 9 -15.75 0.22 8.28
C ARG C 9 -14.56 0.73 9.07
N GLN C 10 -14.38 0.19 10.27
CA GLN C 10 -13.28 0.56 11.13
C GLN C 10 -11.98 0.00 10.60
N GLN C 11 -12.02 -1.24 10.15
CA GLN C 11 -10.85 -1.93 9.59
C GLN C 11 -10.50 -1.34 8.24
N VAL C 12 -11.49 -0.82 7.58
CA VAL C 12 -11.36 -0.24 6.26
C VAL C 12 -10.69 1.13 6.32
N GLU C 13 -11.09 1.96 7.29
CA GLU C 13 -10.47 3.28 7.45
C GLU C 13 -9.06 3.08 7.98
N ALA C 14 -8.89 1.97 8.69
CA ALA C 14 -7.61 1.57 9.25
C ALA C 14 -6.63 1.30 8.13
N LEU C 15 -6.98 0.32 7.32
CA LEU C 15 -6.18 -0.11 6.18
C LEU C 15 -5.91 1.02 5.21
N GLN C 16 -6.90 1.89 5.00
CA GLN C 16 -6.74 3.01 4.07
C GLN C 16 -5.76 4.02 4.64
N GLY C 17 -5.66 4.10 5.96
CA GLY C 17 -4.71 5.02 6.57
C GLY C 17 -3.28 4.60 6.28
N GLN C 18 -3.09 3.29 6.18
CA GLN C 18 -1.78 2.75 5.89
C GLN C 18 -1.41 2.97 4.43
N VAL C 19 -2.36 2.79 3.53
CA VAL C 19 -2.06 2.98 2.13
C VAL C 19 -1.89 4.46 1.78
N GLN C 20 -2.59 5.33 2.51
CA GLN C 20 -2.46 6.77 2.28
C GLN C 20 -1.06 7.26 2.67
N HIS C 21 -0.53 6.78 3.81
CA HIS C 21 0.80 7.21 4.22
C HIS C 21 1.89 6.46 3.48
N LEU C 22 1.53 5.35 2.86
CA LEU C 22 2.48 4.58 2.11
C LEU C 22 2.76 5.28 0.78
N GLN C 23 1.70 5.78 0.17
CA GLN C 23 1.81 6.53 -1.06
C GLN C 23 2.50 7.86 -0.74
N ALA C 24 2.17 8.37 0.44
CA ALA C 24 2.76 9.60 0.95
C ALA C 24 4.27 9.47 0.97
N ALA C 25 4.74 8.37 1.57
CA ALA C 25 6.15 8.07 1.67
C ALA C 25 6.77 7.95 0.28
N PHE C 26 6.05 7.25 -0.62
CA PHE C 26 6.49 7.05 -2.00
C PHE C 26 6.84 8.36 -2.68
N SER C 27 6.18 9.45 -2.28
CA SER C 27 6.45 10.76 -2.87
C SER C 27 7.96 11.07 -2.88
N GLN C 28 8.66 10.59 -1.85
CA GLN C 28 10.11 10.78 -1.76
C GLN C 28 10.86 9.67 -2.49
N TYR C 29 10.47 8.42 -2.29
CA TYR C 29 11.15 7.32 -2.95
C TYR C 29 10.97 7.39 -4.47
N LYS C 30 9.96 8.14 -4.90
CA LYS C 30 9.66 8.31 -6.32
C LYS C 30 10.87 8.89 -7.07
N LYS C 31 11.71 9.63 -6.36
CA LYS C 31 12.90 10.19 -6.97
C LYS C 31 14.13 9.42 -6.50
N VAL C 32 13.90 8.14 -6.26
CA VAL C 32 14.92 7.22 -5.79
C VAL C 32 14.98 5.97 -6.69
N GLU C 33 13.86 5.67 -7.36
CA GLU C 33 13.77 4.50 -8.26
C GLU C 33 14.67 4.62 -9.49
N LEU C 34 14.40 5.67 -10.26
CA LEU C 34 15.06 5.99 -11.52
C LEU C 34 16.59 5.99 -11.46
N PHE C 35 17.13 6.63 -10.43
CA PHE C 35 18.60 6.77 -10.29
C PHE C 35 19.37 5.45 -10.46
N PRO C 36 19.23 4.48 -9.54
CA PRO C 36 19.95 3.21 -9.61
C PRO C 36 19.59 2.34 -10.80
N ASN C 37 20.27 1.22 -10.92
CA ASN C 37 20.03 0.27 -12.00
C ASN C 37 20.70 -1.06 -11.69
N GLY C 38 20.18 -2.14 -12.25
CA GLY C 38 20.75 -3.45 -12.01
C GLY C 38 22.13 -3.61 -12.62
N GLY C 39 23.05 -4.16 -11.84
CA GLY C 39 24.41 -4.35 -12.31
C GLY C 39 25.21 -5.19 -11.34
N ILE C 40 26.18 -4.56 -10.70
CA ILE C 40 27.03 -5.24 -9.72
C ILE C 40 27.30 -4.31 -8.53
N GLY A 1 -26.25 -10.33 -1.06
CA GLY A 1 -26.85 -10.60 0.27
C GLY A 1 -25.81 -10.83 1.33
N LEU A 2 -26.11 -11.71 2.30
CA LEU A 2 -25.18 -12.01 3.40
C LEU A 2 -23.84 -12.54 2.87
N PRO A 3 -23.84 -13.63 2.07
CA PRO A 3 -22.61 -14.22 1.54
C PRO A 3 -21.62 -13.17 1.02
N ASP A 4 -22.16 -12.22 0.27
CA ASP A 4 -21.36 -11.14 -0.31
C ASP A 4 -20.66 -10.32 0.76
N VAL A 5 -21.40 -10.04 1.82
CA VAL A 5 -20.88 -9.27 2.95
C VAL A 5 -19.70 -9.97 3.59
N ALA A 6 -19.87 -11.25 3.92
CA ALA A 6 -18.80 -12.04 4.53
C ALA A 6 -17.65 -12.26 3.56
N SER A 7 -17.97 -12.38 2.28
CA SER A 7 -16.95 -12.56 1.25
C SER A 7 -16.14 -11.28 1.13
N LEU A 8 -16.70 -10.18 1.58
CA LEU A 8 -16.00 -8.91 1.53
C LEU A 8 -14.94 -8.86 2.63
N ARG A 9 -15.18 -9.58 3.72
CA ARG A 9 -14.22 -9.62 4.83
C ARG A 9 -12.91 -10.23 4.34
N GLN A 10 -13.04 -11.32 3.58
CA GLN A 10 -11.87 -12.00 3.01
C GLN A 10 -11.19 -11.12 1.97
N GLN A 11 -11.98 -10.38 1.20
CA GLN A 11 -11.43 -9.48 0.19
C GLN A 11 -10.60 -8.39 0.88
N VAL A 12 -11.05 -8.00 2.06
CA VAL A 12 -10.36 -7.01 2.86
C VAL A 12 -9.06 -7.56 3.43
N GLU A 13 -9.08 -8.85 3.77
CA GLU A 13 -7.88 -9.52 4.30
C GLU A 13 -6.83 -9.59 3.21
N ALA A 14 -7.31 -9.58 1.97
CA ALA A 14 -6.45 -9.60 0.80
C ALA A 14 -5.72 -8.29 0.69
N LEU A 15 -6.50 -7.21 0.70
CA LEU A 15 -5.99 -5.85 0.63
C LEU A 15 -4.98 -5.60 1.75
N GLN A 16 -5.26 -6.21 2.90
CA GLN A 16 -4.41 -6.08 4.08
C GLN A 16 -3.10 -6.83 3.89
N GLY A 17 -3.17 -8.03 3.36
CA GLY A 17 -1.97 -8.82 3.12
C GLY A 17 -1.01 -8.12 2.17
N GLN A 18 -1.56 -7.35 1.25
CA GLN A 18 -0.75 -6.61 0.29
C GLN A 18 -0.11 -5.40 0.93
N VAL A 19 -0.85 -4.69 1.75
CA VAL A 19 -0.33 -3.50 2.39
C VAL A 19 0.66 -3.85 3.51
N GLN A 20 0.48 -5.03 4.11
CA GLN A 20 1.37 -5.46 5.18
C GLN A 20 2.73 -5.88 4.62
N HIS A 21 2.72 -6.58 3.47
CA HIS A 21 3.99 -7.00 2.89
C HIS A 21 4.64 -5.86 2.13
N LEU A 22 3.84 -4.87 1.76
CA LEU A 22 4.39 -3.73 1.06
C LEU A 22 5.03 -2.79 2.04
N GLN A 23 4.46 -2.71 3.25
CA GLN A 23 5.02 -1.88 4.31
C GLN A 23 6.25 -2.61 4.81
N ALA A 24 6.18 -3.93 4.72
CA ALA A 24 7.26 -4.83 5.12
C ALA A 24 8.51 -4.50 4.31
N ALA A 25 8.39 -4.69 3.00
CA ALA A 25 9.48 -4.41 2.09
C ALA A 25 9.91 -2.95 2.20
N PHE A 26 8.91 -2.08 2.27
CA PHE A 26 9.13 -0.63 2.38
C PHE A 26 10.04 -0.29 3.54
N SER A 27 9.99 -1.05 4.62
CA SER A 27 10.82 -0.78 5.79
C SER A 27 12.29 -0.58 5.39
N GLN A 28 12.72 -1.31 4.36
CA GLN A 28 14.08 -1.21 3.85
C GLN A 28 14.22 -0.03 2.89
N TYR A 29 13.27 0.08 1.97
CA TYR A 29 13.28 1.13 0.96
C TYR A 29 12.98 2.51 1.56
N LYS A 30 12.38 2.50 2.74
CA LYS A 30 12.00 3.70 3.47
C LYS A 30 13.26 4.37 4.03
N LYS A 31 14.31 3.59 4.27
CA LYS A 31 15.57 4.15 4.73
C LYS A 31 16.59 4.13 3.60
N VAL A 32 16.07 4.25 2.38
CA VAL A 32 16.88 4.27 1.19
C VAL A 32 17.16 5.72 0.78
N GLU A 33 16.16 6.59 0.95
CA GLU A 33 16.37 8.00 0.61
C GLU A 33 16.79 8.80 1.82
N LEU A 34 18.06 9.03 1.85
CA LEU A 34 18.72 9.78 2.90
C LEU A 34 20.11 10.19 2.44
N PHE A 35 20.78 9.27 1.72
CA PHE A 35 22.11 9.55 1.19
C PHE A 35 22.02 10.63 0.11
N PRO A 36 21.29 10.38 -1.00
CA PRO A 36 21.14 11.35 -2.09
C PRO A 36 19.92 12.25 -1.93
N ASN A 37 19.70 13.11 -2.91
CA ASN A 37 18.55 14.00 -2.91
C ASN A 37 17.82 13.90 -4.24
N GLY A 38 16.65 13.26 -4.23
CA GLY A 38 15.90 13.09 -5.46
C GLY A 38 15.00 14.27 -5.76
N GLY A 39 14.91 14.63 -7.03
CA GLY A 39 14.08 15.74 -7.42
C GLY A 39 14.87 16.99 -7.73
N ILE A 40 15.79 17.35 -6.84
CA ILE A 40 16.61 18.53 -7.01
C ILE A 40 18.03 18.13 -7.41
N GLY B 1 -27.64 0.86 5.57
CA GLY B 1 -28.42 -0.29 5.04
C GLY B 1 -27.72 -1.00 3.91
N LEU B 2 -28.50 -1.53 2.97
CA LEU B 2 -27.96 -2.23 1.80
C LEU B 2 -27.03 -1.33 0.99
N PRO B 3 -27.52 -0.16 0.49
CA PRO B 3 -26.73 0.77 -0.30
C PRO B 3 -25.32 0.96 0.23
N ASP B 4 -25.24 1.16 1.54
CA ASP B 4 -23.98 1.38 2.21
C ASP B 4 -23.04 0.21 2.01
N VAL B 5 -23.60 -1.00 2.13
CA VAL B 5 -22.85 -2.23 1.98
C VAL B 5 -22.24 -2.32 0.58
N ALA B 6 -23.07 -2.11 -0.44
CA ALA B 6 -22.60 -2.17 -1.82
C ALA B 6 -21.65 -1.01 -2.13
N SER B 7 -21.89 0.13 -1.50
CA SER B 7 -21.03 1.29 -1.69
C SER B 7 -19.66 1.01 -1.06
N LEU B 8 -19.62 0.05 -0.16
CA LEU B 8 -18.37 -0.32 0.48
C LEU B 8 -17.52 -1.14 -0.48
N ARG B 9 -18.17 -1.88 -1.39
CA ARG B 9 -17.46 -2.68 -2.37
C ARG B 9 -16.62 -1.78 -3.26
N GLN B 10 -17.22 -0.66 -3.68
CA GLN B 10 -16.54 0.31 -4.53
C GLN B 10 -15.42 1.00 -3.75
N GLN B 11 -15.66 1.25 -2.46
CA GLN B 11 -14.64 1.87 -1.62
C GLN B 11 -13.44 0.95 -1.50
N VAL B 12 -13.72 -0.35 -1.53
CA VAL B 12 -12.68 -1.37 -1.46
C VAL B 12 -11.91 -1.43 -2.77
N GLU B 13 -12.62 -1.21 -3.88
CA GLU B 13 -11.97 -1.20 -5.20
C GLU B 13 -11.01 -0.03 -5.28
N ALA B 14 -11.31 0.99 -4.49
CA ALA B 14 -10.49 2.19 -4.41
C ALA B 14 -9.18 1.88 -3.72
N LEU B 15 -9.31 1.27 -2.55
CA LEU B 15 -8.16 0.87 -1.74
C LEU B 15 -7.27 -0.08 -2.53
N GLN B 16 -7.90 -0.90 -3.36
CA GLN B 16 -7.21 -1.86 -4.20
C GLN B 16 -6.45 -1.17 -5.32
N GLY B 17 -7.09 -0.20 -5.95
CA GLY B 17 -6.45 0.54 -7.03
C GLY B 17 -5.20 1.24 -6.55
N GLN B 18 -5.21 1.67 -5.30
CA GLN B 18 -4.07 2.36 -4.72
C GLN B 18 -2.94 1.39 -4.41
N VAL B 19 -3.28 0.25 -3.87
CA VAL B 19 -2.26 -0.73 -3.52
C VAL B 19 -1.69 -1.42 -4.76
N GLN B 20 -2.48 -1.49 -5.82
CA GLN B 20 -2.02 -2.13 -7.06
C GLN B 20 -1.04 -1.23 -7.78
N HIS B 21 -1.30 0.08 -7.81
CA HIS B 21 -0.39 0.98 -8.49
C HIS B 21 0.81 1.29 -7.61
N LEU B 22 0.65 1.09 -6.31
CA LEU B 22 1.76 1.33 -5.40
C LEU B 22 2.71 0.15 -5.44
N GLN B 23 2.17 -1.04 -5.64
CA GLN B 23 2.99 -2.23 -5.75
C GLN B 23 3.64 -2.18 -7.13
N ALA B 24 2.90 -1.57 -8.06
CA ALA B 24 3.35 -1.37 -9.42
C ALA B 24 4.63 -0.58 -9.44
N ALA B 25 4.54 0.65 -8.96
CA ALA B 25 5.69 1.54 -8.87
C ALA B 25 6.79 0.89 -8.05
N PHE B 26 6.39 0.29 -6.93
CA PHE B 26 7.30 -0.37 -6.00
C PHE B 26 8.17 -1.40 -6.69
N SER B 27 7.64 -2.05 -7.73
CA SER B 27 8.40 -3.07 -8.45
C SER B 27 9.78 -2.55 -8.84
N GLN B 28 9.87 -1.26 -9.12
CA GLN B 28 11.12 -0.62 -9.50
C GLN B 28 11.92 -0.22 -8.26
N TYR B 29 11.25 0.40 -7.30
CA TYR B 29 11.87 0.86 -6.06
C TYR B 29 12.26 -0.31 -5.15
N LYS B 30 11.65 -1.45 -5.40
CA LYS B 30 11.89 -2.66 -4.62
C LYS B 30 13.26 -3.24 -4.98
N LYS B 31 13.75 -2.93 -6.18
CA LYS B 31 15.08 -3.38 -6.58
C LYS B 31 16.03 -2.18 -6.59
N VAL B 32 15.74 -1.23 -5.71
CA VAL B 32 16.54 -0.03 -5.55
C VAL B 32 17.54 -0.22 -4.42
N GLU B 33 17.13 -0.90 -3.35
CA GLU B 33 18.05 -1.13 -2.25
C GLU B 33 18.72 -2.48 -2.37
N LEU B 34 19.92 -2.41 -2.86
CA LEU B 34 20.79 -3.56 -3.09
C LEU B 34 22.22 -3.07 -3.23
N PHE B 35 22.38 -1.96 -3.96
CA PHE B 35 23.70 -1.36 -4.15
C PHE B 35 24.27 -0.87 -2.82
N PRO B 36 23.60 0.11 -2.16
CA PRO B 36 24.06 0.66 -0.88
C PRO B 36 23.47 -0.09 0.32
N ASN B 37 23.74 0.43 1.51
CA ASN B 37 23.24 -0.13 2.74
C ASN B 37 22.66 0.97 3.61
N GLY B 38 21.33 1.06 3.68
CA GLY B 38 20.71 2.10 4.47
C GLY B 38 20.57 1.72 5.94
N GLY B 39 20.78 2.68 6.81
CA GLY B 39 20.65 2.43 8.24
C GLY B 39 22.00 2.31 8.92
N ILE B 40 22.90 1.53 8.35
CA ILE B 40 24.22 1.34 8.90
C ILE B 40 25.26 2.08 8.05
N GLY C 1 -23.66 -9.92 11.72
CA GLY C 1 -24.88 -9.10 11.49
C GLY C 1 -24.54 -7.68 11.12
N LEU C 2 -25.41 -6.75 11.52
CA LEU C 2 -25.21 -5.33 11.23
C LEU C 2 -23.90 -4.82 11.83
N PRO C 3 -23.67 -4.97 13.17
CA PRO C 3 -22.46 -4.50 13.83
C PRO C 3 -21.19 -4.82 13.05
N ASP C 4 -21.12 -6.06 12.56
CA ASP C 4 -19.96 -6.54 11.80
C ASP C 4 -19.78 -5.72 10.54
N VAL C 5 -20.88 -5.43 9.87
CA VAL C 5 -20.86 -4.63 8.64
C VAL C 5 -20.27 -3.24 8.91
N ALA C 6 -20.79 -2.57 9.92
CA ALA C 6 -20.31 -1.23 10.26
C ALA C 6 -18.88 -1.27 10.80
N SER C 7 -18.54 -2.36 11.48
CA SER C 7 -17.20 -2.51 12.02
C SER C 7 -16.22 -2.72 10.87
N LEU C 8 -16.75 -3.14 9.73
CA LEU C 8 -15.92 -3.33 8.57
C LEU C 8 -15.55 -2.00 7.94
N ARG C 9 -16.40 -0.99 8.13
CA ARG C 9 -16.13 0.35 7.59
C ARG C 9 -14.89 0.90 8.25
N GLN C 10 -14.79 0.72 9.58
CA GLN C 10 -13.64 1.19 10.34
C GLN C 10 -12.39 0.38 9.97
N GLN C 11 -12.58 -0.91 9.70
CA GLN C 11 -11.45 -1.77 9.31
C GLN C 11 -10.90 -1.27 7.98
N VAL C 12 -11.79 -0.77 7.14
CA VAL C 12 -11.43 -0.24 5.84
C VAL C 12 -10.70 1.09 5.98
N GLU C 13 -11.11 1.88 6.98
CA GLU C 13 -10.45 3.16 7.25
C GLU C 13 -9.02 2.91 7.70
N ALA C 14 -8.82 1.74 8.29
CA ALA C 14 -7.51 1.30 8.75
C ALA C 14 -6.60 1.04 7.56
N LEU C 15 -7.12 0.21 6.66
CA LEU C 15 -6.40 -0.15 5.43
C LEU C 15 -6.06 1.10 4.63
N GLN C 16 -6.97 2.07 4.70
CA GLN C 16 -6.79 3.33 4.00
C GLN C 16 -5.70 4.16 4.64
N GLY C 17 -5.69 4.22 5.96
CA GLY C 17 -4.68 4.99 6.66
C GLY C 17 -3.28 4.48 6.38
N GLN C 18 -3.17 3.19 6.15
CA GLN C 18 -1.89 2.57 5.85
C GLN C 18 -1.44 2.88 4.43
N VAL C 19 -2.37 2.82 3.50
CA VAL C 19 -2.03 3.09 2.10
C VAL C 19 -1.80 4.57 1.86
N GLN C 20 -2.42 5.43 2.66
CA GLN C 20 -2.27 6.87 2.50
C GLN C 20 -0.91 7.31 3.02
N HIS C 21 -0.46 6.76 4.15
CA HIS C 21 0.84 7.14 4.68
C HIS C 21 1.95 6.42 3.95
N LEU C 22 1.61 5.31 3.29
CA LEU C 22 2.60 4.59 2.52
C LEU C 22 2.83 5.27 1.20
N GLN C 23 1.76 5.85 0.64
CA GLN C 23 1.86 6.59 -0.60
C GLN C 23 2.56 7.91 -0.29
N ALA C 24 2.31 8.35 0.94
CA ALA C 24 2.90 9.57 1.48
C ALA C 24 4.40 9.46 1.45
N ALA C 25 4.92 8.50 2.22
CA ALA C 25 6.34 8.25 2.28
C ALA C 25 6.89 7.96 0.89
N PHE C 26 6.15 7.14 0.15
CA PHE C 26 6.53 6.74 -1.21
C PHE C 26 6.80 7.92 -2.11
N SER C 27 6.11 9.04 -1.89
CA SER C 27 6.31 10.21 -2.73
C SER C 27 7.79 10.56 -2.82
N GLN C 28 8.52 10.32 -1.76
CA GLN C 28 9.95 10.60 -1.73
C GLN C 28 10.73 9.45 -2.37
N TYR C 29 10.39 8.23 -1.99
CA TYR C 29 11.07 7.04 -2.49
C TYR C 29 10.74 6.76 -3.97
N LYS C 30 9.65 7.36 -4.43
CA LYS C 30 9.18 7.21 -5.79
C LYS C 30 10.09 8.01 -6.75
N LYS C 31 10.75 9.03 -6.23
CA LYS C 31 11.69 9.81 -7.02
C LYS C 31 13.12 9.48 -6.59
N VAL C 32 13.27 8.26 -6.09
CA VAL C 32 14.56 7.77 -5.65
C VAL C 32 15.25 7.00 -6.77
N GLU C 33 14.46 6.26 -7.57
CA GLU C 33 15.04 5.53 -8.66
C GLU C 33 14.92 6.31 -9.95
N LEU C 34 16.03 6.87 -10.29
CA LEU C 34 16.18 7.67 -11.48
C LEU C 34 17.65 7.92 -11.76
N PHE C 35 18.44 8.04 -10.69
CA PHE C 35 19.88 8.24 -10.81
C PHE C 35 20.53 6.94 -11.31
N PRO C 36 20.41 5.83 -10.54
CA PRO C 36 20.99 4.54 -10.91
C PRO C 36 20.01 3.68 -11.70
N ASN C 37 20.42 2.45 -11.97
CA ASN C 37 19.59 1.50 -12.69
C ASN C 37 19.59 0.15 -11.96
N GLY C 38 18.49 -0.16 -11.28
CA GLY C 38 18.42 -1.41 -10.55
C GLY C 38 18.00 -2.57 -11.41
N GLY C 39 18.59 -3.74 -11.18
CA GLY C 39 18.25 -4.92 -11.96
C GLY C 39 19.29 -5.25 -13.01
N ILE C 40 19.72 -4.23 -13.75
CA ILE C 40 20.73 -4.43 -14.78
C ILE C 40 22.04 -3.78 -14.36
N GLY A 1 -27.25 -10.57 3.23
CA GLY A 1 -27.22 -11.02 4.65
C GLY A 1 -25.82 -11.09 5.20
N LEU A 2 -25.61 -11.86 6.27
CA LEU A 2 -24.29 -12.01 6.86
C LEU A 2 -23.27 -12.52 5.83
N PRO A 3 -23.54 -13.66 5.16
CA PRO A 3 -22.65 -14.26 4.17
C PRO A 3 -22.00 -13.24 3.24
N ASP A 4 -22.80 -12.32 2.71
CA ASP A 4 -22.33 -11.29 1.79
C ASP A 4 -21.34 -10.36 2.49
N VAL A 5 -21.74 -9.89 3.67
CA VAL A 5 -20.90 -9.00 4.47
C VAL A 5 -19.60 -9.69 4.87
N ALA A 6 -19.71 -10.87 5.46
CA ALA A 6 -18.54 -11.63 5.91
C ALA A 6 -17.65 -12.04 4.74
N SER A 7 -18.24 -12.27 3.58
CA SER A 7 -17.47 -12.65 2.40
C SER A 7 -16.53 -11.51 2.03
N LEU A 8 -16.96 -10.29 2.31
CA LEU A 8 -16.14 -9.14 2.02
C LEU A 8 -14.96 -9.03 2.96
N ARG A 9 -15.08 -9.58 4.17
CA ARG A 9 -13.97 -9.55 5.13
C ARG A 9 -12.84 -10.44 4.62
N GLN A 10 -13.16 -11.39 3.74
CA GLN A 10 -12.15 -12.28 3.18
C GLN A 10 -11.36 -11.51 2.15
N GLN A 11 -12.09 -10.71 1.37
CA GLN A 11 -11.48 -9.88 0.35
C GLN A 11 -10.67 -8.76 0.98
N VAL A 12 -11.02 -8.36 2.21
CA VAL A 12 -10.27 -7.32 2.89
C VAL A 12 -8.98 -7.89 3.46
N GLU A 13 -9.00 -9.14 3.90
CA GLU A 13 -7.79 -9.79 4.40
C GLU A 13 -6.80 -9.92 3.26
N ALA A 14 -7.36 -10.16 2.08
CA ALA A 14 -6.59 -10.28 0.86
C ALA A 14 -5.82 -9.01 0.56
N LEU A 15 -6.59 -7.93 0.41
CA LEU A 15 -6.03 -6.62 0.10
C LEU A 15 -5.04 -6.15 1.15
N GLN A 16 -5.34 -6.43 2.41
CA GLN A 16 -4.44 -6.02 3.49
C GLN A 16 -3.17 -6.84 3.47
N GLY A 17 -3.22 -8.02 2.88
CA GLY A 17 -2.03 -8.84 2.77
C GLY A 17 -1.02 -8.22 1.82
N GLN A 18 -1.54 -7.52 0.82
CA GLN A 18 -0.71 -6.86 -0.16
C GLN A 18 -0.04 -5.64 0.45
N VAL A 19 -0.82 -4.82 1.09
CA VAL A 19 -0.28 -3.60 1.67
C VAL A 19 0.63 -3.89 2.88
N GLN A 20 0.40 -5.03 3.55
CA GLN A 20 1.23 -5.40 4.69
C GLN A 20 2.62 -5.83 4.22
N HIS A 21 2.68 -6.62 3.13
CA HIS A 21 3.98 -7.05 2.63
C HIS A 21 4.65 -5.89 1.89
N LEU A 22 3.85 -4.89 1.50
CA LEU A 22 4.40 -3.71 0.84
C LEU A 22 5.11 -2.85 1.86
N GLN A 23 4.52 -2.75 3.04
CA GLN A 23 5.11 -2.00 4.13
C GLN A 23 6.36 -2.75 4.60
N ALA A 24 6.26 -4.08 4.53
CA ALA A 24 7.35 -4.98 4.89
C ALA A 24 8.61 -4.63 4.11
N ALA A 25 8.51 -4.78 2.79
CA ALA A 25 9.62 -4.47 1.89
C ALA A 25 10.02 -3.01 2.04
N PHE A 26 9.03 -2.14 2.17
CA PHE A 26 9.24 -0.69 2.30
C PHE A 26 10.17 -0.35 3.46
N SER A 27 10.15 -1.17 4.50
CA SER A 27 11.01 -0.93 5.67
C SER A 27 12.48 -0.89 5.26
N GLN A 28 12.81 -1.66 4.23
CA GLN A 28 14.17 -1.72 3.73
C GLN A 28 14.42 -0.65 2.66
N TYR A 29 13.36 -0.06 2.13
CA TYR A 29 13.49 0.98 1.11
C TYR A 29 13.34 2.36 1.73
N LYS A 30 12.81 2.35 2.94
CA LYS A 30 12.56 3.57 3.71
C LYS A 30 13.88 4.27 4.05
N LYS A 31 14.94 3.50 4.26
CA LYS A 31 16.23 4.10 4.57
C LYS A 31 17.13 4.11 3.33
N VAL A 32 16.53 4.07 2.16
CA VAL A 32 17.26 4.07 0.90
C VAL A 32 17.48 5.48 0.35
N GLU A 33 16.58 6.39 0.69
CA GLU A 33 16.66 7.78 0.21
C GLU A 33 17.91 8.49 0.74
N LEU A 34 17.91 8.76 2.04
CA LEU A 34 18.99 9.48 2.72
C LEU A 34 20.42 9.09 2.32
N PHE A 35 20.66 7.79 2.09
CA PHE A 35 22.01 7.28 1.74
C PHE A 35 22.74 8.20 0.74
N PRO A 36 22.35 8.23 -0.54
CA PRO A 36 23.00 9.09 -1.54
C PRO A 36 22.55 10.54 -1.46
N ASN A 37 23.14 11.38 -2.29
CA ASN A 37 22.76 12.79 -2.31
C ASN A 37 22.04 13.09 -3.62
N GLY A 38 20.72 12.98 -3.58
CA GLY A 38 19.93 13.21 -4.77
C GLY A 38 19.86 14.68 -5.16
N GLY A 39 19.52 14.93 -6.42
CA GLY A 39 19.43 16.29 -6.91
C GLY A 39 20.16 16.46 -8.22
N ILE A 40 21.48 16.41 -8.17
CA ILE A 40 22.31 16.55 -9.35
C ILE A 40 23.09 15.26 -9.60
N GLY B 1 -28.98 -3.07 4.02
CA GLY B 1 -29.29 -4.15 3.04
C GLY B 1 -28.17 -4.36 2.06
N LEU B 2 -28.48 -4.94 0.88
CA LEU B 2 -27.46 -5.17 -0.13
C LEU B 2 -26.77 -3.86 -0.55
N PRO B 3 -27.56 -2.83 -0.98
CA PRO B 3 -27.01 -1.55 -1.43
C PRO B 3 -25.86 -1.04 -0.57
N ASP B 4 -26.03 -1.08 0.74
CA ASP B 4 -25.01 -0.62 1.69
C ASP B 4 -23.75 -1.46 1.58
N VAL B 5 -23.94 -2.78 1.62
CA VAL B 5 -22.83 -3.73 1.52
C VAL B 5 -22.10 -3.57 0.19
N ALA B 6 -22.86 -3.62 -0.90
CA ALA B 6 -22.29 -3.50 -2.24
C ALA B 6 -21.64 -2.13 -2.47
N SER B 7 -22.17 -1.11 -1.82
CA SER B 7 -21.60 0.23 -1.95
C SER B 7 -20.19 0.24 -1.40
N LEU B 8 -19.95 -0.62 -0.43
CA LEU B 8 -18.64 -0.70 0.18
C LEU B 8 -17.65 -1.40 -0.75
N ARG B 9 -18.14 -2.25 -1.64
CA ARG B 9 -17.25 -2.94 -2.58
C ARG B 9 -16.70 -1.92 -3.59
N GLN B 10 -17.39 -0.78 -3.72
CA GLN B 10 -16.94 0.26 -4.64
C GLN B 10 -15.78 1.00 -3.99
N GLN B 11 -15.92 1.22 -2.69
CA GLN B 11 -14.90 1.89 -1.92
C GLN B 11 -13.69 0.98 -1.77
N VAL B 12 -13.89 -0.34 -1.84
CA VAL B 12 -12.77 -1.26 -1.73
C VAL B 12 -11.99 -1.31 -3.03
N GLU B 13 -12.70 -1.18 -4.17
CA GLU B 13 -12.02 -1.16 -5.47
C GLU B 13 -11.16 0.09 -5.55
N ALA B 14 -11.66 1.15 -4.92
CA ALA B 14 -10.98 2.42 -4.85
C ALA B 14 -9.65 2.29 -4.13
N LEU B 15 -9.73 1.84 -2.89
CA LEU B 15 -8.55 1.65 -2.04
C LEU B 15 -7.55 0.68 -2.65
N GLN B 16 -8.05 -0.38 -3.26
CA GLN B 16 -7.16 -1.37 -3.87
C GLN B 16 -6.48 -0.79 -5.10
N GLY B 17 -7.09 0.22 -5.72
CA GLY B 17 -6.47 0.84 -6.87
C GLY B 17 -5.23 1.62 -6.45
N GLN B 18 -5.23 2.11 -5.24
CA GLN B 18 -4.11 2.86 -4.71
C GLN B 18 -2.95 1.94 -4.38
N VAL B 19 -3.24 0.88 -3.68
CA VAL B 19 -2.22 -0.06 -3.29
C VAL B 19 -1.68 -0.85 -4.50
N GLN B 20 -2.51 -1.02 -5.52
CA GLN B 20 -2.09 -1.73 -6.73
C GLN B 20 -1.09 -0.89 -7.52
N HIS B 21 -1.35 0.41 -7.64
CA HIS B 21 -0.42 1.27 -8.38
C HIS B 21 0.81 1.54 -7.51
N LEU B 22 0.66 1.36 -6.20
CA LEU B 22 1.78 1.54 -5.28
C LEU B 22 2.75 0.39 -5.45
N GLN B 23 2.21 -0.81 -5.61
CA GLN B 23 3.03 -2.00 -5.83
C GLN B 23 3.66 -1.89 -7.21
N ALA B 24 2.91 -1.29 -8.12
CA ALA B 24 3.35 -1.05 -9.49
C ALA B 24 4.66 -0.30 -9.50
N ALA B 25 4.62 0.92 -8.97
CA ALA B 25 5.79 1.77 -8.88
C ALA B 25 6.87 1.10 -8.06
N PHE B 26 6.46 0.45 -6.98
CA PHE B 26 7.36 -0.25 -6.06
C PHE B 26 8.24 -1.27 -6.78
N SER B 27 7.74 -1.86 -7.87
CA SER B 27 8.50 -2.86 -8.62
C SER B 27 9.80 -2.25 -9.14
N GLN B 28 9.79 -0.95 -9.40
CA GLN B 28 10.95 -0.23 -9.89
C GLN B 28 11.80 0.31 -8.73
N TYR B 29 11.24 0.34 -7.53
CA TYR B 29 11.96 0.82 -6.37
C TYR B 29 12.48 -0.34 -5.54
N LYS B 30 11.93 -1.50 -5.81
CA LYS B 30 12.28 -2.74 -5.13
C LYS B 30 13.73 -3.11 -5.41
N LYS B 31 14.23 -2.78 -6.59
CA LYS B 31 15.61 -3.10 -6.93
C LYS B 31 16.50 -1.85 -6.81
N VAL B 32 16.06 -0.89 -6.00
CA VAL B 32 16.79 0.35 -5.81
C VAL B 32 17.74 0.29 -4.60
N GLU B 33 17.40 -0.56 -3.63
CA GLU B 33 18.22 -0.70 -2.42
C GLU B 33 19.61 -1.25 -2.72
N LEU B 34 19.64 -2.52 -3.13
CA LEU B 34 20.87 -3.26 -3.41
C LEU B 34 21.93 -2.50 -4.23
N PHE B 35 21.49 -1.71 -5.22
CA PHE B 35 22.40 -0.95 -6.10
C PHE B 35 23.59 -0.32 -5.33
N PRO B 36 23.37 0.74 -4.53
CA PRO B 36 24.46 1.38 -3.77
C PRO B 36 24.81 0.61 -2.51
N ASN B 37 25.79 1.10 -1.77
CA ASN B 37 26.18 0.47 -0.53
C ASN B 37 25.82 1.37 0.64
N GLY B 38 24.63 1.17 1.18
CA GLY B 38 24.17 1.98 2.28
C GLY B 38 24.89 1.68 3.58
N GLY B 39 24.86 2.65 4.49
CA GLY B 39 25.52 2.49 5.77
C GLY B 39 26.35 3.71 6.13
N ILE B 40 27.43 3.93 5.40
CA ILE B 40 28.31 5.07 5.62
C ILE B 40 28.36 5.94 4.38
N GLY C 1 -26.67 -7.16 10.14
CA GLY C 1 -27.41 -5.89 9.92
C GLY C 1 -26.47 -4.75 9.61
N LEU C 2 -26.92 -3.54 9.89
CA LEU C 2 -26.12 -2.34 9.65
C LEU C 2 -24.84 -2.34 10.49
N PRO C 3 -24.95 -2.50 11.83
CA PRO C 3 -23.79 -2.51 12.73
C PRO C 3 -22.60 -3.29 12.17
N ASP C 4 -22.88 -4.49 11.65
CA ASP C 4 -21.86 -5.36 11.07
C ASP C 4 -21.21 -4.70 9.86
N VAL C 5 -22.04 -4.24 8.94
CA VAL C 5 -21.58 -3.57 7.73
C VAL C 5 -20.77 -2.33 8.06
N ALA C 6 -21.35 -1.44 8.87
CA ALA C 6 -20.68 -0.20 9.27
C ALA C 6 -19.43 -0.45 10.08
N SER C 7 -19.39 -1.56 10.81
CA SER C 7 -18.22 -1.88 11.61
C SER C 7 -17.05 -2.18 10.69
N LEU C 8 -17.35 -2.66 9.50
CA LEU C 8 -16.32 -2.96 8.54
C LEU C 8 -15.76 -1.67 7.93
N ARG C 9 -16.55 -0.61 7.94
CA ARG C 9 -16.08 0.67 7.41
C ARG C 9 -14.98 1.22 8.31
N GLN C 10 -14.97 0.79 9.57
CA GLN C 10 -13.98 1.23 10.54
C GLN C 10 -12.66 0.52 10.26
N GLN C 11 -12.76 -0.77 9.95
CA GLN C 11 -11.59 -1.59 9.64
C GLN C 11 -11.01 -1.16 8.29
N VAL C 12 -11.86 -0.55 7.49
CA VAL C 12 -11.51 -0.07 6.17
C VAL C 12 -10.73 1.24 6.29
N GLU C 13 -11.16 2.12 7.20
CA GLU C 13 -10.45 3.38 7.45
C GLU C 13 -9.07 3.06 7.98
N ALA C 14 -9.01 1.98 8.74
CA ALA C 14 -7.78 1.50 9.33
C ALA C 14 -6.76 1.13 8.28
N LEU C 15 -7.16 0.20 7.42
CA LEU C 15 -6.31 -0.29 6.35
C LEU C 15 -5.90 0.83 5.40
N GLN C 16 -6.83 1.73 5.09
CA GLN C 16 -6.52 2.83 4.17
C GLN C 16 -5.53 3.79 4.82
N GLY C 17 -5.49 3.81 6.15
CA GLY C 17 -4.55 4.68 6.84
C GLY C 17 -3.12 4.21 6.60
N GLN C 18 -2.97 2.91 6.44
CA GLN C 18 -1.66 2.32 6.19
C GLN C 18 -1.20 2.66 4.78
N VAL C 19 -2.08 2.48 3.79
CA VAL C 19 -1.71 2.77 2.42
C VAL C 19 -1.46 4.25 2.21
N GLN C 20 -2.22 5.09 2.90
CA GLN C 20 -2.09 6.53 2.72
C GLN C 20 -0.75 7.00 3.22
N HIS C 21 -0.28 6.49 4.36
CA HIS C 21 1.01 6.92 4.86
C HIS C 21 2.13 6.23 4.08
N LEU C 22 1.80 5.11 3.42
CA LEU C 22 2.77 4.40 2.59
C LEU C 22 3.03 5.19 1.33
N GLN C 23 1.96 5.74 0.77
CA GLN C 23 2.05 6.55 -0.43
C GLN C 23 2.76 7.85 -0.05
N ALA C 24 2.48 8.28 1.18
CA ALA C 24 3.08 9.48 1.74
C ALA C 24 4.59 9.39 1.67
N ALA C 25 5.14 8.39 2.38
CA ALA C 25 6.56 8.16 2.41
C ALA C 25 7.10 7.89 1.00
N PHE C 26 6.33 7.13 0.22
CA PHE C 26 6.70 6.77 -1.16
C PHE C 26 6.98 7.99 -2.01
N SER C 27 6.30 9.10 -1.73
CA SER C 27 6.50 10.32 -2.51
C SER C 27 7.97 10.76 -2.46
N GLN C 28 8.64 10.43 -1.37
CA GLN C 28 10.05 10.75 -1.18
C GLN C 28 10.96 9.63 -1.70
N TYR C 29 10.40 8.45 -1.93
CA TYR C 29 11.18 7.32 -2.43
C TYR C 29 10.96 7.14 -3.92
N LYS C 30 9.92 7.77 -4.41
CA LYS C 30 9.53 7.69 -5.80
C LYS C 30 10.56 8.39 -6.69
N LYS C 31 11.28 9.38 -6.14
CA LYS C 31 12.32 10.05 -6.92
C LYS C 31 13.71 9.57 -6.48
N VAL C 32 13.76 8.39 -5.89
CA VAL C 32 15.01 7.82 -5.41
C VAL C 32 15.70 6.92 -6.46
N GLU C 33 14.90 6.35 -7.36
CA GLU C 33 15.43 5.47 -8.40
C GLU C 33 16.36 6.19 -9.38
N LEU C 34 15.78 7.08 -10.15
CA LEU C 34 16.48 7.84 -11.19
C LEU C 34 17.84 8.42 -10.78
N PHE C 35 17.94 8.93 -9.53
CA PHE C 35 19.19 9.55 -9.03
C PHE C 35 20.46 8.78 -9.47
N PRO C 36 20.74 7.59 -8.92
CA PRO C 36 21.93 6.82 -9.29
C PRO C 36 21.75 6.08 -10.61
N ASN C 37 22.78 5.36 -11.03
CA ASN C 37 22.71 4.59 -12.25
C ASN C 37 22.77 3.11 -11.92
N GLY C 38 21.59 2.52 -11.71
CA GLY C 38 21.51 1.11 -11.36
C GLY C 38 21.87 0.20 -12.50
N GLY C 39 22.27 -1.02 -12.15
CA GLY C 39 22.64 -2.00 -13.15
C GLY C 39 23.93 -2.69 -12.80
N ILE C 40 25.03 -1.95 -12.88
CA ILE C 40 26.34 -2.48 -12.56
C ILE C 40 26.93 -1.72 -11.37
N GLY A 1 -26.04 -8.56 -0.12
CA GLY A 1 -26.60 -8.84 1.22
C GLY A 1 -25.54 -9.31 2.20
N LEU A 2 -25.96 -10.09 3.20
CA LEU A 2 -25.04 -10.63 4.21
C LEU A 2 -23.91 -11.45 3.57
N PRO A 3 -24.24 -12.49 2.76
CA PRO A 3 -23.24 -13.34 2.12
C PRO A 3 -22.10 -12.52 1.50
N ASP A 4 -22.49 -11.48 0.75
CA ASP A 4 -21.53 -10.60 0.07
C ASP A 4 -20.57 -9.96 1.06
N VAL A 5 -21.07 -9.67 2.25
CA VAL A 5 -20.26 -9.05 3.29
C VAL A 5 -19.10 -9.97 3.67
N ALA A 6 -19.39 -11.26 3.89
CA ALA A 6 -18.36 -12.23 4.23
C ALA A 6 -17.41 -12.45 3.06
N SER A 7 -17.93 -12.35 1.84
CA SER A 7 -17.12 -12.51 0.65
C SER A 7 -16.20 -11.30 0.50
N LEU A 8 -16.60 -10.20 1.09
CA LEU A 8 -15.79 -9.00 1.06
C LEU A 8 -14.66 -9.16 2.06
N ARG A 9 -14.87 -10.03 3.04
CA ARG A 9 -13.89 -10.31 4.07
C ARG A 9 -12.66 -10.96 3.44
N GLN A 10 -12.90 -11.90 2.54
CA GLN A 10 -11.84 -12.62 1.86
C GLN A 10 -11.10 -11.72 0.88
N GLN A 11 -11.86 -10.98 0.06
CA GLN A 11 -11.25 -10.08 -0.91
C GLN A 11 -10.42 -9.00 -0.21
N VAL A 12 -10.94 -8.52 0.90
CA VAL A 12 -10.28 -7.49 1.70
C VAL A 12 -9.09 -8.06 2.44
N GLU A 13 -9.13 -9.35 2.73
CA GLU A 13 -8.02 -10.00 3.41
C GLU A 13 -6.81 -10.02 2.48
N ALA A 14 -7.13 -10.15 1.20
CA ALA A 14 -6.13 -10.16 0.15
C ALA A 14 -5.46 -8.81 0.05
N LEU A 15 -6.26 -7.79 -0.23
CA LEU A 15 -5.78 -6.43 -0.38
C LEU A 15 -5.05 -5.93 0.86
N GLN A 16 -5.53 -6.32 2.04
CA GLN A 16 -4.89 -5.88 3.28
C GLN A 16 -3.54 -6.58 3.47
N GLY A 17 -3.44 -7.81 2.95
CA GLY A 17 -2.18 -8.53 3.05
C GLY A 17 -1.12 -7.83 2.23
N GLN A 18 -1.57 -7.18 1.17
CA GLN A 18 -0.69 -6.44 0.30
C GLN A 18 -0.17 -5.18 1.00
N VAL A 19 -1.06 -4.41 1.62
CA VAL A 19 -0.64 -3.19 2.30
C VAL A 19 0.31 -3.48 3.44
N GLN A 20 -0.01 -4.50 4.24
CA GLN A 20 0.81 -4.83 5.38
C GLN A 20 2.23 -5.18 4.96
N HIS A 21 2.37 -5.96 3.89
CA HIS A 21 3.71 -6.33 3.46
C HIS A 21 4.37 -5.20 2.66
N LEU A 22 3.58 -4.21 2.22
CA LEU A 22 4.16 -3.07 1.50
C LEU A 22 4.85 -2.16 2.49
N GLN A 23 4.21 -1.93 3.63
CA GLN A 23 4.78 -1.11 4.68
C GLN A 23 5.97 -1.86 5.25
N ALA A 24 5.80 -3.18 5.37
CA ALA A 24 6.84 -4.06 5.85
C ALA A 24 8.10 -3.88 5.01
N ALA A 25 7.90 -3.88 3.70
CA ALA A 25 8.99 -3.69 2.77
C ALA A 25 9.61 -2.31 2.96
N PHE A 26 8.76 -1.28 3.05
CA PHE A 26 9.23 0.10 3.25
C PHE A 26 10.21 0.19 4.41
N SER A 27 10.12 -0.73 5.36
CA SER A 27 11.02 -0.73 6.52
C SER A 27 12.49 -0.61 6.10
N GLN A 28 12.83 -1.11 4.92
CA GLN A 28 14.19 -1.03 4.42
C GLN A 28 14.34 -0.04 3.27
N TYR A 29 13.23 0.45 2.71
CA TYR A 29 13.31 1.45 1.64
C TYR A 29 13.19 2.84 2.22
N LYS A 30 12.60 2.92 3.42
CA LYS A 30 12.38 4.20 4.09
C LYS A 30 13.69 4.94 4.35
N LYS A 31 14.81 4.20 4.35
CA LYS A 31 16.10 4.82 4.55
C LYS A 31 16.85 4.93 3.23
N VAL A 32 16.09 5.13 2.16
CA VAL A 32 16.63 5.24 0.81
C VAL A 32 16.20 6.55 0.15
N GLU A 33 15.07 7.09 0.61
CA GLU A 33 14.49 8.33 0.10
C GLU A 33 15.40 9.54 0.27
N LEU A 34 16.04 9.62 1.43
CA LEU A 34 16.88 10.74 1.80
C LEU A 34 17.98 11.05 0.81
N PHE A 35 18.96 10.18 0.84
CA PHE A 35 20.18 10.33 0.06
C PHE A 35 20.34 9.43 -1.19
N PRO A 36 19.39 9.40 -2.14
CA PRO A 36 19.55 8.61 -3.38
C PRO A 36 20.71 9.16 -4.22
N ASN A 37 21.04 8.51 -5.32
CA ASN A 37 22.13 9.00 -6.17
C ASN A 37 21.58 9.50 -7.50
N GLY A 38 21.07 10.72 -7.50
CA GLY A 38 20.53 11.28 -8.73
C GLY A 38 21.49 12.25 -9.38
N GLY A 39 22.75 11.84 -9.48
CA GLY A 39 23.75 12.70 -10.09
C GLY A 39 24.10 12.28 -11.50
N ILE A 40 25.08 11.39 -11.62
CA ILE A 40 25.51 10.90 -12.93
C ILE A 40 24.99 9.50 -13.19
N GLY B 1 -26.66 -0.55 6.34
CA GLY B 1 -27.40 -1.74 5.84
C GLY B 1 -26.82 -2.25 4.53
N LEU B 2 -27.66 -2.87 3.70
CA LEU B 2 -27.22 -3.42 2.41
C LEU B 2 -26.62 -2.32 1.52
N PRO B 3 -27.35 -1.22 1.23
CA PRO B 3 -26.87 -0.13 0.37
C PRO B 3 -25.44 0.28 0.70
N ASP B 4 -25.17 0.44 2.00
CA ASP B 4 -23.86 0.84 2.50
C ASP B 4 -22.77 -0.15 2.11
N VAL B 5 -23.16 -1.42 2.02
CA VAL B 5 -22.24 -2.48 1.62
C VAL B 5 -21.73 -2.24 0.21
N ALA B 6 -22.66 -1.95 -0.71
CA ALA B 6 -22.30 -1.68 -2.09
C ALA B 6 -21.52 -0.38 -2.21
N SER B 7 -21.82 0.57 -1.34
CA SER B 7 -21.11 1.84 -1.35
C SER B 7 -19.69 1.63 -0.82
N LEU B 8 -19.52 0.57 -0.05
CA LEU B 8 -18.21 0.24 0.46
C LEU B 8 -17.40 -0.41 -0.64
N ARG B 9 -18.12 -0.96 -1.61
CA ARG B 9 -17.50 -1.60 -2.77
C ARG B 9 -16.72 -0.58 -3.58
N GLN B 10 -17.34 0.58 -3.78
CA GLN B 10 -16.74 1.66 -4.55
C GLN B 10 -15.57 2.28 -3.79
N GLN B 11 -15.78 2.60 -2.52
CA GLN B 11 -14.72 3.20 -1.70
C GLN B 11 -13.52 2.26 -1.60
N VAL B 12 -13.80 0.98 -1.47
CA VAL B 12 -12.78 -0.05 -1.37
C VAL B 12 -12.10 -0.29 -2.72
N GLU B 13 -12.81 -0.03 -3.80
CA GLU B 13 -12.23 -0.20 -5.13
C GLU B 13 -11.14 0.85 -5.33
N ALA B 14 -11.37 1.99 -4.71
CA ALA B 14 -10.44 3.10 -4.74
C ALA B 14 -9.17 2.75 -4.00
N LEU B 15 -9.32 2.44 -2.73
CA LEU B 15 -8.20 2.09 -1.87
C LEU B 15 -7.43 0.89 -2.39
N GLN B 16 -8.12 -0.08 -2.96
CA GLN B 16 -7.44 -1.27 -3.48
C GLN B 16 -6.67 -0.93 -4.75
N GLY B 17 -7.17 0.06 -5.50
CA GLY B 17 -6.47 0.48 -6.70
C GLY B 17 -5.14 1.09 -6.34
N GLN B 18 -5.11 1.72 -5.17
CA GLN B 18 -3.90 2.33 -4.67
C GLN B 18 -2.88 1.26 -4.27
N VAL B 19 -3.30 0.25 -3.54
CA VAL B 19 -2.38 -0.79 -3.12
C VAL B 19 -1.80 -1.55 -4.30
N GLN B 20 -2.66 -1.91 -5.25
CA GLN B 20 -2.21 -2.66 -6.42
C GLN B 20 -1.15 -1.91 -7.20
N HIS B 21 -1.32 -0.60 -7.38
CA HIS B 21 -0.33 0.16 -8.13
C HIS B 21 0.87 0.52 -7.26
N LEU B 22 0.74 0.38 -5.93
CA LEU B 22 1.86 0.65 -5.02
C LEU B 22 2.85 -0.50 -5.11
N GLN B 23 2.32 -1.72 -5.14
CA GLN B 23 3.14 -2.91 -5.26
C GLN B 23 3.74 -2.91 -6.67
N ALA B 24 2.91 -2.50 -7.63
CA ALA B 24 3.31 -2.39 -9.01
C ALA B 24 4.55 -1.51 -9.11
N ALA B 25 4.48 -0.37 -8.45
CA ALA B 25 5.59 0.57 -8.42
C ALA B 25 6.79 -0.08 -7.77
N PHE B 26 6.59 -0.73 -6.62
CA PHE B 26 7.69 -1.41 -5.91
C PHE B 26 8.49 -2.32 -6.82
N SER B 27 7.86 -2.82 -7.88
CA SER B 27 8.55 -3.72 -8.82
C SER B 27 9.91 -3.14 -9.27
N GLN B 28 10.01 -1.82 -9.31
CA GLN B 28 11.26 -1.17 -9.70
C GLN B 28 11.98 -0.51 -8.52
N TYR B 29 11.34 -0.43 -7.37
CA TYR B 29 12.00 0.15 -6.19
C TYR B 29 12.55 -0.97 -5.33
N LYS B 30 12.00 -2.16 -5.51
CA LYS B 30 12.40 -3.33 -4.73
C LYS B 30 13.88 -3.65 -4.92
N LYS B 31 14.46 -3.18 -6.01
CA LYS B 31 15.88 -3.39 -6.26
C LYS B 31 16.68 -2.13 -5.96
N VAL B 32 16.22 -1.39 -4.97
CA VAL B 32 16.85 -0.14 -4.58
C VAL B 32 17.20 -0.15 -3.08
N GLU B 33 16.47 -0.98 -2.33
CA GLU B 33 16.64 -1.12 -0.87
C GLU B 33 18.03 -1.63 -0.48
N LEU B 34 18.53 -2.59 -1.25
CA LEU B 34 19.80 -3.25 -0.99
C LEU B 34 20.97 -2.30 -0.85
N PHE B 35 21.37 -1.81 -2.01
CA PHE B 35 22.57 -0.97 -2.16
C PHE B 35 22.35 0.54 -2.37
N PRO B 36 21.58 1.26 -1.52
CA PRO B 36 21.42 2.71 -1.65
C PRO B 36 22.75 3.43 -1.42
N ASN B 37 22.79 4.75 -1.59
CA ASN B 37 24.03 5.49 -1.38
C ASN B 37 23.93 6.38 -0.16
N GLY B 38 24.10 5.78 1.01
CA GLY B 38 24.03 6.55 2.24
C GLY B 38 25.41 6.89 2.78
N GLY B 39 26.28 7.38 1.91
CA GLY B 39 27.62 7.74 2.34
C GLY B 39 27.81 9.23 2.45
N ILE B 40 28.19 9.86 1.35
CA ILE B 40 28.41 11.30 1.33
C ILE B 40 27.26 12.00 0.61
N GLY C 1 -23.63 -9.80 9.81
CA GLY C 1 -24.82 -8.97 9.51
C GLY C 1 -24.49 -7.50 9.42
N LEU C 2 -25.46 -6.64 9.71
CA LEU C 2 -25.26 -5.19 9.68
C LEU C 2 -24.12 -4.75 10.60
N PRO C 3 -24.16 -5.09 11.91
CA PRO C 3 -23.13 -4.69 12.86
C PRO C 3 -21.71 -4.93 12.33
N ASP C 4 -21.51 -6.11 11.74
CA ASP C 4 -20.22 -6.52 11.19
C ASP C 4 -19.76 -5.56 10.08
N VAL C 5 -20.73 -5.01 9.36
CA VAL C 5 -20.45 -4.07 8.28
C VAL C 5 -19.79 -2.82 8.84
N ALA C 6 -20.36 -2.28 9.91
CA ALA C 6 -19.81 -1.08 10.55
C ALA C 6 -18.46 -1.38 11.19
N SER C 7 -18.29 -2.61 11.66
CA SER C 7 -17.04 -3.02 12.27
C SER C 7 -15.97 -3.16 11.19
N LEU C 8 -16.42 -3.39 9.97
CA LEU C 8 -15.51 -3.50 8.87
C LEU C 8 -15.07 -2.10 8.46
N ARG C 9 -15.88 -1.12 8.83
CA ARG C 9 -15.58 0.29 8.56
C ARG C 9 -14.34 0.71 9.31
N GLN C 10 -14.26 0.30 10.57
CA GLN C 10 -13.14 0.63 11.42
C GLN C 10 -11.87 -0.11 10.99
N GLN C 11 -11.99 -1.42 10.76
CA GLN C 11 -10.85 -2.22 10.34
C GLN C 11 -10.30 -1.73 9.00
N VAL C 12 -11.21 -1.35 8.12
CA VAL C 12 -10.87 -0.85 6.80
C VAL C 12 -10.30 0.56 6.88
N GLU C 13 -10.70 1.31 7.90
CA GLU C 13 -10.19 2.68 8.08
C GLU C 13 -8.71 2.58 8.43
N ALA C 14 -8.37 1.51 9.13
CA ALA C 14 -7.01 1.22 9.51
C ALA C 14 -6.14 0.93 8.30
N LEU C 15 -6.54 -0.11 7.57
CA LEU C 15 -5.83 -0.55 6.39
C LEU C 15 -5.73 0.55 5.32
N GLN C 16 -6.77 1.36 5.20
CA GLN C 16 -6.75 2.44 4.21
C GLN C 16 -5.83 3.56 4.65
N GLY C 17 -5.69 3.74 5.97
CA GLY C 17 -4.79 4.76 6.48
C GLY C 17 -3.36 4.39 6.15
N GLN C 18 -3.12 3.08 6.07
CA GLN C 18 -1.81 2.58 5.74
C GLN C 18 -1.48 2.82 4.28
N VAL C 19 -2.38 2.45 3.39
CA VAL C 19 -2.13 2.61 1.98
C VAL C 19 -2.05 4.08 1.55
N GLN C 20 -2.83 4.94 2.19
CA GLN C 20 -2.77 6.37 1.88
C GLN C 20 -1.41 6.96 2.25
N HIS C 21 -0.89 6.61 3.44
CA HIS C 21 0.40 7.16 3.85
C HIS C 21 1.56 6.44 3.14
N LEU C 22 1.28 5.27 2.54
CA LEU C 22 2.32 4.55 1.79
C LEU C 22 2.58 5.26 0.49
N GLN C 23 1.51 5.71 -0.17
CA GLN C 23 1.63 6.44 -1.41
C GLN C 23 2.24 7.81 -1.10
N ALA C 24 1.82 8.35 0.04
CA ALA C 24 2.33 9.62 0.53
C ALA C 24 3.84 9.55 0.64
N ALA C 25 4.32 8.47 1.25
CA ALA C 25 5.73 8.24 1.41
C ALA C 25 6.39 8.13 0.04
N PHE C 26 5.79 7.33 -0.84
CA PHE C 26 6.32 7.14 -2.20
C PHE C 26 6.61 8.47 -2.89
N SER C 27 5.92 9.53 -2.49
CA SER C 27 6.13 10.84 -3.09
C SER C 27 7.61 11.22 -3.14
N GLN C 28 8.39 10.74 -2.18
CA GLN C 28 9.82 11.04 -2.14
C GLN C 28 10.67 9.82 -2.54
N TYR C 29 10.07 8.64 -2.64
CA TYR C 29 10.82 7.45 -3.05
C TYR C 29 10.66 7.25 -4.55
N LYS C 30 9.59 7.80 -5.11
CA LYS C 30 9.29 7.68 -6.53
C LYS C 30 10.42 8.23 -7.40
N LYS C 31 11.25 9.10 -6.85
CA LYS C 31 12.36 9.65 -7.59
C LYS C 31 13.66 9.00 -7.16
N VAL C 32 13.56 7.72 -6.81
CA VAL C 32 14.72 6.94 -6.35
C VAL C 32 14.90 5.66 -7.19
N GLU C 33 13.81 5.19 -7.77
CA GLU C 33 13.78 3.96 -8.59
C GLU C 33 14.70 4.02 -9.81
N LEU C 34 14.67 5.16 -10.47
CA LEU C 34 15.38 5.43 -11.71
C LEU C 34 16.87 5.22 -11.65
N PHE C 35 17.52 6.09 -10.91
CA PHE C 35 18.98 6.08 -10.81
C PHE C 35 19.59 5.60 -9.47
N PRO C 36 19.23 4.43 -8.94
CA PRO C 36 19.84 3.90 -7.71
C PRO C 36 21.34 3.62 -7.92
N ASN C 37 22.05 3.24 -6.88
CA ASN C 37 23.47 2.96 -7.04
C ASN C 37 23.74 1.47 -6.84
N GLY C 38 23.51 0.70 -7.89
CA GLY C 38 23.74 -0.74 -7.82
C GLY C 38 25.05 -1.14 -8.48
N GLY C 39 26.11 -0.42 -8.18
CA GLY C 39 27.41 -0.72 -8.76
C GLY C 39 28.32 -1.44 -7.79
N ILE C 40 29.08 -0.67 -7.01
CA ILE C 40 29.99 -1.23 -6.03
C ILE C 40 29.41 -1.08 -4.63
N GLY A 1 -27.07 -10.19 1.79
CA GLY A 1 -27.11 -11.15 2.90
C GLY A 1 -25.77 -11.27 3.61
N LEU A 2 -25.71 -12.15 4.61
CA LEU A 2 -24.48 -12.37 5.38
C LEU A 2 -23.31 -12.80 4.49
N PRO A 3 -23.45 -13.91 3.73
CA PRO A 3 -22.39 -14.42 2.88
C PRO A 3 -21.80 -13.35 1.95
N ASP A 4 -22.67 -12.46 1.49
CA ASP A 4 -22.27 -11.36 0.61
C ASP A 4 -21.44 -10.33 1.37
N VAL A 5 -21.75 -10.14 2.63
CA VAL A 5 -21.03 -9.21 3.47
C VAL A 5 -19.69 -9.81 3.89
N ALA A 6 -19.72 -11.07 4.36
CA ALA A 6 -18.51 -11.76 4.80
C ALA A 6 -17.60 -12.10 3.62
N SER A 7 -18.16 -12.15 2.41
CA SER A 7 -17.35 -12.42 1.23
C SER A 7 -16.42 -11.23 1.01
N LEU A 8 -16.86 -10.07 1.46
CA LEU A 8 -16.06 -8.88 1.33
C LEU A 8 -14.91 -8.89 2.33
N ARG A 9 -15.05 -9.65 3.41
CA ARG A 9 -13.98 -9.76 4.39
C ARG A 9 -12.80 -10.52 3.79
N GLN A 10 -13.07 -11.31 2.76
CA GLN A 10 -12.02 -12.06 2.10
C GLN A 10 -11.20 -11.09 1.26
N GLN A 11 -11.91 -10.15 0.64
CA GLN A 11 -11.29 -9.13 -0.18
C GLN A 11 -10.50 -8.15 0.69
N VAL A 12 -10.99 -7.90 1.91
CA VAL A 12 -10.29 -6.98 2.80
C VAL A 12 -9.03 -7.62 3.36
N GLU A 13 -9.06 -8.95 3.55
CA GLU A 13 -7.87 -9.65 4.03
C GLU A 13 -6.84 -9.67 2.92
N ALA A 14 -7.34 -9.64 1.69
CA ALA A 14 -6.50 -9.60 0.51
C ALA A 14 -5.75 -8.28 0.47
N LEU A 15 -6.53 -7.20 0.58
CA LEU A 15 -6.02 -5.84 0.57
C LEU A 15 -5.00 -5.62 1.68
N GLN A 16 -5.23 -6.22 2.83
CA GLN A 16 -4.33 -6.05 3.97
C GLN A 16 -3.07 -6.88 3.78
N GLY A 17 -3.15 -7.95 3.02
CA GLY A 17 -1.98 -8.76 2.79
C GLY A 17 -0.98 -8.02 1.92
N GLN A 18 -1.52 -7.29 0.96
CA GLN A 18 -0.71 -6.52 0.04
C GLN A 18 -0.10 -5.30 0.73
N VAL A 19 -0.90 -4.56 1.46
CA VAL A 19 -0.40 -3.36 2.13
C VAL A 19 0.57 -3.72 3.27
N GLN A 20 0.34 -4.85 3.93
CA GLN A 20 1.22 -5.25 5.03
C GLN A 20 2.60 -5.61 4.51
N HIS A 21 2.68 -6.31 3.38
CA HIS A 21 3.99 -6.67 2.85
C HIS A 21 4.61 -5.48 2.13
N LEU A 22 3.78 -4.50 1.73
CA LEU A 22 4.30 -3.30 1.09
C LEU A 22 5.01 -2.45 2.12
N GLN A 23 4.40 -2.33 3.29
CA GLN A 23 4.98 -1.56 4.37
C GLN A 23 6.19 -2.33 4.90
N ALA A 24 6.08 -3.65 4.85
CA ALA A 24 7.13 -4.55 5.27
C ALA A 24 8.40 -4.26 4.50
N ALA A 25 8.28 -4.31 3.18
CA ALA A 25 9.40 -4.03 2.30
C ALA A 25 9.87 -2.61 2.48
N PHE A 26 8.90 -1.69 2.61
CA PHE A 26 9.19 -0.27 2.79
C PHE A 26 10.07 -0.03 4.01
N SER A 27 10.02 -0.93 4.99
CA SER A 27 10.82 -0.78 6.20
C SER A 27 12.30 -0.59 5.84
N GLN A 28 12.68 -1.12 4.68
CA GLN A 28 14.04 -0.98 4.19
C GLN A 28 14.15 0.23 3.27
N TYR A 29 13.29 0.29 2.26
CA TYR A 29 13.30 1.37 1.27
C TYR A 29 12.99 2.73 1.89
N LYS A 30 12.39 2.74 3.07
CA LYS A 30 12.03 3.99 3.73
C LYS A 30 13.30 4.75 4.16
N LYS A 31 14.40 4.02 4.35
CA LYS A 31 15.67 4.65 4.72
C LYS A 31 16.64 4.57 3.55
N VAL A 32 16.08 4.68 2.35
CA VAL A 32 16.87 4.63 1.13
C VAL A 32 17.12 6.05 0.60
N GLU A 33 16.19 6.96 0.79
CA GLU A 33 16.40 8.32 0.33
C GLU A 33 17.04 9.18 1.39
N LEU A 34 18.33 9.13 1.35
CA LEU A 34 19.21 9.88 2.25
C LEU A 34 20.64 9.86 1.72
N PHE A 35 21.02 8.76 1.06
CA PHE A 35 22.35 8.66 0.46
C PHE A 35 22.43 9.59 -0.76
N PRO A 36 21.56 9.38 -1.78
CA PRO A 36 21.56 10.23 -2.97
C PRO A 36 20.85 11.55 -2.71
N ASN A 37 20.82 12.41 -3.72
CA ASN A 37 20.16 13.70 -3.58
C ASN A 37 18.64 13.53 -3.50
N GLY A 38 18.09 12.81 -4.47
CA GLY A 38 16.65 12.60 -4.49
C GLY A 38 15.96 13.76 -5.18
N GLY A 39 15.40 14.66 -4.38
CA GLY A 39 14.74 15.82 -4.92
C GLY A 39 15.70 16.98 -5.10
N ILE A 40 16.44 16.95 -6.19
CA ILE A 40 17.41 17.99 -6.47
C ILE A 40 16.98 18.82 -7.68
N GLY B 1 -28.54 -1.82 4.83
CA GLY B 1 -29.14 -2.42 3.63
C GLY B 1 -28.11 -2.79 2.58
N LEU B 2 -28.58 -3.29 1.44
CA LEU B 2 -27.69 -3.69 0.34
C LEU B 2 -26.84 -2.51 -0.18
N PRO B 3 -27.48 -1.40 -0.60
CA PRO B 3 -26.77 -0.24 -1.14
C PRO B 3 -25.64 0.24 -0.21
N ASP B 4 -25.88 0.11 1.09
CA ASP B 4 -24.91 0.50 2.12
C ASP B 4 -23.72 -0.46 2.14
N VAL B 5 -24.00 -1.73 1.90
CA VAL B 5 -22.97 -2.75 1.86
C VAL B 5 -22.18 -2.65 0.55
N ALA B 6 -22.88 -2.54 -0.57
CA ALA B 6 -22.24 -2.45 -1.87
C ALA B 6 -21.53 -1.12 -2.06
N SER B 7 -21.93 -0.11 -1.30
CA SER B 7 -21.28 1.19 -1.37
C SER B 7 -19.87 1.05 -0.84
N LEU B 8 -19.69 0.10 0.05
CA LEU B 8 -18.39 -0.15 0.62
C LEU B 8 -17.48 -0.84 -0.40
N ARG B 9 -18.08 -1.51 -1.38
CA ARG B 9 -17.29 -2.17 -2.43
C ARG B 9 -16.63 -1.12 -3.31
N GLN B 10 -17.18 0.09 -3.31
CA GLN B 10 -16.61 1.17 -4.10
C GLN B 10 -15.34 1.65 -3.40
N GLN B 11 -15.42 1.68 -2.08
CA GLN B 11 -14.32 2.10 -1.25
C GLN B 11 -13.21 1.04 -1.28
N VAL B 12 -13.59 -0.23 -1.40
CA VAL B 12 -12.59 -1.29 -1.43
C VAL B 12 -11.90 -1.32 -2.78
N GLU B 13 -12.60 -0.94 -3.85
CA GLU B 13 -12.00 -0.88 -5.17
C GLU B 13 -11.02 0.29 -5.20
N ALA B 14 -11.34 1.29 -4.40
CA ALA B 14 -10.51 2.47 -4.26
C ALA B 14 -9.19 2.08 -3.62
N LEU B 15 -9.31 1.41 -2.47
CA LEU B 15 -8.18 0.93 -1.70
C LEU B 15 -7.29 0.02 -2.52
N GLN B 16 -7.90 -0.81 -3.36
CA GLN B 16 -7.12 -1.74 -4.18
C GLN B 16 -6.44 -1.04 -5.34
N GLY B 17 -7.00 0.08 -5.77
CA GLY B 17 -6.39 0.82 -6.85
C GLY B 17 -5.10 1.46 -6.38
N GLN B 18 -5.10 1.92 -5.15
CA GLN B 18 -3.93 2.55 -4.56
C GLN B 18 -2.85 1.54 -4.26
N VAL B 19 -3.22 0.44 -3.63
CA VAL B 19 -2.24 -0.57 -3.29
C VAL B 19 -1.68 -1.28 -4.52
N GLN B 20 -2.50 -1.43 -5.55
CA GLN B 20 -2.05 -2.11 -6.76
C GLN B 20 -1.00 -1.27 -7.49
N HIS B 21 -1.21 0.05 -7.54
CA HIS B 21 -0.24 0.90 -8.23
C HIS B 21 0.96 1.16 -7.31
N LEU B 22 0.79 0.94 -6.01
CA LEU B 22 1.88 1.11 -5.06
C LEU B 22 2.85 -0.03 -5.23
N GLN B 23 2.31 -1.24 -5.36
CA GLN B 23 3.11 -2.44 -5.56
C GLN B 23 3.70 -2.38 -6.96
N ALA B 24 2.93 -1.80 -7.88
CA ALA B 24 3.35 -1.63 -9.26
C ALA B 24 4.64 -0.84 -9.32
N ALA B 25 4.63 0.34 -8.72
CA ALA B 25 5.79 1.20 -8.67
C ALA B 25 6.91 0.51 -7.89
N PHE B 26 6.53 -0.15 -6.79
CA PHE B 26 7.49 -0.86 -5.95
C PHE B 26 8.27 -1.89 -6.74
N SER B 27 7.68 -2.41 -7.83
CA SER B 27 8.36 -3.42 -8.64
C SER B 27 9.75 -2.93 -9.05
N GLN B 28 9.90 -1.61 -9.14
CA GLN B 28 11.17 -1.00 -9.48
C GLN B 28 11.97 -0.68 -8.21
N TYR B 29 11.34 0.08 -7.31
CA TYR B 29 11.98 0.49 -6.06
C TYR B 29 12.37 -0.67 -5.16
N LYS B 30 11.75 -1.83 -5.38
CA LYS B 30 12.02 -3.00 -4.58
C LYS B 30 13.46 -3.51 -4.82
N LYS B 31 14.03 -3.17 -5.97
CA LYS B 31 15.39 -3.56 -6.28
C LYS B 31 16.29 -2.32 -6.29
N VAL B 32 15.95 -1.37 -5.42
CA VAL B 32 16.70 -0.14 -5.29
C VAL B 32 17.70 -0.21 -4.13
N GLU B 33 17.35 -0.91 -3.06
CA GLU B 33 18.27 -1.04 -1.94
C GLU B 33 19.17 -2.25 -2.08
N LEU B 34 20.25 -1.98 -2.72
CA LEU B 34 21.30 -2.95 -3.00
C LEU B 34 22.56 -2.24 -3.50
N PHE B 35 22.38 -1.12 -4.18
CA PHE B 35 23.51 -0.32 -4.66
C PHE B 35 24.16 0.40 -3.47
N PRO B 36 23.39 1.25 -2.74
CA PRO B 36 23.92 1.96 -1.57
C PRO B 36 23.97 1.07 -0.34
N ASN B 37 24.46 1.62 0.76
CA ASN B 37 24.55 0.85 2.00
C ASN B 37 23.18 0.59 2.60
N GLY B 38 22.37 1.63 2.68
CA GLY B 38 21.04 1.49 3.27
C GLY B 38 21.12 1.53 4.78
N GLY B 39 21.02 0.36 5.39
CA GLY B 39 21.10 0.27 6.84
C GLY B 39 22.53 0.09 7.30
N ILE B 40 23.25 1.20 7.43
CA ILE B 40 24.64 1.17 7.84
C ILE B 40 24.82 1.80 9.22
N GLY C 1 -25.74 -8.25 10.46
CA GLY C 1 -26.46 -7.02 10.88
C GLY C 1 -25.69 -5.76 10.55
N LEU C 2 -26.25 -4.60 10.90
CA LEU C 2 -25.60 -3.32 10.63
C LEU C 2 -24.23 -3.22 11.32
N PRO C 3 -24.17 -3.41 12.66
CA PRO C 3 -22.92 -3.32 13.43
C PRO C 3 -21.80 -4.18 12.84
N ASP C 4 -22.17 -5.32 12.27
CA ASP C 4 -21.23 -6.24 11.65
C ASP C 4 -20.71 -5.67 10.34
N VAL C 5 -21.58 -4.95 9.64
CA VAL C 5 -21.22 -4.33 8.37
C VAL C 5 -20.38 -3.08 8.64
N ALA C 6 -20.84 -2.23 9.56
CA ALA C 6 -20.13 -1.00 9.89
C ALA C 6 -18.83 -1.28 10.63
N SER C 7 -18.72 -2.45 11.25
CA SER C 7 -17.49 -2.81 11.95
C SER C 7 -16.39 -3.00 10.91
N LEU C 8 -16.81 -3.35 9.70
CA LEU C 8 -15.87 -3.54 8.62
C LEU C 8 -15.36 -2.20 8.11
N ARG C 9 -16.13 -1.13 8.34
CA ARG C 9 -15.72 0.19 7.91
C ARG C 9 -14.53 0.65 8.77
N GLN C 10 -14.40 0.06 9.95
CA GLN C 10 -13.29 0.42 10.83
C GLN C 10 -12.03 -0.20 10.27
N GLN C 11 -12.18 -1.41 9.74
CA GLN C 11 -11.08 -2.14 9.15
C GLN C 11 -10.67 -1.50 7.82
N VAL C 12 -11.63 -0.93 7.10
CA VAL C 12 -11.32 -0.28 5.83
C VAL C 12 -10.63 1.05 6.07
N GLU C 13 -10.97 1.73 7.17
CA GLU C 13 -10.32 2.99 7.51
C GLU C 13 -8.88 2.69 7.91
N ALA C 14 -8.70 1.51 8.48
CA ALA C 14 -7.39 1.04 8.88
C ALA C 14 -6.51 0.83 7.65
N LEU C 15 -7.06 0.08 6.71
CA LEU C 15 -6.40 -0.23 5.46
C LEU C 15 -6.03 1.03 4.69
N GLN C 16 -6.90 2.02 4.74
CA GLN C 16 -6.65 3.27 4.01
C GLN C 16 -5.63 4.12 4.73
N GLY C 17 -5.50 3.94 6.03
CA GLY C 17 -4.51 4.71 6.77
C GLY C 17 -3.11 4.24 6.41
N GLN C 18 -2.98 2.94 6.21
CA GLN C 18 -1.69 2.36 5.86
C GLN C 18 -1.32 2.67 4.43
N VAL C 19 -2.25 2.52 3.52
CA VAL C 19 -1.95 2.79 2.12
C VAL C 19 -1.73 4.28 1.86
N GLN C 20 -2.44 5.13 2.60
CA GLN C 20 -2.28 6.57 2.40
C GLN C 20 -0.90 7.04 2.84
N HIS C 21 -0.41 6.52 3.96
CA HIS C 21 0.91 6.94 4.42
C HIS C 21 2.00 6.21 3.62
N LEU C 22 1.63 5.10 2.98
CA LEU C 22 2.59 4.37 2.15
C LEU C 22 2.85 5.15 0.88
N GLN C 23 1.77 5.67 0.31
CA GLN C 23 1.87 6.48 -0.90
C GLN C 23 2.51 7.82 -0.53
N ALA C 24 2.22 8.27 0.69
CA ALA C 24 2.77 9.49 1.23
C ALA C 24 4.29 9.44 1.22
N ALA C 25 4.83 8.41 1.85
CA ALA C 25 6.26 8.21 1.90
C ALA C 25 6.81 7.98 0.50
N PHE C 26 6.06 7.21 -0.28
CA PHE C 26 6.43 6.89 -1.66
C PHE C 26 6.60 8.14 -2.50
N SER C 27 5.96 9.25 -2.10
CA SER C 27 6.08 10.51 -2.85
C SER C 27 7.55 10.91 -2.99
N GLN C 28 8.36 10.46 -2.04
CA GLN C 28 9.79 10.73 -2.06
C GLN C 28 10.54 9.59 -2.75
N TYR C 29 10.29 8.37 -2.30
CA TYR C 29 10.95 7.19 -2.84
C TYR C 29 10.63 6.92 -4.30
N LYS C 30 9.53 7.48 -4.79
CA LYS C 30 9.15 7.30 -6.18
C LYS C 30 10.17 7.95 -7.12
N LYS C 31 10.87 8.96 -6.65
CA LYS C 31 11.88 9.64 -7.46
C LYS C 31 13.27 9.28 -6.95
N VAL C 32 13.39 8.04 -6.50
CA VAL C 32 14.65 7.53 -5.99
C VAL C 32 15.38 6.69 -7.04
N GLU C 33 14.63 5.94 -7.86
CA GLU C 33 15.27 5.14 -8.90
C GLU C 33 15.42 5.92 -10.18
N LEU C 34 16.55 6.55 -10.23
CA LEU C 34 16.98 7.40 -11.35
C LEU C 34 18.46 7.71 -11.22
N PHE C 35 18.91 7.92 -9.98
CA PHE C 35 20.33 8.18 -9.72
C PHE C 35 21.15 6.93 -10.03
N PRO C 36 20.87 5.79 -9.33
CA PRO C 36 21.61 4.54 -9.57
C PRO C 36 21.09 3.82 -10.82
N ASN C 37 21.67 2.68 -11.12
CA ASN C 37 21.27 1.90 -12.30
C ASN C 37 19.92 1.25 -12.07
N GLY C 38 19.76 0.59 -10.93
CA GLY C 38 18.51 -0.10 -10.63
C GLY C 38 18.46 -1.45 -11.31
N GLY C 39 17.73 -1.51 -12.42
CA GLY C 39 17.63 -2.74 -13.18
C GLY C 39 18.74 -2.85 -14.20
N ILE C 40 19.90 -3.30 -13.77
CA ILE C 40 21.05 -3.44 -14.65
C ILE C 40 21.43 -4.91 -14.81
N GLY A 1 -25.67 -8.58 -1.74
CA GLY A 1 -26.42 -9.03 -0.54
C GLY A 1 -25.49 -9.59 0.53
N LEU A 2 -26.00 -10.51 1.33
CA LEU A 2 -25.22 -11.13 2.40
C LEU A 2 -23.93 -11.78 1.87
N PRO A 3 -24.00 -12.66 0.85
CA PRO A 3 -22.83 -13.29 0.27
C PRO A 3 -21.70 -12.32 0.00
N ASP A 4 -22.04 -11.18 -0.61
CA ASP A 4 -21.08 -10.13 -0.94
C ASP A 4 -20.40 -9.59 0.31
N VAL A 5 -21.15 -9.55 1.41
CA VAL A 5 -20.63 -9.05 2.68
C VAL A 5 -19.49 -9.91 3.18
N ALA A 6 -19.73 -11.21 3.32
CA ALA A 6 -18.71 -12.14 3.80
C ALA A 6 -17.55 -12.22 2.81
N SER A 7 -17.88 -12.28 1.53
CA SER A 7 -16.86 -12.36 0.48
C SER A 7 -16.01 -11.10 0.48
N LEU A 8 -16.62 -10.00 0.86
CA LEU A 8 -15.92 -8.74 0.89
C LEU A 8 -14.98 -8.65 2.06
N ARG A 9 -15.50 -8.86 3.26
CA ARG A 9 -14.69 -8.79 4.47
C ARG A 9 -13.51 -9.75 4.44
N GLN A 10 -13.65 -10.87 3.73
CA GLN A 10 -12.53 -11.80 3.62
C GLN A 10 -11.47 -11.15 2.75
N GLN A 11 -11.90 -10.53 1.65
CA GLN A 11 -10.97 -9.83 0.76
C GLN A 11 -10.34 -8.63 1.47
N VAL A 12 -10.85 -8.28 2.65
CA VAL A 12 -10.32 -7.15 3.41
C VAL A 12 -9.03 -7.54 4.13
N GLU A 13 -8.98 -8.77 4.66
CA GLU A 13 -7.78 -9.22 5.34
C GLU A 13 -6.71 -9.51 4.28
N ALA A 14 -7.19 -9.68 3.05
CA ALA A 14 -6.34 -9.90 1.89
C ALA A 14 -5.66 -8.61 1.50
N LEU A 15 -6.47 -7.57 1.40
CA LEU A 15 -6.02 -6.23 1.05
C LEU A 15 -5.04 -5.74 2.11
N GLN A 16 -5.30 -6.16 3.35
CA GLN A 16 -4.45 -5.82 4.49
C GLN A 16 -3.11 -6.52 4.35
N GLY A 17 -3.16 -7.78 3.94
CA GLY A 17 -1.94 -8.56 3.74
C GLY A 17 -1.06 -7.93 2.69
N GLN A 18 -1.67 -7.25 1.73
CA GLN A 18 -0.94 -6.58 0.67
C GLN A 18 -0.25 -5.33 1.20
N VAL A 19 -1.00 -4.53 1.93
CA VAL A 19 -0.46 -3.30 2.46
C VAL A 19 0.58 -3.58 3.57
N GLN A 20 0.45 -4.72 4.24
CA GLN A 20 1.40 -5.09 5.28
C GLN A 20 2.72 -5.50 4.67
N HIS A 21 2.68 -6.24 3.54
CA HIS A 21 3.91 -6.65 2.88
C HIS A 21 4.47 -5.51 2.06
N LEU A 22 3.64 -4.47 1.86
CA LEU A 22 4.10 -3.29 1.15
C LEU A 22 4.98 -2.50 2.11
N GLN A 23 4.56 -2.47 3.38
CA GLN A 23 5.34 -1.81 4.43
C GLN A 23 6.58 -2.65 4.68
N ALA A 24 6.41 -3.96 4.49
CA ALA A 24 7.50 -4.92 4.63
C ALA A 24 8.57 -4.59 3.61
N ALA A 25 8.10 -4.31 2.39
CA ALA A 25 8.98 -3.94 1.31
C ALA A 25 9.70 -2.67 1.67
N PHE A 26 8.92 -1.68 2.12
CA PHE A 26 9.47 -0.40 2.55
C PHE A 26 10.53 -0.55 3.60
N SER A 27 10.50 -1.63 4.38
CA SER A 27 11.50 -1.86 5.43
C SER A 27 12.91 -1.71 4.88
N GLN A 28 13.08 -2.07 3.62
CA GLN A 28 14.37 -1.95 2.96
C GLN A 28 14.52 -0.57 2.33
N TYR A 29 13.56 -0.23 1.50
CA TYR A 29 13.57 1.03 0.76
C TYR A 29 13.48 2.27 1.66
N LYS A 30 13.04 2.09 2.88
CA LYS A 30 12.90 3.21 3.81
C LYS A 30 14.28 3.74 4.22
N LYS A 31 15.27 2.86 4.26
CA LYS A 31 16.62 3.27 4.60
C LYS A 31 17.46 3.38 3.34
N VAL A 32 16.78 3.68 2.24
CA VAL A 32 17.43 3.84 0.96
C VAL A 32 17.73 5.32 0.73
N GLU A 33 16.78 6.19 1.03
CA GLU A 33 17.02 7.62 0.91
C GLU A 33 17.05 8.26 2.26
N LEU A 34 18.25 8.65 2.60
CA LEU A 34 18.55 9.29 3.87
C LEU A 34 20.00 9.80 3.85
N PHE A 35 20.85 9.04 3.16
CA PHE A 35 22.25 9.40 3.00
C PHE A 35 22.35 10.61 2.07
N PRO A 36 21.75 10.54 0.85
CA PRO A 36 21.78 11.65 -0.10
C PRO A 36 20.70 12.69 0.20
N ASN A 37 20.60 13.71 -0.64
CA ASN A 37 19.60 14.76 -0.45
C ASN A 37 18.90 15.11 -1.75
N GLY A 38 19.07 14.26 -2.76
CA GLY A 38 18.46 14.50 -4.05
C GLY A 38 19.46 15.04 -5.05
N GLY A 39 19.44 16.34 -5.26
CA GLY A 39 20.39 16.94 -6.19
C GLY A 39 19.72 17.73 -7.29
N ILE A 40 18.41 17.93 -7.17
CA ILE A 40 17.65 18.68 -8.16
C ILE A 40 17.09 19.95 -7.54
N GLY B 1 -26.22 0.80 6.95
CA GLY B 1 -27.17 -0.21 6.43
C GLY B 1 -26.75 -0.77 5.09
N LEU B 2 -27.72 -1.18 4.27
CA LEU B 2 -27.46 -1.74 2.95
C LEU B 2 -26.64 -0.80 2.07
N PRO B 3 -27.06 0.48 1.90
CA PRO B 3 -26.35 1.46 1.10
C PRO B 3 -24.85 1.48 1.39
N ASP B 4 -24.52 1.49 2.69
CA ASP B 4 -23.13 1.51 3.14
C ASP B 4 -22.39 0.28 2.65
N VAL B 5 -23.08 -0.85 2.59
CA VAL B 5 -22.49 -2.10 2.15
C VAL B 5 -22.00 -2.00 0.71
N ALA B 6 -22.88 -1.61 -0.20
CA ALA B 6 -22.51 -1.49 -1.60
C ALA B 6 -21.48 -0.38 -1.81
N SER B 7 -21.69 0.73 -1.12
CA SER B 7 -20.79 1.88 -1.21
C SER B 7 -19.40 1.49 -0.69
N LEU B 8 -19.39 0.59 0.27
CA LEU B 8 -18.15 0.15 0.85
C LEU B 8 -17.40 -0.78 -0.06
N ARG B 9 -18.05 -1.85 -0.49
CA ARG B 9 -17.41 -2.84 -1.37
C ARG B 9 -16.89 -2.20 -2.65
N GLN B 10 -17.52 -1.13 -3.11
CA GLN B 10 -17.03 -0.45 -4.30
C GLN B 10 -15.72 0.25 -3.96
N GLN B 11 -15.69 0.89 -2.78
CA GLN B 11 -14.47 1.55 -2.33
C GLN B 11 -13.37 0.52 -2.06
N VAL B 12 -13.73 -0.77 -2.05
CA VAL B 12 -12.75 -1.81 -1.81
C VAL B 12 -11.90 -2.07 -3.04
N GLU B 13 -12.53 -2.02 -4.22
CA GLU B 13 -11.78 -2.24 -5.45
C GLU B 13 -10.95 -0.99 -5.73
N ALA B 14 -11.34 0.09 -5.08
CA ALA B 14 -10.65 1.36 -5.16
C ALA B 14 -9.37 1.28 -4.35
N LEU B 15 -9.53 0.78 -3.13
CA LEU B 15 -8.42 0.61 -2.20
C LEU B 15 -7.42 -0.38 -2.77
N GLN B 16 -7.95 -1.34 -3.51
CA GLN B 16 -7.14 -2.35 -4.18
C GLN B 16 -6.34 -1.70 -5.30
N GLY B 17 -7.00 -0.82 -6.06
CA GLY B 17 -6.32 -0.12 -7.15
C GLY B 17 -5.15 0.69 -6.63
N GLN B 18 -5.28 1.16 -5.40
CA GLN B 18 -4.22 1.95 -4.77
C GLN B 18 -3.03 1.06 -4.40
N VAL B 19 -3.30 -0.04 -3.75
CA VAL B 19 -2.26 -0.94 -3.33
C VAL B 19 -1.60 -1.63 -4.53
N GLN B 20 -2.35 -1.78 -5.64
CA GLN B 20 -1.82 -2.40 -6.83
C GLN B 20 -0.85 -1.45 -7.52
N HIS B 21 -1.18 -0.15 -7.54
CA HIS B 21 -0.28 0.79 -8.17
C HIS B 21 0.84 1.16 -7.21
N LEU B 22 0.71 0.76 -5.94
CA LEU B 22 1.77 0.98 -4.96
C LEU B 22 2.84 -0.05 -5.25
N GLN B 23 2.40 -1.26 -5.58
CA GLN B 23 3.31 -2.34 -5.92
C GLN B 23 3.92 -2.01 -7.28
N ALA B 24 3.11 -1.32 -8.09
CA ALA B 24 3.54 -0.86 -9.41
C ALA B 24 4.70 0.09 -9.24
N ALA B 25 4.55 0.99 -8.27
CA ALA B 25 5.57 1.95 -7.95
C ALA B 25 6.82 1.21 -7.51
N PHE B 26 6.63 0.28 -6.59
CA PHE B 26 7.70 -0.54 -6.07
C PHE B 26 8.45 -1.27 -7.18
N SER B 27 7.80 -1.51 -8.32
CA SER B 27 8.46 -2.21 -9.42
C SER B 27 9.78 -1.54 -9.76
N GLN B 28 9.85 -0.23 -9.57
CA GLN B 28 11.07 0.53 -9.82
C GLN B 28 11.96 0.55 -8.59
N TYR B 29 11.37 0.99 -7.48
CA TYR B 29 12.08 1.13 -6.21
C TYR B 29 12.58 -0.20 -5.64
N LYS B 30 12.00 -1.30 -6.09
CA LYS B 30 12.40 -2.62 -5.60
C LYS B 30 13.80 -2.97 -6.06
N LYS B 31 14.20 -2.48 -7.22
CA LYS B 31 15.53 -2.73 -7.72
C LYS B 31 16.42 -1.51 -7.49
N VAL B 32 16.06 -0.76 -6.47
CA VAL B 32 16.80 0.43 -6.07
C VAL B 32 17.83 0.07 -5.01
N GLU B 33 17.45 -0.74 -4.03
CA GLU B 33 18.40 -1.17 -3.01
C GLU B 33 18.65 -2.65 -3.15
N LEU B 34 19.84 -2.91 -3.58
CA LEU B 34 20.32 -4.26 -3.83
C LEU B 34 21.81 -4.21 -4.15
N PHE B 35 22.21 -3.13 -4.83
CA PHE B 35 23.60 -2.90 -5.16
C PHE B 35 24.39 -2.56 -3.89
N PRO B 36 23.94 -1.55 -3.11
CA PRO B 36 24.61 -1.16 -1.87
C PRO B 36 24.21 -2.06 -0.70
N ASN B 37 24.70 -1.72 0.49
CA ASN B 37 24.38 -2.50 1.69
C ASN B 37 24.06 -1.59 2.86
N GLY B 38 23.85 -0.32 2.57
CA GLY B 38 23.55 0.65 3.62
C GLY B 38 24.76 1.47 3.98
N GLY B 39 25.43 1.11 5.06
CA GLY B 39 26.61 1.85 5.46
C GLY B 39 26.53 2.37 6.88
N ILE B 40 25.47 1.99 7.59
CA ILE B 40 25.31 2.43 8.98
C ILE B 40 25.46 1.24 9.92
N GLY C 1 -22.54 -10.91 10.44
CA GLY C 1 -23.84 -10.20 10.38
C GLY C 1 -23.68 -8.70 10.31
N LEU C 2 -24.65 -7.97 10.86
CA LEU C 2 -24.60 -6.50 10.87
C LEU C 2 -23.34 -5.99 11.57
N PRO C 3 -23.06 -6.41 12.83
CA PRO C 3 -21.88 -5.97 13.57
C PRO C 3 -20.60 -5.99 12.72
N ASP C 4 -20.42 -7.10 11.98
CA ASP C 4 -19.25 -7.28 11.11
C ASP C 4 -19.20 -6.23 10.02
N VAL C 5 -20.37 -5.80 9.57
CA VAL C 5 -20.47 -4.79 8.52
C VAL C 5 -19.88 -3.47 8.98
N ALA C 6 -20.38 -2.94 10.10
CA ALA C 6 -19.89 -1.68 10.64
C ALA C 6 -18.42 -1.79 11.05
N SER C 7 -18.09 -2.90 11.71
CA SER C 7 -16.72 -3.15 12.16
C SER C 7 -15.76 -3.24 10.97
N LEU C 8 -16.29 -3.71 9.86
CA LEU C 8 -15.48 -3.84 8.67
C LEU C 8 -15.25 -2.51 8.00
N ARG C 9 -16.32 -1.79 7.70
CA ARG C 9 -16.22 -0.51 7.03
C ARG C 9 -15.35 0.48 7.82
N GLN C 10 -15.31 0.35 9.15
CA GLN C 10 -14.45 1.21 9.93
C GLN C 10 -12.99 0.82 9.65
N GLN C 11 -12.73 -0.49 9.61
CA GLN C 11 -11.39 -0.97 9.29
C GLN C 11 -10.99 -0.61 7.86
N VAL C 12 -11.97 -0.14 7.06
CA VAL C 12 -11.69 0.24 5.68
C VAL C 12 -11.01 1.59 5.61
N GLU C 13 -11.43 2.52 6.47
CA GLU C 13 -10.80 3.84 6.48
C GLU C 13 -9.43 3.70 7.13
N ALA C 14 -9.26 2.59 7.83
CA ALA C 14 -8.00 2.23 8.47
C ALA C 14 -7.01 1.78 7.42
N LEU C 15 -7.47 0.86 6.56
CA LEU C 15 -6.67 0.33 5.47
C LEU C 15 -6.25 1.45 4.54
N GLN C 16 -7.17 2.39 4.37
CA GLN C 16 -6.95 3.57 3.54
C GLN C 16 -5.87 4.44 4.16
N GLY C 17 -5.91 4.58 5.48
CA GLY C 17 -4.91 5.36 6.18
C GLY C 17 -3.53 4.76 5.97
N GLN C 18 -3.48 3.45 5.81
CA GLN C 18 -2.22 2.75 5.58
C GLN C 18 -1.71 3.02 4.17
N VAL C 19 -2.55 2.88 3.16
CA VAL C 19 -2.10 3.14 1.79
C VAL C 19 -1.75 4.61 1.59
N GLN C 20 -2.45 5.48 2.29
CA GLN C 20 -2.22 6.90 2.15
C GLN C 20 -0.86 7.27 2.71
N HIS C 21 -0.47 6.66 3.84
CA HIS C 21 0.84 6.95 4.38
C HIS C 21 1.90 6.15 3.66
N LEU C 22 1.46 5.19 2.85
CA LEU C 22 2.41 4.42 2.08
C LEU C 22 2.79 5.21 0.85
N GLN C 23 1.83 5.96 0.34
CA GLN C 23 2.09 6.84 -0.79
C GLN C 23 2.89 8.01 -0.25
N ALA C 24 2.63 8.30 1.03
CA ALA C 24 3.32 9.36 1.75
C ALA C 24 4.80 8.99 1.83
N ALA C 25 5.04 7.73 2.16
CA ALA C 25 6.38 7.21 2.24
C ALA C 25 7.04 7.33 0.88
N PHE C 26 6.31 6.86 -0.13
CA PHE C 26 6.79 6.92 -1.49
C PHE C 26 7.16 8.33 -1.92
N SER C 27 6.56 9.35 -1.29
CA SER C 27 6.86 10.74 -1.65
C SER C 27 8.37 10.99 -1.64
N GLN C 28 9.07 10.26 -0.78
CA GLN C 28 10.52 10.38 -0.70
C GLN C 28 11.20 9.40 -1.66
N TYR C 29 10.84 8.15 -1.51
CA TYR C 29 11.42 7.07 -2.30
C TYR C 29 11.12 7.19 -3.80
N LYS C 30 10.09 7.96 -4.16
CA LYS C 30 9.71 8.12 -5.57
C LYS C 30 10.76 8.91 -6.33
N LYS C 31 11.45 9.80 -5.63
CA LYS C 31 12.51 10.59 -6.26
C LYS C 31 13.87 10.02 -5.89
N VAL C 32 13.87 8.73 -5.60
CA VAL C 32 15.08 8.01 -5.24
C VAL C 32 15.70 7.39 -6.48
N GLU C 33 14.88 6.77 -7.32
CA GLU C 33 15.39 6.21 -8.55
C GLU C 33 14.85 6.98 -9.73
N LEU C 34 15.76 7.68 -10.33
CA LEU C 34 15.50 8.53 -11.48
C LEU C 34 16.82 9.05 -12.03
N PHE C 35 17.77 9.27 -11.12
CA PHE C 35 19.10 9.71 -11.48
C PHE C 35 19.85 8.57 -12.17
N PRO C 36 19.93 7.38 -11.52
CA PRO C 36 20.60 6.22 -12.10
C PRO C 36 19.71 5.46 -13.08
N ASN C 37 20.23 4.38 -13.64
CA ASN C 37 19.47 3.56 -14.58
C ASN C 37 19.55 2.09 -14.24
N GLY C 38 20.08 1.79 -13.07
CA GLY C 38 20.22 0.41 -12.64
C GLY C 38 21.65 -0.05 -12.76
N GLY C 39 21.94 -0.80 -13.82
CA GLY C 39 23.31 -1.26 -14.03
C GLY C 39 23.38 -2.76 -14.23
N ILE C 40 22.23 -3.42 -14.31
CA ILE C 40 22.19 -4.87 -14.51
C ILE C 40 21.64 -5.20 -15.90
N GLY A 1 -26.01 -9.26 -0.48
CA GLY A 1 -26.72 -9.66 0.76
C GLY A 1 -25.76 -9.89 1.91
N LEU A 2 -26.22 -10.64 2.92
CA LEU A 2 -25.39 -10.94 4.09
C LEU A 2 -24.12 -11.72 3.69
N PRO A 3 -24.27 -12.87 2.99
CA PRO A 3 -23.14 -13.70 2.57
C PRO A 3 -21.97 -12.88 2.01
N ASP A 4 -22.30 -11.90 1.17
CA ASP A 4 -21.30 -11.03 0.55
C ASP A 4 -20.54 -10.22 1.59
N VAL A 5 -21.24 -9.85 2.65
CA VAL A 5 -20.64 -9.08 3.74
C VAL A 5 -19.48 -9.85 4.35
N ALA A 6 -19.74 -11.08 4.79
CA ALA A 6 -18.70 -11.92 5.39
C ALA A 6 -17.63 -12.27 4.38
N SER A 7 -18.04 -12.51 3.13
CA SER A 7 -17.09 -12.82 2.07
C SER A 7 -16.21 -11.62 1.79
N LEU A 8 -16.70 -10.44 2.15
CA LEU A 8 -15.96 -9.23 1.94
C LEU A 8 -14.85 -9.12 3.00
N ARG A 9 -15.08 -9.66 4.19
CA ARG A 9 -14.08 -9.62 5.27
C ARG A 9 -12.83 -10.38 4.82
N GLN A 10 -13.05 -11.51 4.13
CA GLN A 10 -11.94 -12.32 3.63
C GLN A 10 -11.23 -11.58 2.51
N GLN A 11 -12.02 -10.85 1.69
CA GLN A 11 -11.44 -10.06 0.61
C GLN A 11 -10.56 -8.94 1.19
N VAL A 12 -10.93 -8.49 2.39
CA VAL A 12 -10.20 -7.45 3.09
C VAL A 12 -8.88 -7.99 3.63
N GLU A 13 -8.92 -9.21 4.13
CA GLU A 13 -7.72 -9.85 4.65
C GLU A 13 -6.72 -10.02 3.52
N ALA A 14 -7.27 -10.27 2.33
CA ALA A 14 -6.50 -10.43 1.12
C ALA A 14 -5.77 -9.16 0.75
N LEU A 15 -6.55 -8.12 0.53
CA LEU A 15 -6.04 -6.82 0.13
C LEU A 15 -5.08 -6.25 1.17
N GLN A 16 -5.39 -6.45 2.45
CA GLN A 16 -4.53 -5.93 3.50
C GLN A 16 -3.23 -6.71 3.55
N GLY A 17 -3.25 -7.94 3.05
CA GLY A 17 -2.02 -8.73 3.02
C GLY A 17 -1.03 -8.12 2.05
N GLN A 18 -1.56 -7.43 1.05
CA GLN A 18 -0.71 -6.78 0.06
C GLN A 18 -0.08 -5.54 0.64
N VAL A 19 -0.88 -4.70 1.27
CA VAL A 19 -0.36 -3.48 1.84
C VAL A 19 0.59 -3.74 3.02
N GLN A 20 0.32 -4.80 3.79
CA GLN A 20 1.19 -5.15 4.90
C GLN A 20 2.56 -5.60 4.40
N HIS A 21 2.62 -6.43 3.36
CA HIS A 21 3.91 -6.87 2.85
C HIS A 21 4.58 -5.77 2.03
N LEU A 22 3.81 -4.74 1.63
CA LEU A 22 4.40 -3.61 0.91
C LEU A 22 5.19 -2.78 1.91
N GLN A 23 4.64 -2.70 3.11
CA GLN A 23 5.29 -1.97 4.20
C GLN A 23 6.50 -2.80 4.63
N ALA A 24 6.35 -4.12 4.55
CA ALA A 24 7.40 -5.06 4.88
C ALA A 24 8.61 -4.81 4.01
N ALA A 25 8.37 -4.75 2.71
CA ALA A 25 9.43 -4.48 1.75
C ALA A 25 10.01 -3.10 2.01
N PHE A 26 9.12 -2.16 2.36
CA PHE A 26 9.52 -0.79 2.66
C PHE A 26 10.57 -0.74 3.75
N SER A 27 10.53 -1.72 4.67
CA SER A 27 11.48 -1.77 5.77
C SER A 27 12.92 -1.61 5.27
N GLN A 28 13.15 -2.01 4.03
CA GLN A 28 14.46 -1.87 3.41
C GLN A 28 14.54 -0.59 2.57
N TYR A 29 13.50 -0.34 1.78
CA TYR A 29 13.46 0.83 0.90
C TYR A 29 13.34 2.15 1.66
N LYS A 30 12.87 2.09 2.90
CA LYS A 30 12.70 3.30 3.70
C LYS A 30 14.05 3.86 4.13
N LYS A 31 15.03 2.99 4.27
CA LYS A 31 16.37 3.42 4.65
C LYS A 31 17.26 3.48 3.41
N VAL A 32 16.62 3.78 2.29
CA VAL A 32 17.30 3.88 1.01
C VAL A 32 17.65 5.33 0.71
N GLU A 33 16.74 6.26 0.96
CA GLU A 33 17.03 7.66 0.71
C GLU A 33 17.33 8.38 2.00
N LEU A 34 18.60 8.57 2.19
CA LEU A 34 19.14 9.25 3.35
C LEU A 34 20.65 9.40 3.22
N PHE A 35 21.29 8.42 2.57
CA PHE A 35 22.73 8.46 2.36
C PHE A 35 23.18 8.49 0.87
N PRO A 36 22.31 8.30 -0.16
CA PRO A 36 22.77 8.32 -1.56
C PRO A 36 22.84 9.71 -2.15
N ASN A 37 23.49 9.82 -3.29
CA ASN A 37 23.62 11.09 -3.99
C ASN A 37 23.28 10.92 -5.46
N GLY A 38 23.27 12.02 -6.20
CA GLY A 38 22.96 11.98 -7.61
C GLY A 38 24.20 11.77 -8.46
N GLY A 39 24.18 10.75 -9.30
CA GLY A 39 25.31 10.47 -10.15
C GLY A 39 25.15 11.05 -11.53
N ILE A 40 24.23 12.01 -11.67
CA ILE A 40 23.97 12.66 -12.94
C ILE A 40 24.30 14.14 -12.84
N GLY B 1 -26.92 -0.06 6.04
CA GLY B 1 -27.83 -1.11 5.55
C GLY B 1 -27.24 -1.88 4.39
N LEU B 2 -28.09 -2.55 3.60
CA LEU B 2 -27.64 -3.32 2.43
C LEU B 2 -26.94 -2.41 1.41
N PRO B 3 -27.60 -1.31 0.94
CA PRO B 3 -27.02 -0.41 -0.06
C PRO B 3 -25.55 -0.06 0.22
N ASP B 4 -25.25 0.19 1.50
CA ASP B 4 -23.90 0.55 1.94
C ASP B 4 -22.93 -0.59 1.70
N VAL B 5 -23.42 -1.82 1.84
CA VAL B 5 -22.61 -3.01 1.64
C VAL B 5 -22.06 -3.04 0.22
N ALA B 6 -22.95 -2.95 -0.77
CA ALA B 6 -22.54 -2.96 -2.16
C ALA B 6 -21.71 -1.72 -2.51
N SER B 7 -22.08 -0.59 -1.93
CA SER B 7 -21.34 0.65 -2.15
C SER B 7 -19.95 0.54 -1.54
N LEU B 8 -19.81 -0.37 -0.60
CA LEU B 8 -18.54 -0.58 0.04
C LEU B 8 -17.62 -1.37 -0.88
N ARG B 9 -18.19 -2.25 -1.72
CA ARG B 9 -17.39 -3.05 -2.65
C ARG B 9 -16.68 -2.12 -3.63
N GLN B 10 -17.40 -1.08 -4.06
CA GLN B 10 -16.82 -0.10 -4.99
C GLN B 10 -15.73 0.70 -4.29
N GLN B 11 -15.96 1.01 -3.00
CA GLN B 11 -14.97 1.74 -2.21
C GLN B 11 -13.70 0.91 -2.05
N VAL B 12 -13.88 -0.41 -2.06
CA VAL B 12 -12.79 -1.36 -1.94
C VAL B 12 -11.98 -1.37 -3.23
N GLU B 13 -12.68 -1.33 -4.36
CA GLU B 13 -12.02 -1.33 -5.66
C GLU B 13 -11.15 -0.08 -5.77
N ALA B 14 -11.64 0.97 -5.15
CA ALA B 14 -10.98 2.26 -5.11
C ALA B 14 -9.67 2.19 -4.35
N LEU B 15 -9.79 1.81 -3.09
CA LEU B 15 -8.64 1.71 -2.19
C LEU B 15 -7.62 0.70 -2.71
N GLN B 16 -8.09 -0.41 -3.26
CA GLN B 16 -7.18 -1.43 -3.78
C GLN B 16 -6.48 -0.92 -5.04
N GLY B 17 -7.09 0.04 -5.73
CA GLY B 17 -6.45 0.59 -6.91
C GLY B 17 -5.21 1.38 -6.52
N GLN B 18 -5.22 1.88 -5.29
CA GLN B 18 -4.10 2.64 -4.78
C GLN B 18 -2.95 1.70 -4.42
N VAL B 19 -3.25 0.66 -3.67
CA VAL B 19 -2.22 -0.27 -3.25
C VAL B 19 -1.65 -1.05 -4.45
N GLN B 20 -2.48 -1.31 -5.45
CA GLN B 20 -2.00 -2.02 -6.64
C GLN B 20 -1.02 -1.16 -7.43
N HIS B 21 -1.32 0.13 -7.60
CA HIS B 21 -0.41 0.99 -8.35
C HIS B 21 0.81 1.36 -7.50
N LEU B 22 0.72 1.14 -6.17
CA LEU B 22 1.85 1.40 -5.31
C LEU B 22 2.87 0.29 -5.51
N GLN B 23 2.36 -0.92 -5.69
CA GLN B 23 3.20 -2.08 -5.96
C GLN B 23 3.78 -1.92 -7.36
N ALA B 24 2.97 -1.31 -8.23
CA ALA B 24 3.36 -1.02 -9.61
C ALA B 24 4.59 -0.15 -9.62
N ALA B 25 4.53 0.94 -8.87
CA ALA B 25 5.64 1.85 -8.75
C ALA B 25 6.83 1.14 -8.12
N PHE B 26 6.53 0.29 -7.14
CA PHE B 26 7.55 -0.50 -6.44
C PHE B 26 8.36 -1.31 -7.41
N SER B 27 7.76 -1.72 -8.53
CA SER B 27 8.45 -2.52 -9.53
C SER B 27 9.81 -1.90 -9.90
N GLN B 28 9.90 -0.58 -9.74
CA GLN B 28 11.13 0.14 -10.01
C GLN B 28 11.93 0.36 -8.72
N TYR B 29 11.24 0.78 -7.66
CA TYR B 29 11.88 1.06 -6.37
C TYR B 29 12.39 -0.20 -5.67
N LYS B 30 11.85 -1.35 -6.03
CA LYS B 30 12.26 -2.61 -5.40
C LYS B 30 13.65 -3.01 -5.85
N LYS B 31 14.04 -2.58 -7.04
CA LYS B 31 15.37 -2.87 -7.54
C LYS B 31 16.26 -1.64 -7.38
N VAL B 32 15.96 -0.88 -6.34
CA VAL B 32 16.70 0.33 -6.02
C VAL B 32 17.78 0.05 -4.97
N GLU B 33 17.43 -0.72 -3.94
CA GLU B 33 18.42 -1.04 -2.93
C GLU B 33 18.94 -2.44 -3.09
N LEU B 34 20.11 -2.49 -3.65
CA LEU B 34 20.82 -3.71 -3.92
C LEU B 34 22.20 -3.41 -4.51
N PHE B 35 22.29 -2.32 -5.27
CA PHE B 35 23.56 -1.91 -5.86
C PHE B 35 24.08 -0.53 -5.39
N PRO B 36 23.33 0.33 -4.65
CA PRO B 36 23.86 1.65 -4.26
C PRO B 36 24.67 1.60 -2.97
N ASN B 37 25.37 2.69 -2.70
CA ASN B 37 26.20 2.80 -1.50
C ASN B 37 25.94 4.13 -0.79
N GLY B 38 26.55 4.31 0.36
CA GLY B 38 26.38 5.53 1.11
C GLY B 38 27.41 6.59 0.72
N GLY B 39 26.94 7.76 0.35
CA GLY B 39 27.84 8.84 -0.04
C GLY B 39 28.11 9.79 1.10
N ILE B 40 27.80 9.35 2.32
CA ILE B 40 28.03 10.16 3.50
C ILE B 40 29.05 9.48 4.40
N GLY C 1 -23.51 -9.90 10.50
CA GLY C 1 -24.78 -9.14 10.41
C GLY C 1 -24.56 -7.71 10.02
N LEU C 2 -25.55 -6.86 10.29
CA LEU C 2 -25.46 -5.45 9.96
C LEU C 2 -24.38 -4.74 10.77
N PRO C 3 -24.37 -4.85 12.11
CA PRO C 3 -23.36 -4.22 12.95
C PRO C 3 -21.94 -4.38 12.38
N ASP C 4 -21.65 -5.57 11.89
CA ASP C 4 -20.34 -5.89 11.30
C ASP C 4 -20.07 -5.05 10.06
N VAL C 5 -21.12 -4.78 9.31
CA VAL C 5 -21.02 -3.97 8.10
C VAL C 5 -20.45 -2.59 8.41
N ALA C 6 -21.09 -1.89 9.33
CA ALA C 6 -20.65 -0.57 9.72
C ALA C 6 -19.29 -0.62 10.41
N SER C 7 -19.08 -1.66 11.20
CA SER C 7 -17.80 -1.84 11.89
C SER C 7 -16.70 -2.12 10.85
N LEU C 8 -17.10 -2.61 9.70
CA LEU C 8 -16.16 -2.89 8.65
C LEU C 8 -15.69 -1.60 8.02
N ARG C 9 -16.56 -0.58 7.98
CA ARG C 9 -16.18 0.71 7.40
C ARG C 9 -15.05 1.34 8.20
N GLN C 10 -15.11 1.18 9.52
CA GLN C 10 -14.06 1.72 10.38
C GLN C 10 -12.78 0.94 10.13
N GLN C 11 -12.92 -0.36 9.90
CA GLN C 11 -11.78 -1.22 9.62
C GLN C 11 -11.13 -0.80 8.30
N VAL C 12 -11.95 -0.31 7.35
CA VAL C 12 -11.40 0.11 6.05
C VAL C 12 -10.70 1.45 6.19
N GLU C 13 -11.18 2.29 7.10
CA GLU C 13 -10.55 3.59 7.35
C GLU C 13 -9.15 3.34 7.92
N ALA C 14 -9.07 2.29 8.72
CA ALA C 14 -7.83 1.85 9.35
C ALA C 14 -6.81 1.42 8.32
N LEU C 15 -7.20 0.41 7.54
CA LEU C 15 -6.35 -0.16 6.51
C LEU C 15 -5.95 0.88 5.47
N GLN C 16 -6.88 1.76 5.10
CA GLN C 16 -6.58 2.79 4.11
C GLN C 16 -5.62 3.81 4.69
N GLY C 17 -5.60 3.93 6.01
CA GLY C 17 -4.66 4.85 6.64
C GLY C 17 -3.24 4.40 6.43
N GLN C 18 -3.08 3.08 6.29
CA GLN C 18 -1.78 2.51 6.06
C GLN C 18 -1.33 2.77 4.63
N VAL C 19 -2.20 2.55 3.66
CA VAL C 19 -1.84 2.79 2.27
C VAL C 19 -1.54 4.24 2.02
N GLN C 20 -2.36 5.12 2.60
CA GLN C 20 -2.21 6.54 2.40
C GLN C 20 -0.86 7.02 2.91
N HIS C 21 -0.44 6.55 4.08
CA HIS C 21 0.84 6.99 4.60
C HIS C 21 2.00 6.24 3.92
N LEU C 22 1.68 5.15 3.22
CA LEU C 22 2.71 4.42 2.47
C LEU C 22 3.05 5.24 1.23
N GLN C 23 2.01 5.85 0.65
CA GLN C 23 2.15 6.71 -0.50
C GLN C 23 2.84 7.99 -0.05
N ALA C 24 2.52 8.37 1.19
CA ALA C 24 3.09 9.55 1.82
C ALA C 24 4.60 9.41 1.88
N ALA C 25 5.04 8.28 2.39
CA ALA C 25 6.46 7.97 2.48
C ALA C 25 7.05 7.90 1.08
N PHE C 26 6.29 7.33 0.14
CA PHE C 26 6.75 7.21 -1.24
C PHE C 26 7.11 8.57 -1.81
N SER C 27 6.46 9.63 -1.32
CA SER C 27 6.73 10.98 -1.82
C SER C 27 8.23 11.27 -1.85
N GLN C 28 8.97 10.58 -0.98
CA GLN C 28 10.41 10.71 -0.93
C GLN C 28 11.09 9.59 -1.73
N TYR C 29 10.64 8.36 -1.52
CA TYR C 29 11.22 7.19 -2.19
C TYR C 29 10.96 7.16 -3.69
N LYS C 30 9.94 7.89 -4.13
CA LYS C 30 9.59 7.91 -5.54
C LYS C 30 10.62 8.70 -6.35
N LYS C 31 11.26 9.66 -5.71
CA LYS C 31 12.29 10.44 -6.37
C LYS C 31 13.66 9.95 -5.96
N VAL C 32 13.73 8.65 -5.70
CA VAL C 32 14.96 8.00 -5.30
C VAL C 32 15.65 7.35 -6.49
N GLU C 33 14.88 6.69 -7.36
CA GLU C 33 15.48 6.07 -8.54
C GLU C 33 15.23 6.89 -9.77
N LEU C 34 16.26 7.62 -10.12
CA LEU C 34 16.29 8.51 -11.28
C LEU C 34 17.69 9.07 -11.46
N PHE C 35 18.36 9.35 -10.35
CA PHE C 35 19.72 9.89 -10.38
C PHE C 35 20.83 8.98 -9.79
N PRO C 36 20.54 7.85 -9.10
CA PRO C 36 21.63 7.02 -8.54
C PRO C 36 22.22 6.03 -9.54
N ASN C 37 23.34 5.44 -9.18
CA ASN C 37 24.01 4.47 -10.03
C ASN C 37 24.41 3.25 -9.21
N GLY C 38 24.94 2.24 -9.89
CA GLY C 38 25.36 1.04 -9.22
C GLY C 38 26.80 1.10 -8.75
N GLY C 39 27.02 0.91 -7.46
CA GLY C 39 28.36 0.96 -6.92
C GLY C 39 29.01 -0.42 -6.86
N ILE C 40 28.38 -1.39 -7.51
CA ILE C 40 28.91 -2.75 -7.54
C ILE C 40 29.36 -3.10 -8.95
N GLY A 1 -26.30 -9.97 -0.90
CA GLY A 1 -26.90 -10.37 0.39
C GLY A 1 -25.87 -10.54 1.49
N LEU A 2 -26.25 -11.24 2.56
CA LEU A 2 -25.33 -11.48 3.69
C LEU A 2 -24.07 -12.22 3.24
N PRO A 3 -24.18 -13.40 2.58
CA PRO A 3 -23.03 -14.18 2.15
C PRO A 3 -21.94 -13.32 1.50
N ASP A 4 -22.37 -12.41 0.62
CA ASP A 4 -21.47 -11.51 -0.10
C ASP A 4 -20.71 -10.61 0.87
N VAL A 5 -21.39 -10.18 1.93
CA VAL A 5 -20.80 -9.31 2.94
C VAL A 5 -19.68 -10.04 3.66
N ALA A 6 -19.93 -11.28 4.09
CA ALA A 6 -18.93 -12.08 4.79
C ALA A 6 -17.80 -12.47 3.84
N SER A 7 -18.11 -12.59 2.56
CA SER A 7 -17.10 -12.92 1.56
C SER A 7 -16.17 -11.73 1.38
N LEU A 8 -16.67 -10.56 1.73
CA LEU A 8 -15.88 -9.34 1.63
C LEU A 8 -14.87 -9.27 2.77
N ARG A 9 -15.14 -9.98 3.85
CA ARG A 9 -14.23 -10.01 5.00
C ARG A 9 -12.94 -10.71 4.58
N GLN A 10 -13.10 -11.71 3.71
CA GLN A 10 -11.97 -12.47 3.21
C GLN A 10 -11.15 -11.62 2.27
N GLN A 11 -11.84 -10.95 1.34
CA GLN A 11 -11.18 -10.08 0.38
C GLN A 11 -10.51 -8.89 1.05
N VAL A 12 -11.04 -8.49 2.20
CA VAL A 12 -10.50 -7.35 2.92
C VAL A 12 -9.22 -7.74 3.68
N GLU A 13 -9.17 -8.96 4.21
CA GLU A 13 -7.96 -9.43 4.88
C GLU A 13 -6.88 -9.66 3.82
N ALA A 14 -7.34 -9.98 2.63
CA ALA A 14 -6.48 -10.19 1.48
C ALA A 14 -5.78 -8.90 1.10
N LEU A 15 -6.58 -7.85 0.96
CA LEU A 15 -6.10 -6.54 0.59
C LEU A 15 -5.11 -6.01 1.62
N GLN A 16 -5.39 -6.26 2.90
CA GLN A 16 -4.48 -5.78 3.95
C GLN A 16 -3.20 -6.59 3.94
N GLY A 17 -3.26 -7.80 3.41
CA GLY A 17 -2.06 -8.62 3.30
C GLY A 17 -1.10 -8.01 2.29
N GLN A 18 -1.66 -7.31 1.32
CA GLN A 18 -0.86 -6.66 0.31
C GLN A 18 -0.17 -5.44 0.88
N VAL A 19 -0.89 -4.68 1.67
CA VAL A 19 -0.35 -3.48 2.29
C VAL A 19 0.74 -3.82 3.29
N GLN A 20 0.50 -4.86 4.09
CA GLN A 20 1.46 -5.26 5.09
C GLN A 20 2.78 -5.70 4.46
N HIS A 21 2.73 -6.44 3.36
CA HIS A 21 3.97 -6.86 2.73
C HIS A 21 4.57 -5.72 1.90
N LEU A 22 3.76 -4.71 1.57
CA LEU A 22 4.28 -3.57 0.82
C LEU A 22 5.16 -2.74 1.74
N GLN A 23 4.66 -2.46 2.94
CA GLN A 23 5.43 -1.71 3.93
C GLN A 23 6.55 -2.61 4.45
N ALA A 24 6.35 -3.91 4.31
CA ALA A 24 7.34 -4.90 4.70
C ALA A 24 8.58 -4.69 3.86
N ALA A 25 8.37 -4.62 2.55
CA ALA A 25 9.46 -4.37 1.62
C ALA A 25 10.02 -2.99 1.90
N PHE A 26 9.10 -2.06 2.16
CA PHE A 26 9.44 -0.67 2.48
C PHE A 26 10.45 -0.58 3.61
N SER A 27 10.43 -1.57 4.51
CA SER A 27 11.37 -1.58 5.64
C SER A 27 12.80 -1.30 5.19
N GLN A 28 13.12 -1.75 3.98
CA GLN A 28 14.43 -1.54 3.40
C GLN A 28 14.50 -0.20 2.68
N TYR A 29 13.53 0.00 1.80
CA TYR A 29 13.45 1.21 0.98
C TYR A 29 13.25 2.49 1.80
N LYS A 30 12.74 2.34 3.02
CA LYS A 30 12.51 3.47 3.90
C LYS A 30 13.84 4.13 4.29
N LYS A 31 14.89 3.33 4.38
CA LYS A 31 16.21 3.84 4.72
C LYS A 31 17.12 3.82 3.50
N VAL A 32 16.55 4.08 2.33
CA VAL A 32 17.28 4.10 1.09
C VAL A 32 17.72 5.52 0.71
N GLU A 33 16.83 6.51 0.86
CA GLU A 33 17.20 7.88 0.55
C GLU A 33 17.44 8.67 1.81
N LEU A 34 18.70 8.83 2.08
CA LEU A 34 19.17 9.54 3.26
C LEU A 34 20.70 9.67 3.25
N PHE A 35 21.39 8.63 2.81
CA PHE A 35 22.84 8.65 2.75
C PHE A 35 23.42 8.97 1.35
N PRO A 36 22.71 8.69 0.21
CA PRO A 36 23.25 8.98 -1.11
C PRO A 36 23.07 10.43 -1.53
N ASN A 37 23.49 10.74 -2.73
CA ASN A 37 23.37 12.11 -3.26
C ASN A 37 22.98 12.11 -4.72
N GLY A 38 22.54 13.26 -5.20
CA GLY A 38 22.14 13.38 -6.60
C GLY A 38 22.71 14.62 -7.25
N GLY A 39 23.42 14.42 -8.35
CA GLY A 39 24.02 15.55 -9.04
C GLY A 39 25.45 15.78 -8.61
N ILE A 40 25.66 16.75 -7.72
CA ILE A 40 26.99 17.04 -7.22
C ILE A 40 27.10 16.64 -5.75
N GLY B 1 -27.50 0.57 5.81
CA GLY B 1 -28.34 -0.52 5.24
C GLY B 1 -27.64 -1.27 4.13
N LEU B 2 -28.40 -1.97 3.30
CA LEU B 2 -27.84 -2.73 2.19
C LEU B 2 -27.10 -1.82 1.20
N PRO B 3 -27.75 -0.76 0.65
CA PRO B 3 -27.12 0.15 -0.30
C PRO B 3 -25.70 0.55 0.11
N ASP B 4 -25.54 0.89 1.39
CA ASP B 4 -24.25 1.31 1.94
C ASP B 4 -23.22 0.20 1.82
N VAL B 5 -23.68 -1.04 1.99
CA VAL B 5 -22.82 -2.21 1.90
C VAL B 5 -22.27 -2.37 0.48
N ALA B 6 -23.17 -2.29 -0.50
CA ALA B 6 -22.76 -2.41 -1.90
C ALA B 6 -21.91 -1.22 -2.33
N SER B 7 -22.15 -0.07 -1.70
CA SER B 7 -21.38 1.13 -2.00
C SER B 7 -19.95 0.95 -1.49
N LEU B 8 -19.79 0.08 -0.51
CA LEU B 8 -18.49 -0.19 0.05
C LEU B 8 -17.68 -1.09 -0.89
N ARG B 9 -18.37 -1.81 -1.76
CA ARG B 9 -17.68 -2.67 -2.72
C ARG B 9 -16.92 -1.80 -3.71
N GLN B 10 -17.49 -0.64 -4.00
CA GLN B 10 -16.88 0.31 -4.91
C GLN B 10 -15.66 0.95 -4.25
N GLN B 11 -15.83 1.38 -3.01
CA GLN B 11 -14.75 2.00 -2.25
C GLN B 11 -13.62 1.01 -1.99
N VAL B 12 -13.96 -0.27 -1.94
CA VAL B 12 -12.99 -1.30 -1.66
C VAL B 12 -12.14 -1.60 -2.91
N GLU B 13 -12.76 -1.56 -4.10
CA GLU B 13 -12.02 -1.76 -5.35
C GLU B 13 -11.13 -0.54 -5.58
N ALA B 14 -11.60 0.58 -5.06
CA ALA B 14 -10.87 1.84 -5.14
C ALA B 14 -9.58 1.75 -4.35
N LEU B 15 -9.73 1.31 -3.10
CA LEU B 15 -8.61 1.17 -2.19
C LEU B 15 -7.59 0.20 -2.72
N GLN B 16 -8.05 -0.90 -3.32
CA GLN B 16 -7.11 -1.88 -3.87
C GLN B 16 -6.42 -1.33 -5.10
N GLY B 17 -7.04 -0.35 -5.75
CA GLY B 17 -6.43 0.27 -6.90
C GLY B 17 -5.22 1.09 -6.49
N GLN B 18 -5.27 1.59 -5.26
CA GLN B 18 -4.17 2.36 -4.71
C GLN B 18 -3.00 1.45 -4.39
N VAL B 19 -3.30 0.31 -3.80
CA VAL B 19 -2.27 -0.65 -3.44
C VAL B 19 -1.59 -1.23 -4.67
N GLN B 20 -2.39 -1.56 -5.69
CA GLN B 20 -1.84 -2.14 -6.90
C GLN B 20 -0.88 -1.17 -7.59
N HIS B 21 -1.23 0.11 -7.65
CA HIS B 21 -0.34 1.06 -8.30
C HIS B 21 0.84 1.44 -7.39
N LEU B 22 0.70 1.17 -6.08
CA LEU B 22 1.80 1.46 -5.14
C LEU B 22 2.89 0.43 -5.36
N GLN B 23 2.51 -0.85 -5.44
CA GLN B 23 3.47 -1.91 -5.68
C GLN B 23 3.92 -1.82 -7.14
N ALA B 24 3.09 -1.17 -7.95
CA ALA B 24 3.40 -0.94 -9.36
C ALA B 24 4.65 -0.08 -9.43
N ALA B 25 4.60 1.03 -8.70
CA ALA B 25 5.73 1.94 -8.63
C ALA B 25 6.90 1.20 -7.98
N PHE B 26 6.57 0.44 -6.94
CA PHE B 26 7.53 -0.37 -6.20
C PHE B 26 8.36 -1.25 -7.12
N SER B 27 7.77 -1.65 -8.26
CA SER B 27 8.47 -2.51 -9.23
C SER B 27 9.87 -1.97 -9.51
N GLN B 28 10.00 -0.65 -9.51
CA GLN B 28 11.29 -0.02 -9.74
C GLN B 28 12.09 0.09 -8.45
N TYR B 29 11.43 0.62 -7.43
CA TYR B 29 12.06 0.84 -6.13
C TYR B 29 12.46 -0.45 -5.41
N LYS B 30 11.86 -1.56 -5.82
CA LYS B 30 12.19 -2.87 -5.24
C LYS B 30 13.62 -3.26 -5.56
N LYS B 31 14.10 -2.83 -6.71
CA LYS B 31 15.47 -3.13 -7.13
C LYS B 31 16.34 -1.88 -7.06
N VAL B 32 16.06 -1.06 -6.05
CA VAL B 32 16.79 0.18 -5.84
C VAL B 32 17.92 -0.01 -4.82
N GLU B 33 17.66 -0.71 -3.72
CA GLU B 33 18.72 -0.92 -2.74
C GLU B 33 19.23 -2.33 -2.80
N LEU B 34 20.35 -2.44 -3.45
CA LEU B 34 21.04 -3.70 -3.66
C LEU B 34 22.42 -3.50 -4.30
N PHE B 35 22.51 -2.58 -5.25
CA PHE B 35 23.78 -2.28 -5.92
C PHE B 35 24.53 -1.05 -5.34
N PRO B 36 23.86 -0.06 -4.69
CA PRO B 36 24.57 1.10 -4.16
C PRO B 36 25.20 0.84 -2.80
N ASN B 37 25.81 1.88 -2.23
CA ASN B 37 26.45 1.76 -0.93
C ASN B 37 26.26 3.02 -0.09
N GLY B 38 26.46 2.90 1.21
CA GLY B 38 26.30 4.03 2.11
C GLY B 38 27.50 4.18 3.02
N GLY B 39 28.07 5.37 3.06
CA GLY B 39 29.23 5.61 3.90
C GLY B 39 30.53 5.37 3.16
N ILE B 40 31.13 4.20 3.39
CA ILE B 40 32.38 3.83 2.75
C ILE B 40 32.16 2.70 1.76
N GLY C 1 -23.72 -10.02 11.35
CA GLY C 1 -24.95 -9.18 11.22
C GLY C 1 -24.63 -7.76 10.79
N LEU C 2 -25.58 -6.85 11.00
CA LEU C 2 -25.39 -5.45 10.63
C LEU C 2 -24.21 -4.82 11.37
N PRO C 3 -24.18 -4.88 12.74
CA PRO C 3 -23.11 -4.30 13.54
C PRO C 3 -21.71 -4.59 12.98
N ASP C 4 -21.51 -5.84 12.57
CA ASP C 4 -20.24 -6.30 12.01
C ASP C 4 -19.91 -5.57 10.72
N VAL C 5 -20.95 -5.28 9.94
CA VAL C 5 -20.80 -4.58 8.67
C VAL C 5 -20.30 -3.15 8.91
N ALA C 6 -20.94 -2.46 9.85
CA ALA C 6 -20.55 -1.09 10.18
C ALA C 6 -19.18 -1.06 10.85
N SER C 7 -18.85 -2.13 11.56
CA SER C 7 -17.55 -2.22 12.23
C SER C 7 -16.46 -2.38 11.18
N LEU C 8 -16.87 -2.85 10.00
CA LEU C 8 -15.94 -3.03 8.91
C LEU C 8 -15.62 -1.70 8.26
N ARG C 9 -16.49 -0.72 8.42
CA ARG C 9 -16.26 0.62 7.88
C ARG C 9 -15.09 1.27 8.61
N GLN C 10 -14.97 0.92 9.88
CA GLN C 10 -13.89 1.44 10.70
C GLN C 10 -12.59 0.80 10.26
N GLN C 11 -12.63 -0.51 10.08
CA GLN C 11 -11.46 -1.26 9.65
C GLN C 11 -11.03 -0.85 8.23
N VAL C 12 -11.98 -0.41 7.37
CA VAL C 12 -11.60 0.00 6.02
C VAL C 12 -10.89 1.32 6.04
N GLU C 13 -11.37 2.26 6.85
CA GLU C 13 -10.73 3.57 6.93
C GLU C 13 -9.34 3.40 7.52
N ALA C 14 -9.21 2.37 8.36
CA ALA C 14 -7.95 2.01 8.98
C ALA C 14 -6.96 1.56 7.93
N LEU C 15 -7.39 0.60 7.13
CA LEU C 15 -6.58 0.01 6.07
C LEU C 15 -6.15 1.08 5.06
N GLN C 16 -7.05 1.98 4.73
CA GLN C 16 -6.72 3.04 3.78
C GLN C 16 -5.78 4.04 4.41
N GLY C 17 -5.77 4.10 5.75
CA GLY C 17 -4.84 4.99 6.42
C GLY C 17 -3.42 4.48 6.27
N GLN C 18 -3.30 3.16 6.11
CA GLN C 18 -2.01 2.53 5.93
C GLN C 18 -1.49 2.79 4.53
N VAL C 19 -2.34 2.64 3.54
CA VAL C 19 -1.92 2.85 2.17
C VAL C 19 -1.64 4.33 1.87
N GLN C 20 -2.38 5.21 2.52
CA GLN C 20 -2.15 6.65 2.33
C GLN C 20 -0.79 7.05 2.89
N HIS C 21 -0.42 6.55 4.08
CA HIS C 21 0.88 6.91 4.64
C HIS C 21 2.00 6.14 3.94
N LEU C 22 1.65 5.05 3.24
CA LEU C 22 2.66 4.29 2.50
C LEU C 22 3.08 5.09 1.28
N GLN C 23 2.10 5.62 0.55
CA GLN C 23 2.39 6.45 -0.62
C GLN C 23 2.96 7.78 -0.14
N ALA C 24 2.65 8.11 1.11
CA ALA C 24 3.15 9.32 1.75
C ALA C 24 4.67 9.23 1.81
N ALA C 25 5.15 8.12 2.36
CA ALA C 25 6.57 7.86 2.45
C ALA C 25 7.14 7.77 1.03
N PHE C 26 6.38 7.10 0.16
CA PHE C 26 6.74 6.92 -1.24
C PHE C 26 7.07 8.25 -1.90
N SER C 27 6.45 9.34 -1.43
CA SER C 27 6.68 10.67 -1.99
C SER C 27 8.18 10.95 -2.15
N GLN C 28 8.97 10.42 -1.22
CA GLN C 28 10.42 10.58 -1.26
C GLN C 28 11.05 9.51 -2.14
N TYR C 29 10.68 8.27 -1.87
CA TYR C 29 11.22 7.12 -2.58
C TYR C 29 10.86 7.10 -4.07
N LYS C 30 9.79 7.81 -4.42
CA LYS C 30 9.35 7.88 -5.82
C LYS C 30 10.40 8.59 -6.68
N LYS C 31 11.14 9.51 -6.07
CA LYS C 31 12.18 10.24 -6.78
C LYS C 31 13.56 9.80 -6.30
N VAL C 32 13.67 8.52 -6.00
CA VAL C 32 14.92 7.94 -5.54
C VAL C 32 15.70 7.29 -6.69
N GLU C 33 15.04 6.54 -7.56
CA GLU C 33 15.75 5.92 -8.67
C GLU C 33 15.47 6.65 -9.95
N LEU C 34 16.43 7.47 -10.30
CA LEU C 34 16.39 8.31 -11.50
C LEU C 34 17.76 8.96 -11.73
N PHE C 35 18.35 9.50 -10.67
CA PHE C 35 19.64 10.16 -10.76
C PHE C 35 20.87 9.25 -10.46
N PRO C 36 20.75 8.15 -9.67
CA PRO C 36 21.92 7.31 -9.39
C PRO C 36 22.20 6.31 -10.49
N ASN C 37 23.21 5.47 -10.28
CA ASN C 37 23.59 4.46 -11.25
C ASN C 37 23.99 3.15 -10.57
N GLY C 38 24.00 2.07 -11.34
CA GLY C 38 24.37 0.77 -10.82
C GLY C 38 25.39 0.08 -11.68
N GLY C 39 26.51 -0.30 -11.08
CA GLY C 39 27.56 -0.98 -11.82
C GLY C 39 28.62 -0.01 -12.32
N ILE C 40 28.52 0.35 -13.60
CA ILE C 40 29.45 1.29 -14.20
C ILE C 40 28.74 2.60 -14.50
N GLY A 1 -26.57 -11.13 0.06
CA GLY A 1 -27.18 -11.63 1.32
C GLY A 1 -26.23 -11.47 2.50
N LEU A 2 -25.95 -12.56 3.19
CA LEU A 2 -25.04 -12.53 4.34
C LEU A 2 -23.65 -13.04 3.96
N PRO A 3 -23.54 -14.27 3.40
CA PRO A 3 -22.26 -14.88 3.05
C PRO A 3 -21.31 -13.92 2.30
N ASP A 4 -21.84 -13.19 1.31
CA ASP A 4 -21.04 -12.24 0.52
C ASP A 4 -20.53 -11.10 1.40
N VAL A 5 -21.26 -10.79 2.46
CA VAL A 5 -20.85 -9.74 3.38
C VAL A 5 -19.62 -10.21 4.16
N ALA A 6 -19.70 -11.45 4.66
CA ALA A 6 -18.58 -12.04 5.39
C ALA A 6 -17.43 -12.36 4.44
N SER A 7 -17.76 -12.56 3.17
CA SER A 7 -16.75 -12.84 2.16
C SER A 7 -15.97 -11.56 1.85
N LEU A 8 -16.55 -10.43 2.21
CA LEU A 8 -15.90 -9.15 2.00
C LEU A 8 -14.88 -8.96 3.11
N ARG A 9 -15.05 -9.72 4.18
CA ARG A 9 -14.15 -9.71 5.32
C ARG A 9 -12.82 -10.36 4.92
N GLN A 10 -12.91 -11.49 4.22
CA GLN A 10 -11.71 -12.18 3.77
C GLN A 10 -11.03 -11.39 2.66
N GLN A 11 -11.84 -10.73 1.84
CA GLN A 11 -11.34 -9.91 0.74
C GLN A 11 -10.64 -8.67 1.28
N VAL A 12 -11.11 -8.20 2.42
CA VAL A 12 -10.56 -7.01 3.04
C VAL A 12 -9.27 -7.36 3.78
N GLU A 13 -9.20 -8.58 4.31
CA GLU A 13 -7.98 -9.05 4.97
C GLU A 13 -6.95 -9.38 3.91
N ALA A 14 -7.45 -9.61 2.70
CA ALA A 14 -6.63 -9.91 1.54
C ALA A 14 -5.85 -8.66 1.14
N LEU A 15 -6.60 -7.57 0.98
CA LEU A 15 -6.02 -6.27 0.63
C LEU A 15 -5.09 -5.83 1.76
N GLN A 16 -5.44 -6.24 2.98
CA GLN A 16 -4.63 -5.95 4.16
C GLN A 16 -3.26 -6.62 4.03
N GLY A 17 -3.29 -7.85 3.52
CA GLY A 17 -2.08 -8.61 3.31
C GLY A 17 -1.18 -7.94 2.30
N GLN A 18 -1.78 -7.19 1.39
CA GLN A 18 -1.03 -6.48 0.38
C GLN A 18 -0.27 -5.32 1.01
N VAL A 19 -0.93 -4.61 1.90
CA VAL A 19 -0.30 -3.47 2.56
C VAL A 19 0.77 -3.92 3.55
N GLN A 20 0.53 -5.02 4.25
CA GLN A 20 1.52 -5.52 5.21
C GLN A 20 2.80 -5.93 4.51
N HIS A 21 2.68 -6.60 3.35
CA HIS A 21 3.88 -7.02 2.63
C HIS A 21 4.47 -5.84 1.85
N LEU A 22 3.67 -4.79 1.63
CA LEU A 22 4.18 -3.60 0.95
C LEU A 22 5.12 -2.89 1.91
N GLN A 23 4.74 -2.89 3.18
CA GLN A 23 5.57 -2.29 4.22
C GLN A 23 6.75 -3.21 4.48
N ALA A 24 6.54 -4.50 4.22
CA ALA A 24 7.57 -5.51 4.37
C ALA A 24 8.74 -5.17 3.48
N ALA A 25 8.45 -5.04 2.18
CA ALA A 25 9.46 -4.69 1.21
C ALA A 25 9.99 -3.30 1.54
N PHE A 26 9.08 -2.40 1.86
CA PHE A 26 9.42 -1.02 2.22
C PHE A 26 10.44 -0.95 3.34
N SER A 27 10.51 -1.99 4.18
CA SER A 27 11.45 -2.01 5.29
C SER A 27 12.89 -1.77 4.82
N GLN A 28 13.23 -2.29 3.65
CA GLN A 28 14.58 -2.11 3.11
C GLN A 28 14.67 -0.81 2.29
N TYR A 29 13.59 -0.48 1.57
CA TYR A 29 13.57 0.73 0.75
C TYR A 29 13.43 1.98 1.62
N LYS A 30 12.96 1.76 2.83
CA LYS A 30 12.78 2.82 3.82
C LYS A 30 14.14 3.41 4.21
N LYS A 31 15.14 2.55 4.36
CA LYS A 31 16.48 3.01 4.70
C LYS A 31 17.33 3.17 3.45
N VAL A 32 16.66 3.53 2.36
CA VAL A 32 17.33 3.74 1.08
C VAL A 32 17.66 5.22 0.88
N GLU A 33 16.74 6.11 1.23
CA GLU A 33 17.05 7.53 1.09
C GLU A 33 17.39 8.14 2.42
N LEU A 34 18.66 8.34 2.56
CA LEU A 34 19.26 8.90 3.76
C LEU A 34 20.74 9.18 3.53
N PHE A 35 21.37 8.36 2.71
CA PHE A 35 22.79 8.55 2.37
C PHE A 35 23.07 8.65 0.84
N PRO A 36 22.10 9.02 -0.04
CA PRO A 36 22.36 9.09 -1.48
C PRO A 36 22.87 10.47 -1.93
N ASN A 37 22.89 10.66 -3.24
CA ASN A 37 23.34 11.90 -3.84
C ASN A 37 22.18 12.88 -4.02
N GLY A 38 21.17 12.77 -3.16
CA GLY A 38 20.02 13.66 -3.25
C GLY A 38 20.30 15.02 -2.65
N GLY A 39 19.87 16.07 -3.33
CA GLY A 39 20.10 17.42 -2.84
C GLY A 39 18.86 18.00 -2.19
N ILE A 40 19.02 18.59 -1.01
CA ILE A 40 17.91 19.20 -0.30
C ILE A 40 18.42 20.30 0.61
N GLY B 1 -28.44 0.19 4.62
CA GLY B 1 -29.28 -0.85 3.98
C GLY B 1 -28.45 -1.79 3.11
N LEU B 2 -28.87 -1.97 1.87
CA LEU B 2 -28.17 -2.85 0.94
C LEU B 2 -27.21 -2.08 0.03
N PRO B 3 -27.70 -1.04 -0.69
CA PRO B 3 -26.90 -0.26 -1.62
C PRO B 3 -25.54 0.18 -1.04
N ASP B 4 -25.54 0.66 0.21
CA ASP B 4 -24.31 1.11 0.86
C ASP B 4 -23.36 -0.05 1.10
N VAL B 5 -23.91 -1.25 1.20
CA VAL B 5 -23.09 -2.44 1.40
C VAL B 5 -22.34 -2.74 0.11
N ALA B 6 -23.07 -2.70 -1.01
CA ALA B 6 -22.47 -2.94 -2.33
C ALA B 6 -21.58 -1.75 -2.71
N SER B 7 -21.86 -0.60 -2.13
CA SER B 7 -21.06 0.58 -2.40
C SER B 7 -19.72 0.48 -1.68
N LEU B 8 -19.66 -0.40 -0.69
CA LEU B 8 -18.43 -0.62 0.03
C LEU B 8 -17.54 -1.53 -0.80
N ARG B 9 -18.17 -2.21 -1.75
CA ARG B 9 -17.48 -3.09 -2.68
C ARG B 9 -16.66 -2.25 -3.66
N GLN B 10 -17.24 -1.17 -4.16
CA GLN B 10 -16.54 -0.28 -5.09
C GLN B 10 -15.47 0.49 -4.32
N GLN B 11 -15.78 0.82 -3.07
CA GLN B 11 -14.84 1.55 -2.23
C GLN B 11 -13.64 0.67 -1.86
N VAL B 12 -13.89 -0.62 -1.78
CA VAL B 12 -12.85 -1.57 -1.42
C VAL B 12 -11.99 -1.88 -2.64
N GLU B 13 -12.58 -1.85 -3.84
CA GLU B 13 -11.83 -2.05 -5.06
C GLU B 13 -11.05 -0.79 -5.37
N ALA B 14 -11.50 0.32 -4.76
CA ALA B 14 -10.85 1.61 -4.90
C ALA B 14 -9.52 1.58 -4.16
N LEU B 15 -9.59 1.15 -2.90
CA LEU B 15 -8.40 1.03 -2.07
C LEU B 15 -7.47 0.00 -2.67
N GLN B 16 -8.07 -0.98 -3.35
CA GLN B 16 -7.33 -2.03 -4.03
C GLN B 16 -6.50 -1.42 -5.16
N GLY B 17 -7.10 -0.45 -5.84
CA GLY B 17 -6.42 0.25 -6.91
C GLY B 17 -5.23 1.04 -6.41
N GLN B 18 -5.29 1.43 -5.15
CA GLN B 18 -4.20 2.18 -4.55
C GLN B 18 -3.01 1.26 -4.31
N VAL B 19 -3.28 0.06 -3.83
CA VAL B 19 -2.21 -0.89 -3.58
C VAL B 19 -1.60 -1.42 -4.87
N GLN B 20 -2.42 -1.64 -5.90
CA GLN B 20 -1.90 -2.13 -7.16
C GLN B 20 -0.96 -1.12 -7.80
N HIS B 21 -1.31 0.17 -7.75
CA HIS B 21 -0.45 1.18 -8.35
C HIS B 21 0.73 1.49 -7.41
N LEU B 22 0.60 1.12 -6.12
CA LEU B 22 1.69 1.32 -5.19
C LEU B 22 2.78 0.32 -5.52
N GLN B 23 2.35 -0.88 -5.89
CA GLN B 23 3.28 -1.93 -6.30
C GLN B 23 3.80 -1.58 -7.69
N ALA B 24 2.99 -0.84 -8.43
CA ALA B 24 3.33 -0.39 -9.78
C ALA B 24 4.58 0.47 -9.71
N ALA B 25 4.50 1.51 -8.89
CA ALA B 25 5.61 2.41 -8.70
C ALA B 25 6.76 1.63 -8.07
N PHE B 26 6.42 0.83 -7.06
CA PHE B 26 7.38 -0.01 -6.35
C PHE B 26 8.20 -0.87 -7.30
N SER B 27 7.66 -1.18 -8.48
CA SER B 27 8.37 -2.02 -9.44
C SER B 27 9.76 -1.46 -9.77
N GLN B 28 9.88 -0.13 -9.80
CA GLN B 28 11.16 0.50 -10.08
C GLN B 28 11.97 0.72 -8.80
N TYR B 29 11.28 1.05 -7.71
CA TYR B 29 11.94 1.28 -6.43
C TYR B 29 12.39 -0.03 -5.80
N LYS B 30 11.78 -1.12 -6.27
CA LYS B 30 12.09 -2.45 -5.81
C LYS B 30 13.53 -2.82 -6.19
N LYS B 31 13.93 -2.45 -7.39
CA LYS B 31 15.28 -2.72 -7.85
C LYS B 31 16.19 -1.53 -7.60
N VAL B 32 15.89 -0.80 -6.52
CA VAL B 32 16.67 0.36 -6.14
C VAL B 32 17.73 0.00 -5.11
N GLU B 33 17.38 -0.84 -4.14
CA GLU B 33 18.36 -1.23 -3.15
C GLU B 33 18.87 -2.61 -3.42
N LEU B 34 20.05 -2.63 -3.96
CA LEU B 34 20.76 -3.83 -4.35
C LEU B 34 22.18 -3.50 -4.75
N PHE B 35 22.37 -2.32 -5.34
CA PHE B 35 23.70 -1.86 -5.75
C PHE B 35 24.10 -0.48 -5.16
N PRO B 36 23.54 0.00 -4.02
CA PRO B 36 23.90 1.31 -3.46
C PRO B 36 25.09 1.23 -2.50
N ASN B 37 25.31 2.32 -1.78
CA ASN B 37 26.39 2.42 -0.81
C ASN B 37 25.92 1.98 0.58
N GLY B 38 24.92 1.10 0.61
CA GLY B 38 24.40 0.61 1.88
C GLY B 38 25.27 -0.45 2.49
N GLY B 39 25.53 -0.32 3.78
CA GLY B 39 26.37 -1.30 4.47
C GLY B 39 25.53 -2.30 5.25
N ILE B 40 25.89 -3.57 5.14
CA ILE B 40 25.18 -4.63 5.83
C ILE B 40 26.10 -5.83 6.05
N GLY C 1 -24.58 -8.96 12.10
CA GLY C 1 -25.77 -8.08 12.03
C GLY C 1 -25.50 -6.79 11.29
N LEU C 2 -25.83 -5.67 11.91
CA LEU C 2 -25.61 -4.36 11.30
C LEU C 2 -24.31 -3.71 11.80
N PRO C 3 -24.15 -3.56 13.14
CA PRO C 3 -22.98 -2.91 13.73
C PRO C 3 -21.65 -3.39 13.14
N ASP C 4 -21.51 -4.71 12.96
CA ASP C 4 -20.27 -5.28 12.41
C ASP C 4 -20.05 -4.85 10.96
N VAL C 5 -21.14 -4.55 10.26
CA VAL C 5 -21.07 -4.10 8.89
C VAL C 5 -20.50 -2.69 8.85
N ALA C 6 -21.01 -1.83 9.73
CA ALA C 6 -20.53 -0.45 9.83
C ALA C 6 -19.14 -0.42 10.46
N SER C 7 -18.82 -1.47 11.22
CA SER C 7 -17.52 -1.57 11.85
C SER C 7 -16.48 -1.95 10.80
N LEU C 8 -16.97 -2.48 9.69
CA LEU C 8 -16.09 -2.84 8.60
C LEU C 8 -15.72 -1.56 7.86
N ARG C 9 -16.52 -0.53 8.05
CA ARG C 9 -16.30 0.79 7.45
C ARG C 9 -15.10 1.46 8.12
N GLN C 10 -15.02 1.37 9.43
CA GLN C 10 -13.89 1.94 10.14
C GLN C 10 -12.65 1.11 9.85
N GLN C 11 -12.85 -0.19 9.67
CA GLN C 11 -11.75 -1.09 9.36
C GLN C 11 -11.22 -0.82 7.95
N VAL C 12 -12.09 -0.41 7.02
CA VAL C 12 -11.64 -0.09 5.67
C VAL C 12 -10.91 1.22 5.67
N GLU C 13 -11.40 2.17 6.46
CA GLU C 13 -10.75 3.46 6.53
C GLU C 13 -9.40 3.30 7.22
N ALA C 14 -9.28 2.22 7.99
CA ALA C 14 -8.06 1.88 8.68
C ALA C 14 -7.00 1.46 7.68
N LEU C 15 -7.37 0.51 6.82
CA LEU C 15 -6.49 0.03 5.76
C LEU C 15 -6.14 1.19 4.84
N GLN C 16 -7.11 2.08 4.69
CA GLN C 16 -6.97 3.25 3.86
C GLN C 16 -5.85 4.14 4.40
N GLY C 17 -5.82 4.26 5.72
CA GLY C 17 -4.81 5.04 6.39
C GLY C 17 -3.43 4.46 6.18
N GLN C 18 -3.37 3.15 5.96
CA GLN C 18 -2.12 2.47 5.73
C GLN C 18 -1.60 2.83 4.34
N VAL C 19 -2.47 2.86 3.35
CA VAL C 19 -2.08 3.19 2.00
C VAL C 19 -1.72 4.67 1.87
N GLN C 20 -2.44 5.54 2.56
CA GLN C 20 -2.17 6.96 2.49
C GLN C 20 -0.80 7.28 3.06
N HIS C 21 -0.44 6.64 4.17
CA HIS C 21 0.87 6.89 4.77
C HIS C 21 1.95 6.11 4.03
N LEU C 22 1.54 5.09 3.26
CA LEU C 22 2.51 4.35 2.46
C LEU C 22 2.97 5.24 1.33
N GLN C 23 2.02 6.00 0.78
CA GLN C 23 2.33 6.95 -0.27
C GLN C 23 3.06 8.13 0.34
N ALA C 24 2.78 8.37 1.63
CA ALA C 24 3.42 9.45 2.38
C ALA C 24 4.92 9.24 2.38
N ALA C 25 5.33 8.07 2.87
CA ALA C 25 6.72 7.71 2.90
C ALA C 25 7.26 7.66 1.48
N PHE C 26 6.47 7.04 0.61
CA PHE C 26 6.81 6.88 -0.80
C PHE C 26 7.15 8.22 -1.46
N SER C 27 6.61 9.32 -0.93
CA SER C 27 6.86 10.64 -1.49
C SER C 27 8.36 10.92 -1.62
N GLN C 28 9.14 10.46 -0.64
CA GLN C 28 10.57 10.67 -0.67
C GLN C 28 11.28 9.55 -1.45
N TYR C 29 10.78 8.33 -1.34
CA TYR C 29 11.37 7.18 -2.04
C TYR C 29 11.05 7.25 -3.54
N LYS C 30 10.01 8.00 -3.85
CA LYS C 30 9.55 8.19 -5.23
C LYS C 30 10.61 8.92 -6.04
N LYS C 31 11.25 9.92 -5.42
CA LYS C 31 12.29 10.68 -6.08
C LYS C 31 13.67 10.12 -5.74
N VAL C 32 13.70 8.82 -5.52
CA VAL C 32 14.94 8.12 -5.20
C VAL C 32 15.58 7.52 -6.45
N GLU C 33 14.77 6.92 -7.34
CA GLU C 33 15.33 6.35 -8.55
C GLU C 33 15.08 7.26 -9.74
N LEU C 34 16.13 7.96 -10.06
CA LEU C 34 16.18 8.92 -11.16
C LEU C 34 17.62 9.31 -11.44
N PHE C 35 18.40 9.45 -10.37
CA PHE C 35 19.81 9.82 -10.49
C PHE C 35 20.80 8.78 -9.91
N PRO C 36 20.46 7.46 -9.75
CA PRO C 36 21.41 6.51 -9.19
C PRO C 36 22.31 5.86 -10.24
N ASN C 37 23.02 4.82 -9.83
CA ASN C 37 23.92 4.10 -10.71
C ASN C 37 23.19 2.95 -11.41
N GLY C 38 21.89 3.11 -11.62
CA GLY C 38 21.10 2.09 -12.27
C GLY C 38 21.27 2.10 -13.78
N GLY C 39 21.43 0.92 -14.36
CA GLY C 39 21.60 0.83 -15.80
C GLY C 39 20.34 0.39 -16.51
N ILE C 40 19.97 1.11 -17.56
CA ILE C 40 18.78 0.79 -18.33
C ILE C 40 18.97 1.25 -19.77
N GLY A 1 -26.49 -8.51 1.36
CA GLY A 1 -27.14 -9.36 2.39
C GLY A 1 -26.14 -9.96 3.36
N LEU A 2 -25.82 -11.24 3.18
CA LEU A 2 -24.86 -11.92 4.03
C LEU A 2 -23.67 -12.44 3.21
N PRO A 3 -23.92 -13.36 2.25
CA PRO A 3 -22.87 -13.97 1.43
C PRO A 3 -21.97 -12.96 0.74
N ASP A 4 -22.57 -11.98 0.09
CA ASP A 4 -21.83 -10.94 -0.62
C ASP A 4 -20.97 -10.11 0.33
N VAL A 5 -21.46 -9.92 1.54
CA VAL A 5 -20.74 -9.16 2.55
C VAL A 5 -19.51 -9.92 3.02
N ALA A 6 -19.70 -11.18 3.39
CA ALA A 6 -18.59 -12.01 3.86
C ALA A 6 -17.63 -12.33 2.72
N SER A 7 -18.13 -12.30 1.49
CA SER A 7 -17.27 -12.55 0.33
C SER A 7 -16.32 -11.38 0.17
N LEU A 8 -16.73 -10.22 0.65
CA LEU A 8 -15.89 -9.04 0.58
C LEU A 8 -14.76 -9.15 1.59
N ARG A 9 -14.97 -9.94 2.63
CA ARG A 9 -13.94 -10.15 3.65
C ARG A 9 -12.71 -10.82 3.05
N GLN A 10 -12.94 -11.51 1.94
CA GLN A 10 -11.85 -12.21 1.25
C GLN A 10 -10.99 -11.22 0.48
N GLN A 11 -11.64 -10.28 -0.20
CA GLN A 11 -10.94 -9.26 -0.96
C GLN A 11 -10.25 -8.30 -0.01
N VAL A 12 -10.83 -8.15 1.18
CA VAL A 12 -10.28 -7.28 2.21
C VAL A 12 -9.06 -7.94 2.84
N GLU A 13 -9.12 -9.27 3.00
CA GLU A 13 -8.00 -10.02 3.54
C GLU A 13 -6.84 -9.93 2.56
N ALA A 14 -7.21 -9.85 1.29
CA ALA A 14 -6.26 -9.72 0.20
C ALA A 14 -5.52 -8.40 0.29
N LEU A 15 -6.31 -7.33 0.31
CA LEU A 15 -5.80 -5.98 0.39
C LEU A 15 -4.94 -5.75 1.62
N GLN A 16 -5.34 -6.33 2.74
CA GLN A 16 -4.58 -6.15 3.98
C GLN A 16 -3.25 -6.90 3.91
N GLY A 17 -3.21 -8.02 3.19
CA GLY A 17 -1.97 -8.76 3.07
C GLY A 17 -0.99 -8.04 2.16
N GLN A 18 -1.52 -7.33 1.18
CA GLN A 18 -0.70 -6.59 0.26
C GLN A 18 -0.15 -5.32 0.91
N VAL A 19 -0.95 -4.70 1.76
CA VAL A 19 -0.52 -3.49 2.44
C VAL A 19 0.44 -3.82 3.58
N GLN A 20 0.24 -4.98 4.21
CA GLN A 20 1.11 -5.38 5.30
C GLN A 20 2.51 -5.68 4.79
N HIS A 21 2.62 -6.32 3.63
CA HIS A 21 3.95 -6.62 3.09
C HIS A 21 4.54 -5.41 2.39
N LEU A 22 3.69 -4.51 1.91
CA LEU A 22 4.20 -3.30 1.26
C LEU A 22 4.78 -2.36 2.29
N GLN A 23 4.09 -2.28 3.43
CA GLN A 23 4.54 -1.42 4.51
C GLN A 23 5.78 -2.04 5.13
N ALA A 24 5.77 -3.38 5.19
CA ALA A 24 6.88 -4.15 5.71
C ALA A 24 8.15 -3.81 4.96
N ALA A 25 8.09 -3.99 3.65
CA ALA A 25 9.23 -3.70 2.78
C ALA A 25 9.61 -2.23 2.87
N PHE A 26 8.61 -1.37 2.77
CA PHE A 26 8.81 0.08 2.83
C PHE A 26 9.55 0.49 4.08
N SER A 27 9.47 -0.31 5.14
CA SER A 27 10.15 0.03 6.40
C SER A 27 11.61 0.40 6.14
N GLN A 28 12.22 -0.21 5.14
CA GLN A 28 13.59 0.11 4.79
C GLN A 28 13.67 1.14 3.67
N TYR A 29 12.87 0.93 2.63
CA TYR A 29 12.87 1.83 1.47
C TYR A 29 12.34 3.23 1.81
N LYS A 30 11.61 3.36 2.91
CA LYS A 30 11.07 4.64 3.32
C LYS A 30 12.17 5.55 3.87
N LYS A 31 13.38 5.02 3.98
CA LYS A 31 14.51 5.80 4.45
C LYS A 31 15.65 5.65 3.45
N VAL A 32 15.26 5.59 2.18
CA VAL A 32 16.20 5.45 1.08
C VAL A 32 16.48 6.78 0.37
N GLU A 33 15.49 7.66 0.28
CA GLU A 33 15.72 8.94 -0.39
C GLU A 33 16.29 9.96 0.57
N LEU A 34 17.57 9.82 0.73
CA LEU A 34 18.40 10.65 1.58
C LEU A 34 19.86 10.47 1.21
N PHE A 35 20.23 9.24 0.87
CA PHE A 35 21.61 8.93 0.47
C PHE A 35 21.74 8.35 -0.96
N PRO A 36 20.97 8.83 -1.96
CA PRO A 36 21.08 8.32 -3.34
C PRO A 36 22.33 8.84 -4.03
N ASN A 37 22.54 8.43 -5.27
CA ASN A 37 23.69 8.88 -6.03
C ASN A 37 23.32 10.10 -6.88
N GLY A 38 22.99 11.19 -6.20
CA GLY A 38 22.60 12.40 -6.88
C GLY A 38 21.29 12.96 -6.35
N GLY A 39 20.72 13.92 -7.05
CA GLY A 39 19.47 14.51 -6.63
C GLY A 39 18.60 14.93 -7.79
N ILE A 40 19.03 15.97 -8.49
CA ILE A 40 18.31 16.48 -9.64
C ILE A 40 19.29 16.94 -10.72
N GLY B 1 -27.13 -2.13 6.04
CA GLY B 1 -28.19 -2.81 5.26
C GLY B 1 -27.71 -3.23 3.88
N LEU B 2 -28.11 -2.50 2.84
CA LEU B 2 -27.68 -2.80 1.48
C LEU B 2 -26.87 -1.64 0.88
N PRO B 3 -27.48 -0.45 0.73
CA PRO B 3 -26.83 0.72 0.12
C PRO B 3 -25.48 1.06 0.74
N ASP B 4 -25.44 1.12 2.07
CA ASP B 4 -24.21 1.45 2.79
C ASP B 4 -23.13 0.39 2.57
N VAL B 5 -23.56 -0.84 2.38
CA VAL B 5 -22.64 -1.95 2.15
C VAL B 5 -22.01 -1.84 0.77
N ALA B 6 -22.85 -1.66 -0.25
CA ALA B 6 -22.36 -1.55 -1.62
C ALA B 6 -21.59 -0.25 -1.82
N SER B 7 -21.92 0.76 -1.02
CA SER B 7 -21.22 2.03 -1.11
C SER B 7 -19.79 1.85 -0.63
N LEU B 8 -19.60 0.87 0.24
CA LEU B 8 -18.28 0.58 0.75
C LEU B 8 -17.44 -0.08 -0.33
N ARG B 9 -18.10 -0.71 -1.30
CA ARG B 9 -17.41 -1.37 -2.41
C ARG B 9 -16.66 -0.34 -3.25
N GLN B 10 -17.09 0.92 -3.14
CA GLN B 10 -16.48 2.00 -3.90
C GLN B 10 -15.17 2.41 -3.25
N GLN B 11 -15.19 2.53 -1.92
CA GLN B 11 -14.00 2.89 -1.16
C GLN B 11 -13.00 1.74 -1.19
N VAL B 12 -13.52 0.53 -1.33
CA VAL B 12 -12.71 -0.66 -1.40
C VAL B 12 -12.03 -0.75 -2.77
N GLU B 13 -12.77 -0.36 -3.81
CA GLU B 13 -12.23 -0.34 -5.16
C GLU B 13 -11.11 0.69 -5.22
N ALA B 14 -11.30 1.72 -4.42
CA ALA B 14 -10.33 2.80 -4.30
C ALA B 14 -9.04 2.29 -3.71
N LEU B 15 -9.16 1.71 -2.54
CA LEU B 15 -8.04 1.15 -1.80
C LEU B 15 -7.28 0.11 -2.60
N GLN B 16 -8.01 -0.72 -3.34
CA GLN B 16 -7.37 -1.76 -4.12
C GLN B 16 -6.61 -1.17 -5.30
N GLY B 17 -7.10 -0.06 -5.85
CA GLY B 17 -6.41 0.57 -6.95
C GLY B 17 -5.13 1.24 -6.49
N GLN B 18 -5.14 1.72 -5.26
CA GLN B 18 -3.97 2.37 -4.69
C GLN B 18 -2.91 1.35 -4.31
N VAL B 19 -3.34 0.20 -3.82
CA VAL B 19 -2.40 -0.86 -3.44
C VAL B 19 -1.87 -1.56 -4.67
N GLN B 20 -2.67 -1.65 -5.73
CA GLN B 20 -2.23 -2.32 -6.94
C GLN B 20 -1.13 -1.50 -7.62
N HIS B 21 -1.28 -0.17 -7.65
CA HIS B 21 -0.26 0.67 -8.29
C HIS B 21 0.93 0.88 -7.35
N LEU B 22 0.72 0.78 -6.04
CA LEU B 22 1.81 0.94 -5.10
C LEU B 22 2.69 -0.28 -5.14
N GLN B 23 2.06 -1.45 -5.24
CA GLN B 23 2.77 -2.69 -5.31
C GLN B 23 3.49 -2.77 -6.65
N ALA B 24 2.79 -2.28 -7.67
CA ALA B 24 3.31 -2.24 -9.03
C ALA B 24 4.63 -1.48 -9.06
N ALA B 25 4.59 -0.25 -8.56
CA ALA B 25 5.78 0.58 -8.50
C ALA B 25 6.84 -0.05 -7.66
N PHE B 26 6.44 -0.50 -6.47
CA PHE B 26 7.35 -1.12 -5.52
C PHE B 26 8.10 -2.29 -6.13
N SER B 27 7.54 -2.91 -7.17
CA SER B 27 8.19 -4.06 -7.80
C SER B 27 9.65 -3.75 -8.12
N GLN B 28 9.95 -2.49 -8.42
CA GLN B 28 11.32 -2.09 -8.72
C GLN B 28 11.99 -1.49 -7.47
N TYR B 29 11.28 -0.64 -6.77
CA TYR B 29 11.82 0.02 -5.58
C TYR B 29 12.07 -0.96 -4.42
N LYS B 30 11.42 -2.11 -4.47
CA LYS B 30 11.57 -3.11 -3.42
C LYS B 30 12.93 -3.81 -3.53
N LYS B 31 13.68 -3.47 -4.57
CA LYS B 31 15.02 -4.02 -4.75
C LYS B 31 16.01 -2.87 -4.96
N VAL B 32 15.75 -1.78 -4.24
CA VAL B 32 16.56 -0.58 -4.32
C VAL B 32 17.54 -0.47 -3.15
N GLU B 33 17.15 -0.91 -1.95
CA GLU B 33 18.07 -0.83 -0.82
C GLU B 33 19.00 -2.01 -0.78
N LEU B 34 19.99 -1.88 -1.59
CA LEU B 34 21.06 -2.86 -1.76
C LEU B 34 22.24 -2.21 -2.46
N PHE B 35 21.96 -1.29 -3.37
CA PHE B 35 23.02 -0.59 -4.10
C PHE B 35 22.94 0.96 -3.97
N PRO B 36 22.60 1.52 -2.77
CA PRO B 36 22.54 2.97 -2.60
C PRO B 36 23.93 3.59 -2.50
N ASN B 37 24.00 4.91 -2.40
CA ASN B 37 25.28 5.59 -2.27
C ASN B 37 25.64 5.76 -0.79
N GLY B 38 25.90 4.64 -0.14
CA GLY B 38 26.24 4.67 1.27
C GLY B 38 25.40 3.71 2.08
N GLY B 39 25.40 3.90 3.40
CA GLY B 39 24.62 3.03 4.27
C GLY B 39 24.19 3.74 5.53
N ILE B 40 25.15 3.99 6.42
CA ILE B 40 24.89 4.67 7.67
C ILE B 40 26.09 5.54 8.04
N GLY C 1 -24.73 -9.02 9.08
CA GLY C 1 -25.93 -8.23 9.42
C GLY C 1 -25.64 -6.74 9.45
N LEU C 2 -25.43 -6.21 10.65
CA LEU C 2 -25.16 -4.79 10.81
C LEU C 2 -23.87 -4.54 11.59
N PRO C 3 -23.79 -4.98 12.86
CA PRO C 3 -22.59 -4.80 13.69
C PRO C 3 -21.32 -5.28 13.03
N ASP C 4 -21.36 -6.49 12.45
CA ASP C 4 -20.20 -7.07 11.78
C ASP C 4 -19.79 -6.26 10.56
N VAL C 5 -20.77 -5.67 9.89
CA VAL C 5 -20.52 -4.85 8.71
C VAL C 5 -19.82 -3.55 9.10
N ALA C 6 -20.36 -2.85 10.08
CA ALA C 6 -19.78 -1.60 10.54
C ALA C 6 -18.44 -1.83 11.25
N SER C 7 -18.26 -3.02 11.80
CA SER C 7 -17.01 -3.36 12.46
C SER C 7 -15.92 -3.48 11.41
N LEU C 8 -16.33 -3.81 10.19
CA LEU C 8 -15.40 -3.93 9.10
C LEU C 8 -14.93 -2.54 8.66
N ARG C 9 -15.74 -1.54 8.94
CA ARG C 9 -15.42 -0.15 8.60
C ARG C 9 -14.18 0.30 9.38
N GLN C 10 -13.90 -0.38 10.47
CA GLN C 10 -12.77 -0.05 11.32
C GLN C 10 -11.49 -0.60 10.70
N GLN C 11 -11.56 -1.84 10.21
CA GLN C 11 -10.43 -2.48 9.57
C GLN C 11 -10.13 -1.80 8.23
N VAL C 12 -11.19 -1.27 7.61
CA VAL C 12 -11.06 -0.57 6.35
C VAL C 12 -10.45 0.81 6.57
N GLU C 13 -10.80 1.44 7.70
CA GLU C 13 -10.23 2.74 8.04
C GLU C 13 -8.74 2.55 8.31
N ALA C 14 -8.42 1.37 8.80
CA ALA C 14 -7.05 0.99 9.08
C ALA C 14 -6.26 0.89 7.80
N LEU C 15 -6.78 0.05 6.90
CA LEU C 15 -6.15 -0.20 5.62
C LEU C 15 -5.96 1.07 4.82
N GLN C 16 -6.95 1.96 4.87
CA GLN C 16 -6.87 3.21 4.12
C GLN C 16 -5.83 4.14 4.71
N GLY C 17 -5.65 4.10 6.02
CA GLY C 17 -4.66 4.93 6.65
C GLY C 17 -3.25 4.46 6.33
N GLN C 18 -3.11 3.15 6.16
CA GLN C 18 -1.81 2.58 5.84
C GLN C 18 -1.46 2.82 4.38
N VAL C 19 -2.45 2.80 3.52
CA VAL C 19 -2.21 3.04 2.10
C VAL C 19 -2.01 4.53 1.83
N GLN C 20 -2.66 5.39 2.62
CA GLN C 20 -2.51 6.82 2.43
C GLN C 20 -1.11 7.26 2.81
N HIS C 21 -0.54 6.69 3.88
CA HIS C 21 0.80 7.07 4.28
C HIS C 21 1.85 6.34 3.44
N LEU C 22 1.50 5.15 2.93
CA LEU C 22 2.41 4.39 2.07
C LEU C 22 2.61 5.14 0.76
N GLN C 23 1.48 5.58 0.21
CA GLN C 23 1.47 6.31 -1.04
C GLN C 23 2.12 7.67 -0.83
N ALA C 24 1.84 8.25 0.33
CA ALA C 24 2.39 9.53 0.70
C ALA C 24 3.91 9.49 0.62
N ALA C 25 4.48 8.55 1.34
CA ALA C 25 5.92 8.36 1.37
C ALA C 25 6.44 8.02 -0.01
N PHE C 26 5.78 7.09 -0.67
CA PHE C 26 6.16 6.64 -2.00
C PHE C 26 6.24 7.80 -2.98
N SER C 27 5.52 8.90 -2.71
CA SER C 27 5.53 10.04 -3.61
C SER C 27 6.97 10.46 -3.95
N GLN C 28 7.89 10.24 -3.02
CA GLN C 28 9.29 10.55 -3.26
C GLN C 28 10.07 9.30 -3.69
N TYR C 29 9.87 8.20 -2.99
CA TYR C 29 10.58 6.96 -3.30
C TYR C 29 10.20 6.37 -4.66
N LYS C 30 9.05 6.78 -5.18
CA LYS C 30 8.59 6.28 -6.47
C LYS C 30 9.41 6.88 -7.61
N LYS C 31 10.31 7.81 -7.28
CA LYS C 31 11.18 8.42 -8.26
C LYS C 31 12.63 8.28 -7.79
N VAL C 32 12.90 7.15 -7.14
CA VAL C 32 14.22 6.86 -6.61
C VAL C 32 15.02 5.93 -7.53
N GLU C 33 14.36 4.99 -8.21
CA GLU C 33 15.09 4.09 -9.09
C GLU C 33 15.28 4.69 -10.46
N LEU C 34 16.28 5.52 -10.50
CA LEU C 34 16.70 6.25 -11.68
C LEU C 34 18.11 6.79 -11.47
N PHE C 35 18.38 7.22 -10.24
CA PHE C 35 19.71 7.75 -9.90
C PHE C 35 20.42 6.97 -8.78
N PRO C 36 20.33 5.61 -8.71
CA PRO C 36 21.02 4.85 -7.66
C PRO C 36 22.51 4.72 -7.93
N ASN C 37 23.23 4.08 -7.03
CA ASN C 37 24.66 3.90 -7.19
C ASN C 37 24.94 2.55 -7.87
N GLY C 38 24.55 2.47 -9.14
CA GLY C 38 24.74 1.26 -9.90
C GLY C 38 23.47 0.79 -10.56
N GLY C 39 23.47 -0.46 -11.01
CA GLY C 39 22.29 -1.00 -11.66
C GLY C 39 22.19 -2.49 -11.46
N ILE C 40 23.04 -3.23 -12.14
CA ILE C 40 23.07 -4.68 -12.03
C ILE C 40 24.51 -5.20 -12.06
N GLY A 1 -27.01 -10.63 1.72
CA GLY A 1 -27.61 -11.00 3.02
C GLY A 1 -26.66 -10.77 4.17
N LEU A 2 -26.21 -11.84 4.80
CA LEU A 2 -25.28 -11.75 5.92
C LEU A 2 -23.94 -12.41 5.57
N PRO A 3 -23.94 -13.71 5.18
CA PRO A 3 -22.72 -14.44 4.85
C PRO A 3 -21.77 -13.65 3.95
N ASP A 4 -22.32 -13.04 2.90
CA ASP A 4 -21.55 -12.26 1.93
C ASP A 4 -20.93 -11.04 2.58
N VAL A 5 -21.57 -10.52 3.62
CA VAL A 5 -21.04 -9.38 4.34
C VAL A 5 -19.77 -9.78 5.07
N ALA A 6 -19.84 -10.91 5.77
CA ALA A 6 -18.69 -11.42 6.49
C ALA A 6 -17.64 -11.96 5.52
N SER A 7 -18.10 -12.40 4.35
CA SER A 7 -17.20 -12.91 3.34
C SER A 7 -16.40 -11.74 2.75
N LEU A 8 -16.88 -10.54 2.97
CA LEU A 8 -16.18 -9.38 2.47
C LEU A 8 -15.01 -9.04 3.36
N ARG A 9 -15.04 -9.51 4.61
CA ARG A 9 -13.94 -9.27 5.54
C ARG A 9 -12.74 -10.07 5.08
N GLN A 10 -13.01 -11.05 4.21
CA GLN A 10 -11.97 -11.92 3.68
C GLN A 10 -11.20 -11.19 2.59
N GLN A 11 -11.94 -10.44 1.78
CA GLN A 11 -11.34 -9.65 0.70
C GLN A 11 -10.63 -8.45 1.30
N VAL A 12 -11.10 -8.07 2.48
CA VAL A 12 -10.53 -6.96 3.22
C VAL A 12 -9.18 -7.35 3.80
N GLU A 13 -9.13 -8.53 4.40
CA GLU A 13 -7.89 -9.06 4.95
C GLU A 13 -6.93 -9.36 3.80
N ALA A 14 -7.51 -9.64 2.64
CA ALA A 14 -6.76 -9.92 1.43
C ALA A 14 -5.95 -8.71 1.02
N LEU A 15 -6.65 -7.58 0.88
CA LEU A 15 -6.02 -6.32 0.51
C LEU A 15 -4.98 -5.92 1.56
N GLN A 16 -5.28 -6.29 2.80
CA GLN A 16 -4.39 -6.03 3.92
C GLN A 16 -3.07 -6.77 3.74
N GLY A 17 -3.15 -7.97 3.19
CA GLY A 17 -1.95 -8.76 2.94
C GLY A 17 -1.00 -8.06 1.99
N GLN A 18 -1.55 -7.28 1.07
CA GLN A 18 -0.75 -6.55 0.11
C GLN A 18 -0.05 -5.37 0.77
N VAL A 19 -0.80 -4.59 1.52
CA VAL A 19 -0.23 -3.43 2.17
C VAL A 19 0.80 -3.81 3.24
N GLN A 20 0.56 -4.91 3.93
CA GLN A 20 1.48 -5.38 4.96
C GLN A 20 2.80 -5.80 4.35
N HIS A 21 2.76 -6.55 3.24
CA HIS A 21 4.00 -6.98 2.61
C HIS A 21 4.64 -5.82 1.86
N LEU A 22 3.89 -4.74 1.65
CA LEU A 22 4.46 -3.56 1.01
C LEU A 22 5.36 -2.89 2.02
N GLN A 23 4.95 -2.96 3.29
CA GLN A 23 5.74 -2.43 4.39
C GLN A 23 6.98 -3.29 4.54
N ALA A 24 6.79 -4.59 4.28
CA ALA A 24 7.86 -5.57 4.32
C ALA A 24 8.96 -5.16 3.35
N ALA A 25 8.55 -4.88 2.13
CA ALA A 25 9.47 -4.45 1.09
C ALA A 25 10.13 -3.14 1.50
N PHE A 26 9.33 -2.23 2.05
CA PHE A 26 9.83 -0.93 2.49
C PHE A 26 10.97 -1.07 3.49
N SER A 27 10.99 -2.18 4.24
CA SER A 27 12.05 -2.41 5.22
C SER A 27 13.43 -2.30 4.57
N GLN A 28 13.49 -2.59 3.27
CA GLN A 28 14.74 -2.51 2.52
C GLN A 28 14.90 -1.15 1.83
N TYR A 29 13.79 -0.61 1.33
CA TYR A 29 13.82 0.67 0.62
C TYR A 29 13.89 1.83 1.59
N LYS A 30 13.54 1.57 2.84
CA LYS A 30 13.54 2.58 3.89
C LYS A 30 14.92 3.18 4.04
N LYS A 31 15.95 2.35 4.15
CA LYS A 31 17.31 2.86 4.28
C LYS A 31 17.93 3.06 2.91
N VAL A 32 17.12 3.54 2.00
CA VAL A 32 17.54 3.80 0.63
C VAL A 32 17.25 5.25 0.24
N GLU A 33 16.50 5.97 1.08
CA GLU A 33 16.14 7.37 0.81
C GLU A 33 17.30 8.35 1.04
N LEU A 34 18.12 8.06 2.05
CA LEU A 34 19.24 8.93 2.43
C LEU A 34 20.30 9.04 1.35
N PHE A 35 21.07 7.98 1.27
CA PHE A 35 22.22 7.82 0.36
C PHE A 35 22.15 8.51 -1.02
N PRO A 36 21.08 8.36 -1.79
CA PRO A 36 21.00 8.96 -3.13
C PRO A 36 20.73 10.46 -3.14
N ASN A 37 20.94 11.11 -2.01
CA ASN A 37 20.74 12.55 -1.93
C ASN A 37 22.09 13.25 -1.99
N GLY A 38 22.39 13.83 -3.15
CA GLY A 38 23.67 14.50 -3.34
C GLY A 38 23.86 15.70 -2.42
N GLY A 39 22.78 16.37 -2.08
CA GLY A 39 22.88 17.53 -1.22
C GLY A 39 23.08 18.81 -2.01
N ILE A 40 22.48 18.86 -3.19
CA ILE A 40 22.58 20.02 -4.06
C ILE A 40 21.17 20.46 -4.47
N GLY B 1 -28.66 -1.59 4.50
CA GLY B 1 -29.46 -2.71 3.96
C GLY B 1 -28.63 -3.68 3.15
N LEU B 2 -28.87 -3.72 1.85
CA LEU B 2 -28.11 -4.60 0.96
C LEU B 2 -27.27 -3.78 -0.04
N PRO B 3 -27.92 -2.89 -0.85
CA PRO B 3 -27.22 -2.08 -1.85
C PRO B 3 -25.92 -1.45 -1.33
N ASP B 4 -26.01 -0.88 -0.13
CA ASP B 4 -24.87 -0.21 0.53
C ASP B 4 -23.76 -1.20 0.83
N VAL B 5 -24.12 -2.46 1.07
CA VAL B 5 -23.15 -3.50 1.34
C VAL B 5 -22.33 -3.78 0.09
N ALA B 6 -23.02 -3.93 -1.04
CA ALA B 6 -22.34 -4.17 -2.31
C ALA B 6 -21.66 -2.89 -2.79
N SER B 7 -22.17 -1.76 -2.36
CA SER B 7 -21.59 -0.47 -2.73
C SER B 7 -20.26 -0.30 -2.00
N LEU B 8 -20.09 -1.09 -0.95
CA LEU B 8 -18.86 -1.01 -0.20
C LEU B 8 -17.74 -1.75 -0.94
N ARG B 9 -18.11 -2.68 -1.81
CA ARG B 9 -17.11 -3.41 -2.59
C ARG B 9 -16.46 -2.46 -3.58
N GLN B 10 -17.11 -1.31 -3.78
CA GLN B 10 -16.63 -0.28 -4.69
C GLN B 10 -15.52 0.51 -4.03
N GLN B 11 -15.70 0.79 -2.74
CA GLN B 11 -14.70 1.52 -1.97
C GLN B 11 -13.51 0.60 -1.68
N VAL B 12 -13.82 -0.70 -1.69
CA VAL B 12 -12.82 -1.74 -1.47
C VAL B 12 -11.92 -1.86 -2.68
N GLU B 13 -12.54 -1.87 -3.86
CA GLU B 13 -11.80 -1.95 -5.12
C GLU B 13 -11.03 -0.64 -5.31
N ALA B 14 -11.57 0.42 -4.70
CA ALA B 14 -10.97 1.73 -4.74
C ALA B 14 -9.62 1.73 -4.04
N LEU B 15 -9.63 1.24 -2.81
CA LEU B 15 -8.42 1.16 -1.99
C LEU B 15 -7.41 0.24 -2.68
N GLN B 16 -7.95 -0.75 -3.37
CA GLN B 16 -7.14 -1.72 -4.11
C GLN B 16 -6.39 -1.03 -5.23
N GLY B 17 -7.02 -0.03 -5.84
CA GLY B 17 -6.38 0.71 -6.90
C GLY B 17 -5.13 1.41 -6.42
N GLN B 18 -5.14 1.82 -5.16
CA GLN B 18 -3.99 2.50 -4.58
C GLN B 18 -2.85 1.53 -4.32
N VAL B 19 -3.15 0.40 -3.72
CA VAL B 19 -2.13 -0.57 -3.41
C VAL B 19 -1.54 -1.18 -4.70
N GLN B 20 -2.38 -1.39 -5.71
CA GLN B 20 -1.90 -1.95 -6.97
C GLN B 20 -0.93 -0.99 -7.66
N HIS B 21 -1.27 0.30 -7.70
CA HIS B 21 -0.37 1.26 -8.35
C HIS B 21 0.84 1.55 -7.46
N LEU B 22 0.78 1.15 -6.18
CA LEU B 22 1.92 1.32 -5.31
C LEU B 22 2.95 0.27 -5.71
N GLN B 23 2.45 -0.89 -6.11
CA GLN B 23 3.31 -1.97 -6.58
C GLN B 23 3.92 -1.52 -7.91
N ALA B 24 3.10 -0.79 -8.67
CA ALA B 24 3.53 -0.23 -9.95
C ALA B 24 4.75 0.64 -9.75
N ALA B 25 4.64 1.56 -8.79
CA ALA B 25 5.73 2.46 -8.45
C ALA B 25 6.94 1.66 -7.99
N PHE B 26 6.67 0.65 -7.15
CA PHE B 26 7.74 -0.22 -6.62
C PHE B 26 8.55 -0.86 -7.74
N SER B 27 7.95 -1.06 -8.90
CA SER B 27 8.66 -1.66 -10.04
C SER B 27 9.95 -0.89 -10.34
N GLN B 28 9.96 0.40 -10.00
CA GLN B 28 11.12 1.23 -10.21
C GLN B 28 12.00 1.31 -8.96
N TYR B 29 11.38 1.36 -7.80
CA TYR B 29 12.11 1.45 -6.53
C TYR B 29 12.69 0.11 -6.13
N LYS B 30 12.15 -0.95 -6.71
CA LYS B 30 12.58 -2.31 -6.43
C LYS B 30 14.06 -2.48 -6.73
N LYS B 31 14.50 -2.04 -7.90
CA LYS B 31 15.91 -2.15 -8.25
C LYS B 31 16.67 -0.92 -7.79
N VAL B 32 16.30 -0.43 -6.62
CA VAL B 32 16.90 0.75 -6.02
C VAL B 32 17.43 0.43 -4.61
N GLU B 33 17.08 -0.74 -4.08
CA GLU B 33 17.51 -1.15 -2.75
C GLU B 33 18.98 -1.59 -2.68
N LEU B 34 19.45 -2.22 -3.75
CA LEU B 34 20.83 -2.74 -3.81
C LEU B 34 21.89 -1.65 -3.76
N PHE B 35 22.00 -0.99 -4.91
CA PHE B 35 22.99 0.07 -5.19
C PHE B 35 23.40 0.99 -4.02
N PRO B 36 22.45 1.59 -3.26
CA PRO B 36 22.78 2.51 -2.17
C PRO B 36 23.30 1.83 -0.90
N ASN B 37 23.76 0.60 -1.04
CA ASN B 37 24.30 -0.11 0.09
C ASN B 37 25.82 -0.13 -0.01
N GLY B 38 26.47 0.69 0.79
CA GLY B 38 27.92 0.79 0.76
C GLY B 38 28.61 -0.51 1.13
N GLY B 39 28.03 -1.24 2.06
CA GLY B 39 28.61 -2.50 2.49
C GLY B 39 29.50 -2.32 3.70
N ILE B 40 29.13 -1.36 4.53
CA ILE B 40 29.88 -1.06 5.75
C ILE B 40 28.94 -1.10 6.96
N GLY C 1 -25.70 -8.10 10.90
CA GLY C 1 -26.92 -7.28 10.70
C GLY C 1 -26.63 -6.02 9.91
N LEU C 2 -26.74 -4.87 10.55
CA LEU C 2 -26.47 -3.59 9.91
C LEU C 2 -25.27 -2.90 10.56
N PRO C 3 -25.29 -2.66 11.90
CA PRO C 3 -24.21 -1.98 12.59
C PRO C 3 -22.82 -2.50 12.21
N ASP C 4 -22.69 -3.83 12.17
CA ASP C 4 -21.43 -4.50 11.82
C ASP C 4 -21.01 -4.19 10.39
N VAL C 5 -21.98 -3.94 9.52
CA VAL C 5 -21.70 -3.60 8.15
C VAL C 5 -21.04 -2.23 8.09
N ALA C 6 -21.61 -1.27 8.79
CA ALA C 6 -21.06 0.09 8.85
C ALA C 6 -19.79 0.10 9.68
N SER C 7 -19.68 -0.83 10.61
CA SER C 7 -18.50 -0.95 11.45
C SER C 7 -17.34 -1.45 10.61
N LEU C 8 -17.66 -2.02 9.46
CA LEU C 8 -16.62 -2.53 8.61
C LEU C 8 -15.98 -1.40 7.82
N ARG C 9 -16.70 -0.29 7.66
CA ARG C 9 -16.15 0.86 6.94
C ARG C 9 -15.06 1.50 7.79
N GLN C 10 -15.00 1.10 9.05
CA GLN C 10 -14.01 1.61 9.98
C GLN C 10 -12.71 0.87 9.76
N GLN C 11 -12.84 -0.42 9.49
CA GLN C 11 -11.69 -1.26 9.21
C GLN C 11 -11.18 -0.96 7.81
N VAL C 12 -12.07 -0.48 6.92
CA VAL C 12 -11.63 -0.15 5.58
C VAL C 12 -10.88 1.17 5.60
N GLU C 13 -11.34 2.11 6.43
CA GLU C 13 -10.67 3.40 6.56
C GLU C 13 -9.33 3.17 7.26
N ALA C 14 -9.31 2.11 8.07
CA ALA C 14 -8.11 1.71 8.79
C ALA C 14 -7.02 1.30 7.81
N LEU C 15 -7.38 0.40 6.92
CA LEU C 15 -6.46 -0.10 5.90
C LEU C 15 -6.01 1.05 5.02
N GLN C 16 -6.92 1.99 4.82
CA GLN C 16 -6.66 3.19 4.03
C GLN C 16 -5.58 4.03 4.68
N GLY C 17 -5.56 4.06 6.00
CA GLY C 17 -4.56 4.81 6.71
C GLY C 17 -3.16 4.31 6.42
N GLN C 18 -3.05 3.01 6.17
CA GLN C 18 -1.77 2.40 5.87
C GLN C 18 -1.31 2.76 4.47
N VAL C 19 -2.20 2.64 3.51
CA VAL C 19 -1.84 2.94 2.13
C VAL C 19 -1.54 4.42 1.94
N GLN C 20 -2.27 5.28 2.64
CA GLN C 20 -2.05 6.72 2.54
C GLN C 20 -0.69 7.11 3.09
N HIS C 21 -0.31 6.55 4.24
CA HIS C 21 0.98 6.89 4.80
C HIS C 21 2.09 6.17 4.04
N LEU C 22 1.72 5.17 3.22
CA LEU C 22 2.70 4.49 2.39
C LEU C 22 3.09 5.46 1.28
N GLN C 23 2.10 6.22 0.82
CA GLN C 23 2.33 7.25 -0.19
C GLN C 23 3.20 8.33 0.42
N ALA C 24 2.94 8.58 1.70
CA ALA C 24 3.69 9.56 2.49
C ALA C 24 5.16 9.23 2.44
N ALA C 25 5.46 7.97 2.76
CA ALA C 25 6.82 7.48 2.75
C ALA C 25 7.41 7.59 1.34
N PHE C 26 6.61 7.22 0.33
CA PHE C 26 7.06 7.29 -1.06
C PHE C 26 7.52 8.69 -1.43
N SER C 27 6.97 9.72 -0.77
CA SER C 27 7.35 11.10 -1.05
C SER C 27 8.87 11.28 -0.97
N GLN C 28 9.52 10.42 -0.18
CA GLN C 28 10.96 10.45 -0.01
C GLN C 28 11.66 9.45 -0.93
N TYR C 29 11.05 8.29 -1.11
CA TYR C 29 11.63 7.24 -1.95
C TYR C 29 11.40 7.53 -3.43
N LYS C 30 10.43 8.39 -3.70
CA LYS C 30 10.08 8.76 -5.07
C LYS C 30 11.29 9.36 -5.79
N LYS C 31 11.98 10.29 -5.16
CA LYS C 31 13.16 10.88 -5.80
C LYS C 31 14.41 10.08 -5.44
N VAL C 32 14.25 8.78 -5.40
CA VAL C 32 15.31 7.86 -5.07
C VAL C 32 15.50 6.81 -6.17
N GLU C 33 14.57 6.77 -7.11
CA GLU C 33 14.63 5.80 -8.21
C GLU C 33 15.66 6.16 -9.29
N LEU C 34 15.81 7.45 -9.56
CA LEU C 34 16.72 7.96 -10.58
C LEU C 34 18.19 7.64 -10.29
N PHE C 35 18.71 8.42 -9.37
CA PHE C 35 20.12 8.39 -8.92
C PHE C 35 20.85 7.03 -8.94
N PRO C 36 20.29 5.95 -8.36
CA PRO C 36 20.97 4.65 -8.31
C PRO C 36 20.97 3.89 -9.63
N ASN C 37 20.73 4.58 -10.72
CA ASN C 37 20.75 3.95 -12.04
C ASN C 37 22.04 4.32 -12.75
N GLY C 38 22.98 3.37 -12.79
CA GLY C 38 24.26 3.61 -13.43
C GLY C 38 24.15 3.91 -14.92
N GLY C 39 23.19 3.29 -15.58
CA GLY C 39 23.02 3.51 -17.00
C GLY C 39 23.78 2.50 -17.82
N ILE C 40 23.89 1.28 -17.28
CA ILE C 40 24.58 0.20 -17.96
C ILE C 40 23.66 -1.01 -18.07
N GLY A 1 -25.89 -8.39 -0.42
CA GLY A 1 -26.57 -8.85 0.81
C GLY A 1 -25.57 -9.24 1.88
N LEU A 2 -26.04 -9.93 2.92
CA LEU A 2 -25.17 -10.36 4.03
C LEU A 2 -24.05 -11.27 3.50
N PRO A 3 -24.37 -12.38 2.77
CA PRO A 3 -23.37 -13.30 2.26
C PRO A 3 -22.17 -12.59 1.61
N ASP A 4 -22.49 -11.54 0.85
CA ASP A 4 -21.48 -10.74 0.14
C ASP A 4 -20.61 -9.94 1.09
N VAL A 5 -21.12 -9.69 2.29
CA VAL A 5 -20.40 -8.94 3.30
C VAL A 5 -19.21 -9.75 3.80
N ALA A 6 -19.44 -11.01 4.13
CA ALA A 6 -18.37 -11.87 4.61
C ALA A 6 -17.44 -12.26 3.48
N SER A 7 -17.97 -12.26 2.25
CA SER A 7 -17.15 -12.56 1.09
C SER A 7 -16.22 -11.37 0.86
N LEU A 8 -16.63 -10.23 1.39
CA LEU A 8 -15.84 -9.04 1.30
C LEU A 8 -14.74 -9.10 2.36
N ARG A 9 -14.99 -9.85 3.43
CA ARG A 9 -13.99 -10.00 4.49
C ARG A 9 -12.78 -10.73 3.93
N GLN A 10 -13.04 -11.84 3.25
CA GLN A 10 -11.98 -12.64 2.65
C GLN A 10 -11.19 -11.87 1.61
N GLN A 11 -11.86 -11.19 0.68
CA GLN A 11 -11.16 -10.44 -0.35
C GLN A 11 -10.44 -9.22 0.25
N VAL A 12 -10.89 -8.78 1.42
CA VAL A 12 -10.27 -7.66 2.10
C VAL A 12 -8.98 -8.12 2.76
N GLU A 13 -8.95 -9.35 3.26
CA GLU A 13 -7.74 -9.90 3.85
C GLU A 13 -6.72 -10.13 2.76
N ALA A 14 -7.25 -10.39 1.57
CA ALA A 14 -6.45 -10.60 0.38
C ALA A 14 -5.67 -9.34 0.03
N LEU A 15 -6.43 -8.27 -0.20
CA LEU A 15 -5.87 -6.98 -0.55
C LEU A 15 -4.98 -6.45 0.57
N GLN A 16 -5.37 -6.71 1.81
CA GLN A 16 -4.60 -6.25 2.95
C GLN A 16 -3.30 -7.03 3.07
N GLY A 17 -3.24 -8.22 2.49
CA GLY A 17 -2.01 -8.99 2.53
C GLY A 17 -0.94 -8.33 1.68
N GLN A 18 -1.38 -7.70 0.60
CA GLN A 18 -0.48 -7.01 -0.29
C GLN A 18 0.05 -5.74 0.35
N VAL A 19 -0.85 -4.93 0.88
CA VAL A 19 -0.44 -3.69 1.50
C VAL A 19 0.38 -3.93 2.78
N GLN A 20 0.11 -5.04 3.45
CA GLN A 20 0.84 -5.37 4.67
C GLN A 20 2.29 -5.68 4.35
N HIS A 21 2.55 -6.46 3.28
CA HIS A 21 3.93 -6.77 2.94
C HIS A 21 4.58 -5.59 2.23
N LEU A 22 3.76 -4.67 1.72
CA LEU A 22 4.28 -3.47 1.06
C LEU A 22 4.84 -2.54 2.12
N GLN A 23 4.14 -2.47 3.24
CA GLN A 23 4.56 -1.65 4.37
C GLN A 23 5.78 -2.30 5.00
N ALA A 24 5.75 -3.63 5.02
CA ALA A 24 6.84 -4.43 5.57
C ALA A 24 8.13 -4.10 4.84
N ALA A 25 8.09 -4.21 3.53
CA ALA A 25 9.24 -3.92 2.69
C ALA A 25 9.65 -2.46 2.85
N PHE A 26 8.65 -1.57 2.84
CA PHE A 26 8.91 -0.14 2.98
C PHE A 26 9.70 0.17 4.23
N SER A 27 9.59 -0.69 5.24
CA SER A 27 10.31 -0.46 6.50
C SER A 27 11.79 -0.18 6.22
N GLN A 28 12.28 -0.66 5.09
CA GLN A 28 13.65 -0.43 4.69
C GLN A 28 13.74 0.66 3.62
N TYR A 29 12.82 0.65 2.66
CA TYR A 29 12.84 1.64 1.58
C TYR A 29 12.41 3.03 2.05
N LYS A 30 11.72 3.09 3.17
CA LYS A 30 11.26 4.36 3.73
C LYS A 30 12.44 5.17 4.26
N LYS A 31 13.62 4.55 4.30
CA LYS A 31 14.83 5.23 4.74
C LYS A 31 15.93 5.07 3.71
N VAL A 32 15.52 5.09 2.45
CA VAL A 32 16.42 4.94 1.33
C VAL A 32 16.75 6.30 0.70
N GLU A 33 15.73 7.15 0.53
CA GLU A 33 15.98 8.47 -0.07
C GLU A 33 16.36 9.47 0.98
N LEU A 34 17.63 9.52 1.20
CA LEU A 34 18.26 10.41 2.15
C LEU A 34 19.75 10.50 1.86
N PHE A 35 20.35 9.35 1.51
CA PHE A 35 21.78 9.31 1.17
C PHE A 35 22.07 10.32 0.04
N PRO A 36 21.44 10.16 -1.15
CA PRO A 36 21.64 11.08 -2.26
C PRO A 36 20.72 12.29 -2.17
N ASN A 37 20.79 13.16 -3.17
CA ASN A 37 19.95 14.35 -3.21
C ASN A 37 18.69 14.07 -4.02
N GLY A 38 17.64 13.67 -3.32
CA GLY A 38 16.39 13.35 -3.99
C GLY A 38 15.57 14.57 -4.34
N GLY A 39 15.91 15.71 -3.75
CA GLY A 39 15.16 16.92 -4.03
C GLY A 39 15.63 17.60 -5.31
N ILE A 40 15.14 17.11 -6.44
CA ILE A 40 15.51 17.67 -7.74
C ILE A 40 14.34 18.48 -8.30
N GLY B 1 -26.37 -0.43 6.55
CA GLY B 1 -27.31 -1.43 5.98
C GLY B 1 -26.75 -2.05 4.72
N LEU B 2 -27.59 -2.79 3.98
CA LEU B 2 -27.15 -3.44 2.73
C LEU B 2 -26.62 -2.40 1.73
N PRO B 3 -27.40 -1.36 1.39
CA PRO B 3 -26.98 -0.34 0.43
C PRO B 3 -25.55 0.15 0.69
N ASP B 4 -25.21 0.31 1.97
CA ASP B 4 -23.89 0.79 2.38
C ASP B 4 -22.81 -0.26 2.12
N VAL B 5 -23.21 -1.51 2.06
CA VAL B 5 -22.29 -2.61 1.81
C VAL B 5 -21.72 -2.51 0.39
N ALA B 6 -22.60 -2.35 -0.59
CA ALA B 6 -22.15 -2.24 -1.97
C ALA B 6 -21.46 -0.91 -2.22
N SER B 7 -21.81 0.10 -1.44
CA SER B 7 -21.17 1.40 -1.55
C SER B 7 -19.76 1.26 -1.00
N LEU B 8 -19.58 0.25 -0.17
CA LEU B 8 -18.27 -0.03 0.38
C LEU B 8 -17.45 -0.77 -0.66
N ARG B 9 -18.13 -1.47 -1.57
CA ARG B 9 -17.46 -2.19 -2.64
C ARG B 9 -16.74 -1.19 -3.54
N GLN B 10 -17.46 -0.15 -3.95
CA GLN B 10 -16.92 0.89 -4.82
C GLN B 10 -15.76 1.64 -4.17
N GLN B 11 -15.93 2.08 -2.92
CA GLN B 11 -14.85 2.81 -2.24
C GLN B 11 -13.66 1.89 -1.94
N VAL B 12 -13.93 0.59 -1.91
CA VAL B 12 -12.87 -0.38 -1.67
C VAL B 12 -12.05 -0.58 -2.93
N GLU B 13 -12.70 -0.51 -4.10
CA GLU B 13 -11.99 -0.62 -5.36
C GLU B 13 -11.14 0.62 -5.54
N ALA B 14 -11.63 1.71 -4.98
CA ALA B 14 -10.95 2.99 -5.01
C ALA B 14 -9.62 2.91 -4.27
N LEU B 15 -9.71 2.55 -3.00
CA LEU B 15 -8.54 2.41 -2.14
C LEU B 15 -7.60 1.33 -2.67
N GLN B 16 -8.17 0.27 -3.24
CA GLN B 16 -7.36 -0.82 -3.78
C GLN B 16 -6.64 -0.39 -5.05
N GLY B 17 -7.15 0.65 -5.72
CA GLY B 17 -6.50 1.14 -6.91
C GLY B 17 -5.18 1.80 -6.56
N GLN B 18 -5.16 2.43 -5.39
CA GLN B 18 -3.97 3.08 -4.92
C GLN B 18 -2.92 2.07 -4.50
N VAL B 19 -3.32 1.10 -3.71
CA VAL B 19 -2.38 0.11 -3.26
C VAL B 19 -1.91 -0.80 -4.39
N GLN B 20 -2.76 -0.99 -5.40
CA GLN B 20 -2.39 -1.81 -6.55
C GLN B 20 -1.28 -1.15 -7.35
N HIS B 21 -1.37 0.17 -7.58
CA HIS B 21 -0.33 0.84 -8.33
C HIS B 21 0.90 1.09 -7.44
N LEU B 22 0.70 1.04 -6.12
CA LEU B 22 1.80 1.19 -5.18
C LEU B 22 2.68 -0.04 -5.24
N GLN B 23 2.02 -1.19 -5.32
CA GLN B 23 2.71 -2.47 -5.40
C GLN B 23 3.37 -2.56 -6.78
N ALA B 24 2.67 -2.03 -7.77
CA ALA B 24 3.15 -2.00 -9.15
C ALA B 24 4.49 -1.28 -9.21
N ALA B 25 4.50 -0.06 -8.71
CA ALA B 25 5.70 0.75 -8.68
C ALA B 25 6.78 0.07 -7.85
N PHE B 26 6.39 -0.45 -6.68
CA PHE B 26 7.32 -1.13 -5.79
C PHE B 26 8.05 -2.25 -6.49
N SER B 27 7.44 -2.83 -7.53
CA SER B 27 8.08 -3.91 -8.26
C SER B 27 9.51 -3.54 -8.63
N GLN B 28 9.77 -2.24 -8.77
CA GLN B 28 11.10 -1.76 -9.07
C GLN B 28 11.81 -1.24 -7.82
N TYR B 29 11.10 -0.54 -6.95
CA TYR B 29 11.71 0.02 -5.74
C TYR B 29 12.00 -1.06 -4.70
N LYS B 30 11.35 -2.21 -4.83
CA LYS B 30 11.57 -3.31 -3.91
C LYS B 30 12.95 -3.92 -4.11
N LYS B 31 13.65 -3.50 -5.16
CA LYS B 31 15.00 -3.98 -5.44
C LYS B 31 15.93 -2.80 -5.66
N VAL B 32 15.71 -1.76 -4.87
CA VAL B 32 16.49 -0.53 -4.93
C VAL B 32 17.51 -0.49 -3.79
N GLU B 33 17.08 -0.86 -2.58
CA GLU B 33 18.00 -0.85 -1.44
C GLU B 33 18.74 -2.16 -1.33
N LEU B 34 19.84 -2.15 -2.00
CA LEU B 34 20.76 -3.28 -2.07
C LEU B 34 22.10 -2.80 -2.61
N PHE B 35 22.06 -1.89 -3.60
CA PHE B 35 23.29 -1.34 -4.17
C PHE B 35 24.15 -0.71 -3.07
N PRO B 36 23.62 0.31 -2.34
CA PRO B 36 24.35 0.98 -1.27
C PRO B 36 24.18 0.26 0.07
N ASN B 37 24.78 0.81 1.11
CA ASN B 37 24.68 0.20 2.44
C ASN B 37 23.52 0.84 3.21
N GLY B 38 22.34 0.24 3.09
CA GLY B 38 21.16 0.76 3.76
C GLY B 38 21.11 0.41 5.24
N GLY B 39 21.91 -0.56 5.65
CA GLY B 39 21.94 -0.96 7.04
C GLY B 39 22.78 -0.03 7.90
N ILE B 40 22.21 1.10 8.27
CA ILE B 40 22.91 2.09 9.08
C ILE B 40 22.39 2.06 10.52
N GLY C 1 -23.20 -10.12 9.78
CA GLY C 1 -24.47 -9.34 9.73
C GLY C 1 -24.22 -7.86 9.51
N LEU C 2 -25.24 -7.05 9.71
CA LEU C 2 -25.14 -5.61 9.53
C LEU C 2 -24.13 -4.99 10.50
N PRO C 3 -24.25 -5.23 11.81
CA PRO C 3 -23.32 -4.70 12.80
C PRO C 3 -21.85 -4.87 12.38
N ASP C 4 -21.56 -6.01 11.76
CA ASP C 4 -20.21 -6.35 11.30
C ASP C 4 -19.81 -5.52 10.08
N VAL C 5 -20.80 -5.03 9.35
CA VAL C 5 -20.55 -4.22 8.17
C VAL C 5 -19.91 -2.90 8.57
N ALA C 6 -20.48 -2.24 9.57
CA ALA C 6 -19.95 -0.97 10.04
C ALA C 6 -18.66 -1.19 10.82
N SER C 7 -18.51 -2.38 11.40
CA SER C 7 -17.28 -2.69 12.12
C SER C 7 -16.17 -2.89 11.09
N LEU C 8 -16.59 -3.17 9.87
CA LEU C 8 -15.67 -3.33 8.78
C LEU C 8 -15.27 -1.96 8.28
N ARG C 9 -16.14 -0.97 8.48
CA ARG C 9 -15.85 0.40 8.08
C ARG C 9 -14.65 0.92 8.88
N GLN C 10 -14.71 0.71 10.19
CA GLN C 10 -13.66 1.16 11.09
C GLN C 10 -12.33 0.45 10.80
N GLN C 11 -12.35 -0.88 10.67
CA GLN C 11 -11.11 -1.61 10.39
C GLN C 11 -10.59 -1.30 8.99
N VAL C 12 -11.47 -0.82 8.12
CA VAL C 12 -11.08 -0.47 6.76
C VAL C 12 -10.38 0.89 6.77
N GLU C 13 -10.81 1.79 7.65
CA GLU C 13 -10.15 3.08 7.77
C GLU C 13 -8.78 2.87 8.38
N ALA C 14 -8.72 1.84 9.21
CA ALA C 14 -7.50 1.43 9.87
C ALA C 14 -6.44 1.05 8.85
N LEU C 15 -6.77 0.05 8.05
CA LEU C 15 -5.88 -0.42 7.01
C LEU C 15 -5.58 0.67 6.00
N GLN C 16 -6.58 1.46 5.66
CA GLN C 16 -6.41 2.52 4.67
C GLN C 16 -5.47 3.59 5.20
N GLY C 17 -5.33 3.67 6.50
CA GLY C 17 -4.42 4.64 7.09
C GLY C 17 -2.99 4.27 6.78
N GLN C 18 -2.74 2.97 6.71
CA GLN C 18 -1.40 2.47 6.41
C GLN C 18 -1.09 2.72 4.94
N VAL C 19 -2.01 2.39 4.04
CA VAL C 19 -1.78 2.61 2.62
C VAL C 19 -1.64 4.08 2.30
N GLN C 20 -2.43 4.89 2.98
CA GLN C 20 -2.43 6.32 2.72
C GLN C 20 -1.08 6.92 3.02
N HIS C 21 -0.45 6.51 4.13
CA HIS C 21 0.86 7.05 4.47
C HIS C 21 1.95 6.35 3.66
N LEU C 22 1.63 5.17 3.11
CA LEU C 22 2.59 4.44 2.29
C LEU C 22 2.71 5.13 0.95
N GLN C 23 1.57 5.59 0.45
CA GLN C 23 1.51 6.31 -0.81
C GLN C 23 2.12 7.69 -0.60
N ALA C 24 1.86 8.23 0.58
CA ALA C 24 2.38 9.53 0.99
C ALA C 24 3.90 9.53 0.91
N ALA C 25 4.50 8.57 1.60
CA ALA C 25 5.94 8.43 1.61
C ALA C 25 6.45 8.14 0.22
N PHE C 26 5.76 7.23 -0.47
CA PHE C 26 6.11 6.83 -1.82
C PHE C 26 6.21 8.03 -2.76
N SER C 27 5.51 9.12 -2.44
CA SER C 27 5.55 10.32 -3.27
C SER C 27 7.00 10.75 -3.54
N GLN C 28 7.89 10.38 -2.63
CA GLN C 28 9.31 10.68 -2.76
C GLN C 28 10.10 9.47 -3.27
N TYR C 29 9.77 8.28 -2.76
CA TYR C 29 10.48 7.07 -3.16
C TYR C 29 10.11 6.62 -4.57
N LYS C 30 8.99 7.09 -5.08
CA LYS C 30 8.56 6.75 -6.43
C LYS C 30 9.48 7.40 -7.46
N LYS C 31 10.36 8.28 -7.01
CA LYS C 31 11.27 8.94 -7.92
C LYS C 31 12.71 8.82 -7.44
N VAL C 32 13.05 7.68 -6.82
CA VAL C 32 14.44 7.49 -6.39
C VAL C 32 15.18 6.54 -7.32
N GLU C 33 14.50 5.54 -7.85
CA GLU C 33 15.16 4.63 -8.78
C GLU C 33 15.11 5.17 -10.19
N LEU C 34 16.10 5.96 -10.44
CA LEU C 34 16.31 6.63 -11.71
C LEU C 34 17.74 7.14 -11.77
N PHE C 35 18.23 7.65 -10.63
CA PHE C 35 19.62 8.15 -10.56
C PHE C 35 20.58 7.04 -10.99
N PRO C 36 20.59 5.89 -10.27
CA PRO C 36 21.47 4.76 -10.61
C PRO C 36 20.84 3.84 -11.65
N ASN C 37 21.56 2.79 -12.01
CA ASN C 37 21.06 1.82 -12.98
C ASN C 37 20.33 0.69 -12.27
N GLY C 38 19.03 0.83 -12.11
CA GLY C 38 18.25 -0.18 -11.42
C GLY C 38 17.93 -1.37 -12.29
N GLY C 39 18.07 -1.22 -13.60
CA GLY C 39 17.79 -2.31 -14.51
C GLY C 39 18.92 -3.33 -14.59
N ILE C 40 18.95 -4.23 -13.63
CA ILE C 40 19.99 -5.25 -13.58
C ILE C 40 19.41 -6.62 -13.94
N GLY A 1 -27.09 -9.58 1.36
CA GLY A 1 -26.86 -10.98 1.76
C GLY A 1 -25.59 -11.15 2.56
N LEU A 2 -25.65 -11.98 3.61
CA LEU A 2 -24.50 -12.23 4.47
C LEU A 2 -23.29 -12.76 3.68
N PRO A 3 -23.46 -13.87 2.93
CA PRO A 3 -22.37 -14.48 2.16
C PRO A 3 -21.56 -13.45 1.36
N ASP A 4 -22.26 -12.54 0.68
CA ASP A 4 -21.62 -11.51 -0.11
C ASP A 4 -20.83 -10.55 0.77
N VAL A 5 -21.40 -10.17 1.90
CA VAL A 5 -20.73 -9.28 2.84
C VAL A 5 -19.47 -9.96 3.39
N ALA A 6 -19.60 -11.25 3.71
CA ALA A 6 -18.48 -12.03 4.23
C ALA A 6 -17.41 -12.21 3.15
N SER A 7 -17.83 -12.23 1.89
CA SER A 7 -16.91 -12.36 0.77
C SER A 7 -16.04 -11.12 0.68
N LEU A 8 -16.54 -10.01 1.22
CA LEU A 8 -15.81 -8.77 1.20
C LEU A 8 -14.75 -8.77 2.31
N ARG A 9 -14.96 -9.56 3.35
CA ARG A 9 -14.00 -9.63 4.44
C ARG A 9 -12.75 -10.38 3.98
N GLN A 10 -12.95 -11.36 3.10
CA GLN A 10 -11.84 -12.13 2.57
C GLN A 10 -11.07 -11.30 1.54
N GLN A 11 -11.80 -10.60 0.68
CA GLN A 11 -11.17 -9.76 -0.34
C GLN A 11 -10.40 -8.62 0.31
N VAL A 12 -10.92 -8.17 1.44
CA VAL A 12 -10.33 -7.08 2.19
C VAL A 12 -9.13 -7.59 2.99
N GLU A 13 -9.16 -8.87 3.34
CA GLU A 13 -8.05 -9.50 4.04
C GLU A 13 -6.87 -9.59 3.07
N ALA A 14 -7.21 -9.73 1.80
CA ALA A 14 -6.24 -9.79 0.71
C ALA A 14 -5.55 -8.46 0.56
N LEU A 15 -6.38 -7.42 0.46
CA LEU A 15 -5.89 -6.05 0.31
C LEU A 15 -5.02 -5.69 1.50
N GLN A 16 -5.34 -6.26 2.65
CA GLN A 16 -4.60 -6.02 3.88
C GLN A 16 -3.23 -6.69 3.80
N GLY A 17 -3.20 -7.95 3.40
CA GLY A 17 -1.94 -8.65 3.30
C GLY A 17 -1.00 -7.97 2.33
N GLN A 18 -1.58 -7.30 1.33
CA GLN A 18 -0.82 -6.59 0.34
C GLN A 18 -0.22 -5.31 0.91
N VAL A 19 -1.04 -4.51 1.56
CA VAL A 19 -0.57 -3.26 2.13
C VAL A 19 0.39 -3.48 3.31
N GLN A 20 0.19 -4.57 4.04
CA GLN A 20 1.05 -4.88 5.18
C GLN A 20 2.43 -5.31 4.71
N HIS A 21 2.52 -6.11 3.65
CA HIS A 21 3.82 -6.54 3.16
C HIS A 21 4.48 -5.41 2.36
N LEU A 22 3.68 -4.44 1.91
CA LEU A 22 4.24 -3.31 1.19
C LEU A 22 4.99 -2.44 2.17
N GLN A 23 4.42 -2.29 3.36
CA GLN A 23 5.03 -1.53 4.42
C GLN A 23 6.23 -2.32 4.94
N ALA A 24 6.09 -3.64 4.93
CA ALA A 24 7.13 -4.56 5.36
C ALA A 24 8.41 -4.32 4.56
N ALA A 25 8.27 -4.40 3.24
CA ALA A 25 9.39 -4.17 2.35
C ALA A 25 9.87 -2.73 2.51
N PHE A 26 8.92 -1.82 2.67
CA PHE A 26 9.19 -0.40 2.85
C PHE A 26 10.12 -0.15 4.02
N SER A 27 10.12 -1.06 5.00
CA SER A 27 10.99 -0.93 6.17
C SER A 27 12.43 -0.65 5.75
N GLN A 28 12.81 -1.22 4.60
CA GLN A 28 14.12 -1.00 4.04
C GLN A 28 14.13 0.24 3.16
N TYR A 29 13.21 0.28 2.21
CA TYR A 29 13.11 1.38 1.25
C TYR A 29 12.85 2.74 1.90
N LYS A 30 12.34 2.73 3.12
CA LYS A 30 12.04 3.98 3.83
C LYS A 30 13.33 4.73 4.15
N LYS A 31 14.39 4.00 4.45
CA LYS A 31 15.68 4.61 4.75
C LYS A 31 16.60 4.55 3.55
N VAL A 32 16.00 4.66 2.37
CA VAL A 32 16.76 4.65 1.13
C VAL A 32 16.97 6.09 0.66
N GLU A 33 15.94 6.92 0.73
CA GLU A 33 16.12 8.31 0.37
C GLU A 33 15.78 9.18 1.55
N LEU A 34 16.84 9.68 2.12
CA LEU A 34 16.80 10.52 3.29
C LEU A 34 18.17 11.15 3.50
N PHE A 35 19.21 10.39 3.15
CA PHE A 35 20.57 10.89 3.25
C PHE A 35 20.93 11.80 2.05
N PRO A 36 20.48 11.49 0.80
CA PRO A 36 20.77 12.33 -0.36
C PRO A 36 19.63 13.31 -0.64
N ASN A 37 19.51 13.75 -1.88
CA ASN A 37 18.44 14.65 -2.29
C ASN A 37 18.11 14.40 -3.76
N GLY A 38 17.30 13.37 -4.00
CA GLY A 38 16.96 13.03 -5.37
C GLY A 38 18.17 12.51 -6.13
N GLY A 39 18.42 13.08 -7.29
CA GLY A 39 19.56 12.66 -8.08
C GLY A 39 19.84 13.63 -9.21
N ILE A 40 19.23 13.39 -10.36
CA ILE A 40 19.41 14.26 -11.51
C ILE A 40 18.09 14.38 -12.25
N GLY B 1 -28.19 -1.78 5.48
CA GLY B 1 -28.73 -1.47 4.14
C GLY B 1 -27.80 -1.91 3.03
N LEU B 2 -28.37 -2.50 1.98
CA LEU B 2 -27.59 -2.98 0.84
C LEU B 2 -26.77 -1.86 0.19
N PRO B 3 -27.41 -0.74 -0.22
CA PRO B 3 -26.72 0.37 -0.87
C PRO B 3 -25.44 0.79 -0.14
N ASP B 4 -25.53 0.91 1.18
CA ASP B 4 -24.38 1.29 2.00
C ASP B 4 -23.28 0.24 1.95
N VAL B 5 -23.68 -1.02 1.98
CA VAL B 5 -22.74 -2.13 1.90
C VAL B 5 -22.06 -2.13 0.54
N ALA B 6 -22.83 -1.89 -0.51
CA ALA B 6 -22.30 -1.84 -1.86
C ALA B 6 -21.40 -0.62 -2.04
N SER B 7 -21.68 0.44 -1.29
CA SER B 7 -20.87 1.65 -1.35
C SER B 7 -19.48 1.37 -0.79
N LEU B 8 -19.39 0.35 0.04
CA LEU B 8 -18.12 -0.04 0.62
C LEU B 8 -17.30 -0.84 -0.38
N ARG B 9 -17.97 -1.48 -1.33
CA ARG B 9 -17.27 -2.28 -2.34
C ARG B 9 -16.54 -1.35 -3.30
N GLN B 10 -17.14 -0.19 -3.55
CA GLN B 10 -16.54 0.79 -4.45
C GLN B 10 -15.39 1.50 -3.74
N GLN B 11 -15.58 1.86 -2.47
CA GLN B 11 -14.53 2.52 -1.70
C GLN B 11 -13.34 1.57 -1.52
N VAL B 12 -13.65 0.30 -1.40
CA VAL B 12 -12.64 -0.73 -1.21
C VAL B 12 -11.94 -1.03 -2.54
N GLU B 13 -12.65 -0.80 -3.65
CA GLU B 13 -12.07 -0.99 -4.98
C GLU B 13 -11.03 0.11 -5.19
N ALA B 14 -11.31 1.25 -4.57
CA ALA B 14 -10.42 2.40 -4.63
C ALA B 14 -9.13 2.11 -3.88
N LEU B 15 -9.29 1.62 -2.66
CA LEU B 15 -8.17 1.26 -1.80
C LEU B 15 -7.31 0.20 -2.48
N GLN B 16 -7.99 -0.65 -3.24
CA GLN B 16 -7.32 -1.72 -3.99
C GLN B 16 -6.50 -1.15 -5.12
N GLY B 17 -7.08 -0.26 -5.90
CA GLY B 17 -6.35 0.33 -7.00
C GLY B 17 -5.12 1.09 -6.53
N GLN B 18 -5.19 1.59 -5.31
CA GLN B 18 -4.10 2.32 -4.70
C GLN B 18 -2.97 1.37 -4.28
N VAL B 19 -3.32 0.31 -3.57
CA VAL B 19 -2.32 -0.65 -3.11
C VAL B 19 -1.71 -1.43 -4.28
N GLN B 20 -2.50 -1.67 -5.33
CA GLN B 20 -2.03 -2.42 -6.48
C GLN B 20 -1.01 -1.60 -7.26
N HIS B 21 -1.27 -0.30 -7.44
CA HIS B 21 -0.33 0.52 -8.19
C HIS B 21 0.87 0.89 -7.32
N LEU B 22 0.73 0.76 -6.01
CA LEU B 22 1.85 1.03 -5.10
C LEU B 22 2.86 -0.09 -5.26
N GLN B 23 2.35 -1.30 -5.40
CA GLN B 23 3.18 -2.48 -5.59
C GLN B 23 3.75 -2.42 -7.00
N ALA B 24 2.96 -1.87 -7.91
CA ALA B 24 3.35 -1.69 -9.31
C ALA B 24 4.62 -0.86 -9.40
N ALA B 25 4.57 0.32 -8.79
CA ALA B 25 5.71 1.20 -8.77
C ALA B 25 6.84 0.55 -8.00
N PHE B 26 6.48 -0.13 -6.92
CA PHE B 26 7.42 -0.84 -6.08
C PHE B 26 8.24 -1.84 -6.87
N SER B 27 7.70 -2.33 -7.98
CA SER B 27 8.42 -3.30 -8.82
C SER B 27 9.83 -2.79 -9.13
N GLN B 28 9.96 -1.47 -9.22
CA GLN B 28 11.24 -0.83 -9.47
C GLN B 28 11.97 -0.57 -8.16
N TYR B 29 11.27 0.11 -7.24
CA TYR B 29 11.83 0.49 -5.94
C TYR B 29 12.25 -0.71 -5.08
N LYS B 30 11.70 -1.87 -5.38
CA LYS B 30 12.04 -3.07 -4.61
C LYS B 30 13.50 -3.45 -4.83
N LYS B 31 14.00 -3.24 -6.04
CA LYS B 31 15.39 -3.56 -6.34
C LYS B 31 16.25 -2.31 -6.30
N VAL B 32 15.88 -1.40 -5.41
CA VAL B 32 16.62 -0.16 -5.23
C VAL B 32 17.58 -0.30 -4.06
N GLU B 33 17.11 -0.89 -2.96
CA GLU B 33 18.00 -1.13 -1.83
C GLU B 33 18.06 -2.60 -1.55
N LEU B 34 19.18 -3.14 -1.93
CA LEU B 34 19.49 -4.55 -1.79
C LEU B 34 20.97 -4.76 -2.09
N PHE B 35 21.49 -3.97 -3.02
CA PHE B 35 22.90 -4.03 -3.35
C PHE B 35 23.76 -3.28 -2.31
N PRO B 36 23.33 -2.12 -1.77
CA PRO B 36 24.08 -1.38 -0.76
C PRO B 36 23.58 -1.71 0.65
N ASN B 37 23.89 -0.85 1.60
CA ASN B 37 23.43 -1.03 2.97
C ASN B 37 23.16 0.33 3.58
N GLY B 38 21.96 0.86 3.33
CA GLY B 38 21.61 2.16 3.83
C GLY B 38 22.45 3.25 3.18
N GLY B 39 23.01 4.13 4.00
CA GLY B 39 23.84 5.20 3.48
C GLY B 39 24.68 5.83 4.57
N ILE B 40 24.13 6.85 5.21
CA ILE B 40 24.82 7.55 6.28
C ILE B 40 23.82 7.96 7.36
N GLY C 1 -25.41 -8.82 10.11
CA GLY C 1 -25.63 -7.83 11.20
C GLY C 1 -24.97 -6.50 10.91
N LEU C 2 -25.70 -5.41 11.16
CA LEU C 2 -25.19 -4.06 10.92
C LEU C 2 -23.87 -3.82 11.65
N PRO C 3 -23.81 -4.00 12.98
CA PRO C 3 -22.61 -3.77 13.77
C PRO C 3 -21.36 -4.39 13.15
N ASP C 4 -21.47 -5.62 12.69
CA ASP C 4 -20.34 -6.34 12.06
C ASP C 4 -19.95 -5.67 10.75
N VAL C 5 -20.94 -5.27 9.97
CA VAL C 5 -20.68 -4.59 8.69
C VAL C 5 -19.99 -3.26 8.97
N ALA C 6 -20.46 -2.55 9.98
CA ALA C 6 -19.87 -1.26 10.35
C ALA C 6 -18.47 -1.44 10.91
N SER C 7 -18.23 -2.59 11.53
CA SER C 7 -16.91 -2.90 12.07
C SER C 7 -15.92 -3.06 10.93
N LEU C 8 -16.43 -3.38 9.75
CA LEU C 8 -15.59 -3.53 8.59
C LEU C 8 -15.20 -2.18 8.03
N ARG C 9 -16.03 -1.15 8.26
CA ARG C 9 -15.73 0.20 7.77
C ARG C 9 -14.59 0.80 8.56
N GLN C 10 -14.48 0.43 9.83
CA GLN C 10 -13.40 0.92 10.67
C GLN C 10 -12.11 0.20 10.32
N GLN C 11 -12.22 -1.10 10.09
CA GLN C 11 -11.05 -1.89 9.70
C GLN C 11 -10.55 -1.44 8.33
N VAL C 12 -11.48 -1.04 7.43
CA VAL C 12 -11.06 -0.57 6.12
C VAL C 12 -10.47 0.82 6.21
N GLU C 13 -10.93 1.58 7.20
CA GLU C 13 -10.42 2.93 7.39
C GLU C 13 -8.96 2.82 7.80
N ALA C 14 -8.67 1.74 8.51
CA ALA C 14 -7.31 1.44 8.97
C ALA C 14 -6.43 1.12 7.79
N LEU C 15 -6.90 0.18 6.97
CA LEU C 15 -6.21 -0.26 5.77
C LEU C 15 -5.96 0.94 4.85
N GLN C 16 -6.91 1.87 4.85
CA GLN C 16 -6.83 3.08 4.05
C GLN C 16 -5.74 4.00 4.57
N GLY C 17 -5.72 4.23 5.87
CA GLY C 17 -4.71 5.09 6.46
C GLY C 17 -3.31 4.55 6.21
N GLN C 18 -3.22 3.24 6.09
CA GLN C 18 -1.96 2.59 5.83
C GLN C 18 -1.52 2.79 4.39
N VAL C 19 -2.40 2.52 3.45
CA VAL C 19 -2.07 2.66 2.04
C VAL C 19 -1.85 4.13 1.64
N GLN C 20 -2.57 5.03 2.30
CA GLN C 20 -2.44 6.45 2.01
C GLN C 20 -1.10 6.99 2.48
N HIS C 21 -0.65 6.58 3.67
CA HIS C 21 0.64 7.06 4.15
C HIS C 21 1.78 6.31 3.46
N LEU C 22 1.47 5.17 2.85
CA LEU C 22 2.49 4.43 2.10
C LEU C 22 2.79 5.20 0.84
N GLN C 23 1.74 5.75 0.24
CA GLN C 23 1.86 6.55 -0.96
C GLN C 23 2.50 7.88 -0.59
N ALA C 24 2.18 8.35 0.62
CA ALA C 24 2.73 9.59 1.17
C ALA C 24 4.24 9.52 1.20
N ALA C 25 4.75 8.49 1.87
CA ALA C 25 6.19 8.30 1.96
C ALA C 25 6.76 8.06 0.57
N PHE C 26 6.01 7.34 -0.25
CA PHE C 26 6.39 7.02 -1.62
C PHE C 26 6.65 8.27 -2.42
N SER C 27 6.03 9.39 -2.03
CA SER C 27 6.21 10.66 -2.74
C SER C 27 7.70 10.95 -2.90
N GLN C 28 8.49 10.52 -1.93
CA GLN C 28 9.93 10.68 -1.97
C GLN C 28 10.59 9.51 -2.70
N TYR C 29 10.27 8.31 -2.26
CA TYR C 29 10.84 7.08 -2.82
C TYR C 29 10.52 6.87 -4.29
N LYS C 30 9.47 7.52 -4.79
CA LYS C 30 9.09 7.39 -6.19
C LYS C 30 10.17 7.98 -7.10
N LYS C 31 10.79 9.06 -6.66
CA LYS C 31 11.84 9.68 -7.44
C LYS C 31 13.22 9.27 -6.94
N VAL C 32 13.30 8.04 -6.45
CA VAL C 32 14.56 7.48 -5.96
C VAL C 32 15.21 6.65 -7.06
N GLU C 33 14.42 5.84 -7.76
CA GLU C 33 14.98 5.08 -8.87
C GLU C 33 14.26 5.43 -10.13
N LEU C 34 14.96 6.19 -10.91
CA LEU C 34 14.50 6.69 -12.19
C LEU C 34 15.68 7.28 -12.95
N PHE C 35 16.61 7.87 -12.19
CA PHE C 35 17.82 8.43 -12.79
C PHE C 35 18.84 7.33 -13.11
N PRO C 36 19.04 6.30 -12.25
CA PRO C 36 19.98 5.21 -12.51
C PRO C 36 19.27 4.01 -13.15
N ASN C 37 19.90 2.85 -13.04
CA ASN C 37 19.32 1.62 -13.57
C ASN C 37 19.73 0.47 -12.67
N GLY C 38 18.97 0.27 -11.58
CA GLY C 38 19.30 -0.77 -10.64
C GLY C 38 20.63 -0.51 -9.95
N GLY C 39 21.50 -1.50 -9.93
CA GLY C 39 22.79 -1.35 -9.31
C GLY C 39 23.74 -2.45 -9.71
N ILE C 40 23.75 -3.52 -8.93
CA ILE C 40 24.61 -4.67 -9.20
C ILE C 40 23.87 -5.96 -8.87
N GLY A 1 -27.21 -10.12 2.94
CA GLY A 1 -27.23 -10.74 4.30
C GLY A 1 -25.86 -10.66 4.94
N LEU A 2 -25.73 -11.26 6.13
CA LEU A 2 -24.47 -11.28 6.86
C LEU A 2 -23.38 -11.99 6.03
N PRO A 3 -23.62 -13.24 5.56
CA PRO A 3 -22.65 -14.01 4.78
C PRO A 3 -21.93 -13.16 3.72
N ASP A 4 -22.70 -12.34 2.99
CA ASP A 4 -22.15 -11.47 1.95
C ASP A 4 -21.17 -10.47 2.55
N VAL A 5 -21.56 -9.88 3.67
CA VAL A 5 -20.72 -8.92 4.37
C VAL A 5 -19.42 -9.58 4.81
N ALA A 6 -19.52 -10.77 5.41
CA ALA A 6 -18.35 -11.51 5.85
C ALA A 6 -17.50 -11.98 4.68
N SER A 7 -18.12 -12.11 3.51
CA SER A 7 -17.40 -12.51 2.31
C SER A 7 -16.44 -11.39 1.90
N LEU A 8 -16.82 -10.17 2.23
CA LEU A 8 -15.99 -9.03 1.94
C LEU A 8 -14.82 -8.97 2.90
N ARG A 9 -14.97 -9.59 4.06
CA ARG A 9 -13.89 -9.64 5.06
C ARG A 9 -12.73 -10.43 4.50
N GLN A 10 -13.07 -11.49 3.77
CA GLN A 10 -12.08 -12.36 3.15
C GLN A 10 -11.33 -11.61 2.06
N GLN A 11 -12.08 -10.86 1.25
CA GLN A 11 -11.48 -10.06 0.18
C GLN A 11 -10.57 -9.00 0.80
N VAL A 12 -10.95 -8.56 1.98
CA VAL A 12 -10.22 -7.55 2.73
C VAL A 12 -8.93 -8.13 3.30
N GLU A 13 -8.92 -9.43 3.57
CA GLU A 13 -7.73 -10.09 4.09
C GLU A 13 -6.66 -10.11 2.99
N ALA A 14 -7.15 -10.15 1.76
CA ALA A 14 -6.31 -10.12 0.58
C ALA A 14 -5.62 -8.77 0.45
N LEU A 15 -6.44 -7.72 0.44
CA LEU A 15 -5.97 -6.36 0.31
C LEU A 15 -5.02 -5.98 1.45
N GLN A 16 -5.31 -6.47 2.64
CA GLN A 16 -4.47 -6.15 3.79
C GLN A 16 -3.17 -6.94 3.73
N GLY A 17 -3.21 -8.10 3.08
CA GLY A 17 -2.02 -8.89 2.92
C GLY A 17 -1.04 -8.20 2.00
N GLN A 18 -1.58 -7.48 1.02
CA GLN A 18 -0.76 -6.76 0.07
C GLN A 18 -0.11 -5.56 0.75
N VAL A 19 -0.88 -4.78 1.46
CA VAL A 19 -0.35 -3.60 2.10
C VAL A 19 0.64 -3.93 3.23
N GLN A 20 0.40 -5.03 3.94
CA GLN A 20 1.32 -5.43 5.01
C GLN A 20 2.68 -5.82 4.46
N HIS A 21 2.70 -6.63 3.38
CA HIS A 21 3.97 -7.04 2.81
C HIS A 21 4.60 -5.88 2.03
N LEU A 22 3.80 -4.87 1.69
CA LEU A 22 4.34 -3.70 1.01
C LEU A 22 5.15 -2.90 2.00
N GLN A 23 4.66 -2.85 3.24
CA GLN A 23 5.35 -2.16 4.31
C GLN A 23 6.60 -2.96 4.67
N ALA A 24 6.49 -4.28 4.49
CA ALA A 24 7.58 -5.20 4.75
C ALA A 24 8.78 -4.80 3.92
N ALA A 25 8.58 -4.80 2.61
CA ALA A 25 9.63 -4.41 1.68
C ALA A 25 10.06 -2.98 1.93
N PHE A 26 9.07 -2.13 2.22
CA PHE A 26 9.28 -0.71 2.48
C PHE A 26 10.26 -0.48 3.63
N SER A 27 10.37 -1.44 4.55
CA SER A 27 11.27 -1.33 5.68
C SER A 27 12.72 -1.16 5.20
N GLN A 28 13.01 -1.69 4.03
CA GLN A 28 14.35 -1.59 3.45
C GLN A 28 14.49 -0.34 2.60
N TYR A 29 13.40 0.03 1.95
CA TYR A 29 13.39 1.22 1.08
C TYR A 29 13.28 2.49 1.91
N LYS A 30 12.83 2.31 3.16
CA LYS A 30 12.64 3.41 4.09
C LYS A 30 13.92 4.22 4.26
N LYS A 31 15.05 3.55 4.45
CA LYS A 31 16.32 4.27 4.62
C LYS A 31 17.01 4.47 3.28
N VAL A 32 16.22 4.72 2.26
CA VAL A 32 16.71 4.94 0.91
C VAL A 32 16.30 6.32 0.38
N GLU A 33 15.65 7.12 1.23
CA GLU A 33 15.22 8.46 0.82
C GLU A 33 16.23 9.53 1.20
N LEU A 34 17.01 9.27 2.25
CA LEU A 34 18.03 10.22 2.70
C LEU A 34 18.98 10.56 1.57
N PHE A 35 19.10 9.61 0.65
CA PHE A 35 19.92 9.71 -0.55
C PHE A 35 19.54 10.96 -1.39
N PRO A 36 20.23 11.20 -2.52
CA PRO A 36 19.96 12.36 -3.38
C PRO A 36 18.60 12.32 -4.06
N ASN A 37 18.28 13.41 -4.75
CA ASN A 37 17.00 13.51 -5.46
C ASN A 37 17.20 13.34 -6.95
N GLY A 38 16.23 12.70 -7.59
CA GLY A 38 16.30 12.50 -9.01
C GLY A 38 15.56 13.57 -9.76
N GLY A 39 14.24 13.59 -9.60
CA GLY A 39 13.42 14.59 -10.25
C GLY A 39 13.21 15.78 -9.33
N ILE A 40 12.33 15.61 -8.36
CA ILE A 40 12.05 16.66 -7.38
C ILE A 40 12.28 16.12 -5.97
N GLY B 1 -28.68 -2.91 4.42
CA GLY B 1 -29.11 -3.86 3.36
C GLY B 1 -27.97 -4.25 2.46
N LEU B 2 -28.27 -5.05 1.43
CA LEU B 2 -27.25 -5.48 0.48
C LEU B 2 -26.62 -4.27 -0.23
N PRO B 3 -27.43 -3.37 -0.84
CA PRO B 3 -26.94 -2.20 -1.56
C PRO B 3 -25.80 -1.48 -0.83
N ASP B 4 -25.97 -1.30 0.49
CA ASP B 4 -24.98 -0.63 1.32
C ASP B 4 -23.68 -1.42 1.34
N VAL B 5 -23.80 -2.73 1.46
CA VAL B 5 -22.66 -3.62 1.47
C VAL B 5 -21.91 -3.52 0.15
N ALA B 6 -22.65 -3.57 -0.95
CA ALA B 6 -22.06 -3.49 -2.28
C ALA B 6 -21.48 -2.09 -2.52
N SER B 7 -21.98 -1.09 -1.80
CA SER B 7 -21.47 0.27 -1.93
C SER B 7 -20.05 0.33 -1.37
N LEU B 8 -19.78 -0.55 -0.42
CA LEU B 8 -18.46 -0.62 0.17
C LEU B 8 -17.50 -1.32 -0.78
N ARG B 9 -18.05 -2.13 -1.68
CA ARG B 9 -17.23 -2.82 -2.68
C ARG B 9 -16.60 -1.80 -3.59
N GLN B 10 -17.38 -0.77 -3.92
CA GLN B 10 -16.92 0.32 -4.80
C GLN B 10 -15.80 1.11 -4.11
N GLN B 11 -16.00 1.41 -2.82
CA GLN B 11 -15.00 2.13 -2.05
C GLN B 11 -13.72 1.29 -1.96
N VAL B 12 -13.91 -0.01 -1.95
CA VAL B 12 -12.84 -0.98 -1.89
C VAL B 12 -12.07 -1.04 -3.22
N GLU B 13 -12.75 -0.75 -4.32
CA GLU B 13 -12.10 -0.73 -5.63
C GLU B 13 -11.12 0.43 -5.67
N ALA B 14 -11.45 1.45 -4.90
CA ALA B 14 -10.62 2.64 -4.78
C ALA B 14 -9.34 2.32 -4.05
N LEU B 15 -9.50 1.77 -2.85
CA LEU B 15 -8.39 1.39 -2.00
C LEU B 15 -7.48 0.38 -2.68
N GLN B 16 -8.07 -0.56 -3.43
CA GLN B 16 -7.28 -1.56 -4.12
C GLN B 16 -6.57 -0.96 -5.33
N GLY B 17 -7.14 0.09 -5.90
CA GLY B 17 -6.50 0.75 -7.02
C GLY B 17 -5.24 1.45 -6.57
N GLN B 18 -5.27 1.94 -5.34
CA GLN B 18 -4.12 2.62 -4.76
C GLN B 18 -2.99 1.65 -4.48
N VAL B 19 -3.31 0.56 -3.81
CA VAL B 19 -2.31 -0.43 -3.46
C VAL B 19 -1.73 -1.14 -4.70
N GLN B 20 -2.55 -1.35 -5.72
CA GLN B 20 -2.06 -1.99 -6.94
C GLN B 20 -1.05 -1.10 -7.67
N HIS B 21 -1.34 0.20 -7.80
CA HIS B 21 -0.42 1.09 -8.49
C HIS B 21 0.78 1.40 -7.59
N LEU B 22 0.64 1.15 -6.28
CA LEU B 22 1.76 1.37 -5.37
C LEU B 22 2.77 0.28 -5.61
N GLN B 23 2.28 -0.93 -5.86
CA GLN B 23 3.15 -2.06 -6.15
C GLN B 23 3.77 -1.84 -7.52
N ALA B 24 3.01 -1.17 -8.38
CA ALA B 24 3.46 -0.83 -9.73
C ALA B 24 4.76 -0.05 -9.66
N ALA B 25 4.69 1.08 -8.96
CA ALA B 25 5.84 1.94 -8.78
C ALA B 25 6.93 1.20 -8.02
N PHE B 26 6.50 0.42 -7.02
CA PHE B 26 7.39 -0.36 -6.17
C PHE B 26 8.25 -1.33 -6.99
N SER B 27 7.77 -1.72 -8.15
CA SER B 27 8.52 -2.64 -9.01
C SER B 27 9.89 -2.05 -9.38
N GLN B 28 9.96 -0.72 -9.44
CA GLN B 28 11.21 -0.04 -9.76
C GLN B 28 12.03 0.24 -8.50
N TYR B 29 11.33 0.49 -7.40
CA TYR B 29 11.98 0.78 -6.13
C TYR B 29 12.47 -0.51 -5.47
N LYS B 30 11.92 -1.62 -5.94
CA LYS B 30 12.25 -2.95 -5.43
C LYS B 30 13.75 -3.23 -5.52
N LYS B 31 14.35 -2.95 -6.67
CA LYS B 31 15.78 -3.19 -6.81
C LYS B 31 16.59 -1.95 -6.42
N VAL B 32 16.11 -1.28 -5.38
CA VAL B 32 16.75 -0.07 -4.88
C VAL B 32 17.16 -0.25 -3.40
N GLU B 33 16.92 -1.43 -2.84
CA GLU B 33 17.28 -1.69 -1.44
C GLU B 33 18.66 -2.30 -1.30
N LEU B 34 19.11 -3.00 -2.34
CA LEU B 34 20.43 -3.64 -2.33
C LEU B 34 21.51 -2.60 -2.03
N PHE B 35 21.19 -1.37 -2.39
CA PHE B 35 22.03 -0.19 -2.18
C PHE B 35 22.42 -0.03 -0.69
N PRO B 36 23.23 1.00 -0.36
CA PRO B 36 23.66 1.23 1.03
C PRO B 36 22.52 1.64 1.96
N ASN B 37 22.85 1.76 3.23
CA ASN B 37 21.88 2.14 4.25
C ASN B 37 22.06 3.58 4.67
N GLY B 38 20.95 4.26 4.93
CA GLY B 38 21.02 5.65 5.36
C GLY B 38 20.98 5.77 6.87
N GLY B 39 19.88 5.35 7.46
CA GLY B 39 19.75 5.39 8.90
C GLY B 39 20.09 4.04 9.50
N ILE B 40 19.18 3.09 9.37
CA ILE B 40 19.40 1.74 9.87
C ILE B 40 19.18 0.75 8.74
N GLY C 1 -26.41 -7.48 9.96
CA GLY C 1 -27.17 -6.21 9.89
C GLY C 1 -26.31 -5.05 9.45
N LEU C 2 -26.88 -3.85 9.42
CA LEU C 2 -26.16 -2.64 9.02
C LEU C 2 -24.95 -2.41 9.93
N PRO C 3 -25.13 -2.37 11.28
CA PRO C 3 -24.05 -2.13 12.23
C PRO C 3 -22.77 -2.90 11.90
N ASP C 4 -22.93 -4.18 11.53
CA ASP C 4 -21.81 -5.05 11.17
C ASP C 4 -21.09 -4.53 9.93
N VAL C 5 -21.89 -4.11 8.95
CA VAL C 5 -21.36 -3.57 7.70
C VAL C 5 -20.56 -2.30 8.00
N ALA C 6 -21.13 -1.43 8.82
CA ALA C 6 -20.48 -0.18 9.19
C ALA C 6 -19.24 -0.44 10.05
N SER C 7 -19.24 -1.57 10.76
CA SER C 7 -18.09 -1.93 11.58
C SER C 7 -16.89 -2.22 10.68
N LEU C 8 -17.19 -2.67 9.46
CA LEU C 8 -16.14 -2.96 8.51
C LEU C 8 -15.58 -1.66 7.94
N ARG C 9 -16.38 -0.60 7.95
CA ARG C 9 -15.93 0.71 7.47
C ARG C 9 -14.83 1.22 8.37
N GLN C 10 -14.96 0.94 9.66
CA GLN C 10 -13.96 1.36 10.64
C GLN C 10 -12.67 0.61 10.37
N GLN C 11 -12.80 -0.68 10.11
CA GLN C 11 -11.64 -1.51 9.80
C GLN C 11 -10.98 -1.02 8.51
N VAL C 12 -11.80 -0.51 7.57
CA VAL C 12 -11.25 -0.02 6.31
C VAL C 12 -10.56 1.32 6.51
N GLU C 13 -10.93 2.05 7.57
CA GLU C 13 -10.28 3.33 7.85
C GLU C 13 -8.85 3.06 8.26
N ALA C 14 -8.66 1.90 8.86
CA ALA C 14 -7.35 1.44 9.31
C ALA C 14 -6.48 1.12 8.10
N LEU C 15 -7.00 0.25 7.24
CA LEU C 15 -6.31 -0.17 6.04
C LEU C 15 -5.99 1.00 5.13
N GLN C 16 -6.91 1.95 5.05
CA GLN C 16 -6.70 3.12 4.19
C GLN C 16 -5.69 4.06 4.83
N GLY C 17 -5.61 4.04 6.15
CA GLY C 17 -4.62 4.87 6.83
C GLY C 17 -3.23 4.39 6.51
N GLN C 18 -3.11 3.09 6.34
CA GLN C 18 -1.84 2.49 6.02
C GLN C 18 -1.42 2.85 4.59
N VAL C 19 -2.33 2.72 3.63
CA VAL C 19 -1.97 3.06 2.25
C VAL C 19 -1.64 4.52 2.10
N GLN C 20 -2.43 5.39 2.72
CA GLN C 20 -2.22 6.82 2.58
C GLN C 20 -0.84 7.23 3.08
N HIS C 21 -0.42 6.72 4.23
CA HIS C 21 0.89 7.08 4.75
C HIS C 21 1.99 6.33 4.00
N LEU C 22 1.62 5.24 3.32
CA LEU C 22 2.59 4.50 2.51
C LEU C 22 2.95 5.34 1.30
N GLN C 23 1.94 6.01 0.76
CA GLN C 23 2.13 6.88 -0.39
C GLN C 23 2.87 8.13 0.07
N ALA C 24 2.65 8.49 1.33
CA ALA C 24 3.30 9.63 1.95
C ALA C 24 4.80 9.45 1.89
N ALA C 25 5.27 8.34 2.45
CA ALA C 25 6.68 8.01 2.46
C ALA C 25 7.17 7.82 1.02
N PHE C 26 6.33 7.18 0.22
CA PHE C 26 6.61 6.91 -1.19
C PHE C 26 6.92 8.17 -1.97
N SER C 27 6.41 9.30 -1.52
CA SER C 27 6.64 10.56 -2.20
C SER C 27 8.15 10.88 -2.26
N GLN C 28 8.89 10.38 -1.28
CA GLN C 28 10.34 10.59 -1.24
C GLN C 28 11.07 9.48 -1.99
N TYR C 29 10.51 8.29 -1.96
CA TYR C 29 11.11 7.14 -2.63
C TYR C 29 10.82 7.18 -4.13
N LYS C 30 9.82 7.96 -4.48
CA LYS C 30 9.37 8.10 -5.86
C LYS C 30 10.52 8.54 -6.77
N LYS C 31 11.28 9.55 -6.36
CA LYS C 31 12.39 10.02 -7.17
C LYS C 31 13.68 9.28 -6.81
N VAL C 32 13.54 7.99 -6.55
CA VAL C 32 14.67 7.13 -6.18
C VAL C 32 14.81 5.94 -7.16
N GLU C 33 13.96 5.89 -8.17
CA GLU C 33 14.01 4.79 -9.15
C GLU C 33 14.89 5.11 -10.35
N LEU C 34 14.96 6.39 -10.66
CA LEU C 34 15.77 6.92 -11.78
C LEU C 34 17.22 6.47 -11.64
N PHE C 35 17.58 6.15 -10.40
CA PHE C 35 18.91 5.67 -10.04
C PHE C 35 19.21 4.35 -10.76
N PRO C 36 20.39 3.73 -10.53
CA PRO C 36 20.77 2.47 -11.18
C PRO C 36 19.92 1.28 -10.74
N ASN C 37 20.17 0.14 -11.34
CA ASN C 37 19.44 -1.08 -11.03
C ASN C 37 20.30 -2.04 -10.22
N GLY C 38 19.67 -2.73 -9.27
CA GLY C 38 20.40 -3.69 -8.46
C GLY C 38 20.30 -5.08 -9.04
N GLY C 39 19.10 -5.63 -9.04
CA GLY C 39 18.89 -6.95 -9.60
C GLY C 39 18.45 -6.87 -11.04
N ILE C 40 17.19 -6.49 -11.24
CA ILE C 40 16.64 -6.33 -12.58
C ILE C 40 16.03 -4.94 -12.72
N GLY A 1 -26.36 -10.31 0.67
CA GLY A 1 -26.84 -10.20 2.07
C GLY A 1 -25.70 -10.32 3.06
N LEU A 2 -26.02 -10.82 4.26
CA LEU A 2 -25.02 -11.01 5.32
C LEU A 2 -23.86 -11.90 4.88
N PRO A 3 -24.14 -13.14 4.38
CA PRO A 3 -23.10 -14.07 3.94
C PRO A 3 -22.01 -13.38 3.09
N ASP A 4 -22.46 -12.51 2.18
CA ASP A 4 -21.55 -11.77 1.29
C ASP A 4 -20.65 -10.84 2.08
N VAL A 5 -21.20 -10.24 3.13
CA VAL A 5 -20.46 -9.32 3.99
C VAL A 5 -19.36 -10.08 4.74
N ALA A 6 -19.68 -11.27 5.21
CA ALA A 6 -18.70 -12.08 5.92
C ALA A 6 -17.65 -12.57 4.95
N SER A 7 -18.07 -12.85 3.73
CA SER A 7 -17.15 -13.27 2.68
C SER A 7 -16.31 -12.07 2.25
N LEU A 8 -16.82 -10.89 2.57
CA LEU A 8 -16.14 -9.66 2.25
C LEU A 8 -14.92 -9.47 3.14
N ARG A 9 -14.99 -10.03 4.35
CA ARG A 9 -13.89 -9.95 5.30
C ARG A 9 -12.65 -10.64 4.73
N GLN A 10 -12.87 -11.55 3.78
CA GLN A 10 -11.78 -12.29 3.15
C GLN A 10 -11.03 -11.38 2.19
N GLN A 11 -11.79 -10.49 1.54
CA GLN A 11 -11.21 -9.53 0.61
C GLN A 11 -10.43 -8.48 1.39
N VAL A 12 -10.84 -8.29 2.64
CA VAL A 12 -10.19 -7.34 3.54
C VAL A 12 -8.88 -7.92 4.01
N GLU A 13 -8.88 -9.22 4.29
CA GLU A 13 -7.68 -9.91 4.73
C GLU A 13 -6.65 -9.84 3.61
N ALA A 14 -7.18 -9.86 2.39
CA ALA A 14 -6.39 -9.76 1.18
C ALA A 14 -5.72 -8.40 1.08
N LEU A 15 -6.55 -7.37 1.15
CA LEU A 15 -6.12 -5.99 1.06
C LEU A 15 -5.04 -5.68 2.08
N GLN A 16 -5.25 -6.11 3.32
CA GLN A 16 -4.29 -5.85 4.38
C GLN A 16 -3.04 -6.71 4.20
N GLY A 17 -3.18 -7.84 3.53
CA GLY A 17 -2.03 -8.70 3.27
C GLY A 17 -1.08 -8.00 2.31
N GLN A 18 -1.66 -7.21 1.43
CA GLN A 18 -0.89 -6.44 0.46
C GLN A 18 -0.16 -5.31 1.16
N VAL A 19 -0.82 -4.67 2.11
CA VAL A 19 -0.21 -3.57 2.84
C VAL A 19 0.94 -4.05 3.71
N GLN A 20 0.72 -5.15 4.41
CA GLN A 20 1.74 -5.68 5.31
C GLN A 20 3.00 -6.07 4.55
N HIS A 21 2.86 -6.71 3.40
CA HIS A 21 4.04 -7.11 2.64
C HIS A 21 4.63 -5.93 1.89
N LEU A 22 3.85 -4.88 1.72
CA LEU A 22 4.36 -3.71 1.04
C LEU A 22 5.25 -2.92 1.99
N GLN A 23 4.89 -2.91 3.27
CA GLN A 23 5.69 -2.25 4.29
C GLN A 23 6.90 -3.14 4.55
N ALA A 24 6.68 -4.44 4.39
CA ALA A 24 7.72 -5.44 4.53
C ALA A 24 8.83 -5.13 3.56
N ALA A 25 8.43 -4.99 2.29
CA ALA A 25 9.35 -4.64 1.24
C ALA A 25 10.01 -3.32 1.55
N PHE A 26 9.19 -2.34 1.95
CA PHE A 26 9.66 -1.00 2.29
C PHE A 26 10.85 -1.03 3.23
N SER A 27 10.92 -2.02 4.12
CA SER A 27 12.03 -2.12 5.08
C SER A 27 13.39 -2.09 4.36
N GLN A 28 13.45 -2.66 3.17
CA GLN A 28 14.67 -2.71 2.38
C GLN A 28 14.83 -1.45 1.54
N TYR A 29 13.77 -0.66 1.44
CA TYR A 29 13.84 0.56 0.67
C TYR A 29 13.94 1.75 1.60
N LYS A 30 13.62 1.50 2.87
CA LYS A 30 13.67 2.52 3.89
C LYS A 30 15.10 3.04 4.10
N LYS A 31 16.09 2.29 3.64
CA LYS A 31 17.47 2.75 3.80
C LYS A 31 18.03 3.33 2.49
N VAL A 32 17.15 3.77 1.60
CA VAL A 32 17.60 4.35 0.33
C VAL A 32 17.14 5.80 0.17
N GLU A 33 16.20 6.20 1.00
CA GLU A 33 15.64 7.56 0.95
C GLU A 33 16.58 8.61 1.52
N LEU A 34 17.40 8.18 2.46
CA LEU A 34 18.29 9.06 3.21
C LEU A 34 19.67 9.20 2.58
N PHE A 35 20.21 8.09 2.10
CA PHE A 35 21.55 8.08 1.49
C PHE A 35 21.72 9.25 0.50
N PRO A 36 20.94 9.28 -0.60
CA PRO A 36 21.01 10.37 -1.58
C PRO A 36 20.21 11.59 -1.11
N ASN A 37 20.32 12.70 -1.83
CA ASN A 37 19.59 13.91 -1.47
C ASN A 37 18.61 14.29 -2.58
N GLY A 38 19.07 15.10 -3.52
CA GLY A 38 18.21 15.53 -4.62
C GLY A 38 17.13 16.47 -4.14
N GLY A 39 17.52 17.62 -3.60
CA GLY A 39 16.56 18.57 -3.09
C GLY A 39 16.20 18.27 -1.66
N ILE A 40 15.08 17.59 -1.46
CA ILE A 40 14.64 17.23 -0.12
C ILE A 40 14.42 15.74 -0.02
N GLY B 1 -27.83 -0.76 4.95
CA GLY B 1 -28.30 -2.12 4.60
C GLY B 1 -27.49 -2.76 3.50
N LEU B 2 -28.11 -3.70 2.78
CA LEU B 2 -27.44 -4.40 1.67
C LEU B 2 -26.88 -3.43 0.63
N PRO B 3 -27.70 -2.52 0.05
CA PRO B 3 -27.26 -1.57 -0.97
C PRO B 3 -25.92 -0.92 -0.61
N ASP B 4 -25.78 -0.53 0.67
CA ASP B 4 -24.57 0.11 1.18
C ASP B 4 -23.38 -0.85 1.08
N VAL B 5 -23.63 -2.11 1.34
CA VAL B 5 -22.60 -3.14 1.29
C VAL B 5 -22.11 -3.31 -0.14
N ALA B 6 -23.03 -3.29 -1.10
CA ALA B 6 -22.65 -3.42 -2.50
C ALA B 6 -21.91 -2.17 -2.95
N SER B 7 -22.33 -1.03 -2.42
CA SER B 7 -21.68 0.23 -2.71
C SER B 7 -20.31 0.24 -2.04
N LEU B 8 -20.17 -0.62 -1.05
CA LEU B 8 -18.93 -0.74 -0.33
C LEU B 8 -17.85 -1.39 -1.17
N ARG B 9 -18.29 -2.26 -2.09
CA ARG B 9 -17.38 -2.96 -2.99
C ARG B 9 -16.62 -1.95 -3.85
N GLN B 10 -17.21 -0.77 -4.02
CA GLN B 10 -16.61 0.28 -4.82
C GLN B 10 -15.43 0.89 -4.08
N GLN B 11 -15.56 1.00 -2.77
CA GLN B 11 -14.50 1.52 -1.91
C GLN B 11 -13.36 0.51 -1.85
N VAL B 12 -13.71 -0.76 -2.05
CA VAL B 12 -12.74 -1.84 -2.06
C VAL B 12 -11.94 -1.80 -3.35
N GLU B 13 -12.64 -1.53 -4.45
CA GLU B 13 -11.99 -1.43 -5.75
C GLU B 13 -10.99 -0.28 -5.70
N ALA B 14 -11.37 0.72 -4.93
CA ALA B 14 -10.55 1.91 -4.70
C ALA B 14 -9.27 1.54 -3.97
N LEU B 15 -9.46 0.90 -2.82
CA LEU B 15 -8.36 0.48 -1.96
C LEU B 15 -7.36 -0.38 -2.70
N GLN B 16 -7.87 -1.34 -3.47
CA GLN B 16 -7.00 -2.23 -4.23
C GLN B 16 -6.36 -1.50 -5.40
N GLY B 17 -7.01 -0.44 -5.88
CA GLY B 17 -6.43 0.33 -6.96
C GLY B 17 -5.20 1.07 -6.48
N GLN B 18 -5.21 1.41 -5.20
CA GLN B 18 -4.09 2.09 -4.58
C GLN B 18 -2.92 1.12 -4.41
N VAL B 19 -3.23 -0.10 -4.01
CA VAL B 19 -2.21 -1.12 -3.81
C VAL B 19 -1.55 -1.50 -5.12
N GLN B 20 -2.36 -1.72 -6.14
CA GLN B 20 -1.84 -2.12 -7.44
C GLN B 20 -0.90 -1.07 -8.02
N HIS B 21 -1.26 0.21 -7.93
CA HIS B 21 -0.39 1.25 -8.48
C HIS B 21 0.78 1.53 -7.56
N LEU B 22 0.67 1.09 -6.32
CA LEU B 22 1.75 1.29 -5.39
C LEU B 22 2.84 0.28 -5.65
N GLN B 23 2.43 -0.93 -6.03
CA GLN B 23 3.38 -1.97 -6.38
C GLN B 23 3.94 -1.62 -7.75
N ALA B 24 3.10 -0.97 -8.55
CA ALA B 24 3.47 -0.50 -9.87
C ALA B 24 4.67 0.41 -9.73
N ALA B 25 4.50 1.43 -8.88
CA ALA B 25 5.55 2.38 -8.60
C ALA B 25 6.76 1.65 -8.07
N PHE B 26 6.53 0.76 -7.11
CA PHE B 26 7.58 -0.05 -6.49
C PHE B 26 8.50 -0.67 -7.52
N SER B 27 7.99 -1.05 -8.69
CA SER B 27 8.81 -1.67 -9.72
C SER B 27 10.05 -0.83 -10.06
N GLN B 28 9.90 0.49 -9.99
CA GLN B 28 10.99 1.43 -10.27
C GLN B 28 11.84 1.68 -9.03
N TYR B 29 11.35 1.26 -7.87
CA TYR B 29 12.09 1.45 -6.65
C TYR B 29 12.71 0.13 -6.23
N LYS B 30 12.21 -0.94 -6.81
CA LYS B 30 12.69 -2.28 -6.52
C LYS B 30 14.16 -2.44 -6.94
N LYS B 31 14.67 -1.54 -7.79
CA LYS B 31 16.06 -1.65 -8.18
C LYS B 31 16.93 -0.63 -7.44
N VAL B 32 16.48 -0.16 -6.28
CA VAL B 32 17.25 0.81 -5.50
C VAL B 32 17.62 0.27 -4.11
N GLU B 33 16.96 -0.80 -3.71
CA GLU B 33 17.18 -1.42 -2.41
C GLU B 33 18.48 -2.22 -2.33
N LEU B 34 18.89 -2.74 -3.48
CA LEU B 34 20.05 -3.61 -3.59
C LEU B 34 21.36 -2.88 -3.89
N PHE B 35 21.29 -1.88 -4.78
CA PHE B 35 22.49 -1.11 -5.17
C PHE B 35 23.30 -0.69 -3.93
N PRO B 36 22.72 0.13 -3.03
CA PRO B 36 23.40 0.58 -1.81
C PRO B 36 23.31 -0.48 -0.72
N ASN B 37 24.02 -0.27 0.39
CA ASN B 37 23.98 -1.22 1.49
C ASN B 37 23.43 -0.56 2.75
N GLY B 38 24.33 0.03 3.54
CA GLY B 38 23.92 0.68 4.77
C GLY B 38 23.43 -0.31 5.80
N GLY B 39 24.30 -1.22 6.20
CA GLY B 39 23.93 -2.23 7.16
C GLY B 39 23.36 -3.45 6.49
N ILE B 40 22.05 -3.54 6.46
CA ILE B 40 21.38 -4.66 5.82
C ILE B 40 20.41 -4.18 4.74
N GLY C 1 -24.56 -8.70 10.98
CA GLY C 1 -25.66 -7.93 10.33
C GLY C 1 -25.20 -6.54 9.91
N LEU C 2 -26.13 -5.60 9.84
CA LEU C 2 -25.84 -4.21 9.44
C LEU C 2 -24.77 -3.59 10.35
N PRO C 3 -24.98 -3.58 11.70
CA PRO C 3 -24.02 -3.00 12.65
C PRO C 3 -22.57 -3.36 12.33
N ASP C 4 -22.36 -4.63 11.98
CA ASP C 4 -21.03 -5.15 11.64
C ASP C 4 -20.50 -4.49 10.38
N VAL C 5 -21.39 -4.23 9.43
CA VAL C 5 -21.02 -3.60 8.18
C VAL C 5 -20.57 -2.17 8.43
N ALA C 6 -21.28 -1.46 9.31
CA ALA C 6 -20.91 -0.10 9.64
C ALA C 6 -19.61 -0.09 10.42
N SER C 7 -19.42 -1.09 11.26
CA SER C 7 -18.20 -1.24 12.01
C SER C 7 -17.07 -1.63 11.06
N LEU C 8 -17.47 -2.15 9.91
CA LEU C 8 -16.52 -2.56 8.91
C LEU C 8 -15.87 -1.35 8.25
N ARG C 9 -16.62 -0.24 8.22
CA ARG C 9 -16.12 0.99 7.63
C ARG C 9 -14.91 1.49 8.41
N GLN C 10 -14.80 1.07 9.67
CA GLN C 10 -13.69 1.47 10.52
C GLN C 10 -12.43 0.74 10.07
N GLN C 11 -12.62 -0.50 9.65
CA GLN C 11 -11.52 -1.31 9.14
C GLN C 11 -11.05 -0.78 7.81
N VAL C 12 -11.96 -0.16 7.05
CA VAL C 12 -11.58 0.39 5.76
C VAL C 12 -10.87 1.73 5.94
N GLU C 13 -11.24 2.45 6.98
CA GLU C 13 -10.58 3.72 7.33
C GLU C 13 -9.14 3.39 7.69
N ALA C 14 -8.98 2.22 8.29
CA ALA C 14 -7.67 1.71 8.69
C ALA C 14 -6.82 1.38 7.47
N LEU C 15 -7.41 0.59 6.58
CA LEU C 15 -6.74 0.16 5.35
C LEU C 15 -6.27 1.34 4.54
N GLN C 16 -7.12 2.34 4.42
CA GLN C 16 -6.78 3.53 3.64
C GLN C 16 -5.79 4.40 4.38
N GLY C 17 -5.77 4.29 5.70
CA GLY C 17 -4.81 5.05 6.49
C GLY C 17 -3.42 4.52 6.24
N GLN C 18 -3.36 3.22 5.95
CA GLN C 18 -2.10 2.57 5.65
C GLN C 18 -1.60 2.97 4.28
N VAL C 19 -2.49 3.01 3.30
CA VAL C 19 -2.07 3.37 1.96
C VAL C 19 -1.72 4.86 1.84
N GLN C 20 -2.42 5.70 2.58
CA GLN C 20 -2.12 7.15 2.56
C GLN C 20 -0.73 7.42 3.14
N HIS C 21 -0.39 6.77 4.25
CA HIS C 21 0.93 7.01 4.84
C HIS C 21 2.01 6.24 4.08
N LEU C 22 1.61 5.25 3.27
CA LEU C 22 2.60 4.52 2.47
C LEU C 22 3.03 5.41 1.32
N GLN C 23 2.08 6.16 0.76
CA GLN C 23 2.38 7.08 -0.32
C GLN C 23 3.15 8.26 0.27
N ALA C 24 2.82 8.56 1.52
CA ALA C 24 3.47 9.63 2.27
C ALA C 24 4.95 9.34 2.32
N ALA C 25 5.27 8.13 2.77
CA ALA C 25 6.63 7.67 2.86
C ALA C 25 7.26 7.67 1.48
N PHE C 26 6.53 7.16 0.49
CA PHE C 26 6.98 7.09 -0.90
C PHE C 26 7.52 8.43 -1.39
N SER C 27 6.97 9.53 -0.89
CA SER C 27 7.43 10.86 -1.31
C SER C 27 8.95 11.01 -1.14
N GLN C 28 9.48 10.40 -0.09
CA GLN C 28 10.92 10.44 0.19
C GLN C 28 11.68 9.37 -0.57
N TYR C 29 10.97 8.42 -1.14
CA TYR C 29 11.61 7.36 -1.91
C TYR C 29 11.44 7.63 -3.38
N LYS C 30 10.50 8.51 -3.69
CA LYS C 30 10.21 8.88 -5.06
C LYS C 30 11.41 9.55 -5.72
N LYS C 31 12.37 10.04 -4.92
CA LYS C 31 13.53 10.66 -5.51
C LYS C 31 14.75 9.71 -5.50
N VAL C 32 14.51 8.42 -5.42
CA VAL C 32 15.61 7.45 -5.41
C VAL C 32 15.54 6.48 -6.60
N GLU C 33 14.40 6.48 -7.27
CA GLU C 33 14.17 5.58 -8.41
C GLU C 33 14.86 6.06 -9.69
N LEU C 34 15.01 7.37 -9.78
CA LEU C 34 15.56 8.02 -10.95
C LEU C 34 17.07 8.20 -10.91
N PHE C 35 17.59 8.58 -9.75
CA PHE C 35 19.04 8.80 -9.59
C PHE C 35 19.86 7.66 -10.21
N PRO C 36 19.75 6.42 -9.70
CA PRO C 36 20.47 5.27 -10.24
C PRO C 36 19.75 4.69 -11.47
N ASN C 37 20.40 3.77 -12.15
CA ASN C 37 19.80 3.15 -13.34
C ASN C 37 19.56 1.66 -13.11
N GLY C 38 20.55 0.84 -13.46
CA GLY C 38 20.44 -0.59 -13.29
C GLY C 38 19.42 -1.18 -14.26
N GLY C 39 19.68 -1.03 -15.55
CA GLY C 39 18.78 -1.54 -16.56
C GLY C 39 17.73 -0.52 -16.92
N ILE C 40 16.56 -0.66 -16.30
CA ILE C 40 15.47 0.27 -16.56
C ILE C 40 14.97 0.86 -15.24
#